data_3DDW
#
_entry.id   3DDW
#
_cell.length_a   124.368
_cell.length_b   124.368
_cell.length_c   123.621
_cell.angle_alpha   90.00
_cell.angle_beta   90.00
_cell.angle_gamma   120.00
#
_symmetry.space_group_name_H-M   'P 31'
#
loop_
_entity.id
_entity.type
_entity.pdbx_description
1 polymer 'Glycogen phosphorylase, liver form'
2 non-polymer N-acetyl-beta-D-glucopyranosylamine
3 non-polymer "PYRIDOXAL-5'-PHOSPHATE"
4 non-polymer CAFFEINE
5 non-polymer '(2S)-{[(3-{[(2-chloro-6-methylphenyl)carbamoyl]amino}naphthalen-2-yl)carbonyl]amino}(phenyl)ethanoic acid'
6 non-polymer (4S)-2-METHYL-2,4-PENTANEDIOL
7 non-polymer '2-(N-MORPHOLINO)-ETHANESULFONIC ACID'
8 water water
#
_entity_poly.entity_id   1
_entity_poly.type   'polypeptide(L)'
_entity_poly.pdbx_seq_one_letter_code
;GGAKPLTDQEKRRQI(SEP)IRGIVGVENVAELKKSFNRHLHFTLVKDRNVATTRDYYFALAHTVRDHLVGRWIRTQQHY
YDKCPKRVYYLSLEFYMGRTLQNTMINLGLQNACDEAIYQLGLDIEELEEIEEDAGLGNGGLGRLAACFLDSMATLGLAA
YGYGIRYEYGIFNQKIRDGWQVEEADDWLRYGNPWEKSRPEFMLPVHFYGKVEHTNTGTKWIDTQVVLALPYDTPVPGYM
NNTVNTMRLWSARAPNDFNLRDFNVGDYIQAVLDRNLAENISRVLYPNDNFFEGKELRLKQEYFVVAATLQDIIRRFKAS
KFGSTRGAGTVFDAFPDQVAIQLNDTHPALAIPELMRIFVDIEKLPWSKAWELTQKTFAYTNHTVLPEALERWPVDLVEK
LLPRHLEIIYEINQKHLDRIVALFPKDVDRLRRMSLIEEEGSKRINMAHLCIVGSHAVNGVAKIHSDIVKTKVFKDFSEL
EPDKFQNKTNGITPRRWLLLCNPGLAELIAEKIGEDYVKDLSQLTKLHSFLGDDVFLRELAKVKQENKLKFSQFLETEYK
VKINPSSMFDVQVKRIHEYKRQLLNCLHVITMYNRIKKDPKKLFVPRTVIIGGKAAPGYHMAKMIIKLITSVADVVNNDP
MVGSKLKVIFLENYRVSLAEKVIPATDLSEQISTAGTEASGTGNMKFMLNGALTIGTMDGANVEMAEEAGEENLFIFGMR
IDDVAALDKKGYEAKEYYEALPELKLVIDQIDNGFFSPKQPDLFKDIINMLFYHDRFKVFADYEAYVKCQDKVSQLYMNP
KAWNTMVLKNIAASGKFSSDRTIKEYAQNIWNVEPSDLKISLSNESNKVNGN
;
_entity_poly.pdbx_strand_id   A,B
#
# COMPACT_ATOMS: atom_id res chain seq x y z
N GLN A 14 26.67 -26.11 9.56
CA GLN A 14 26.20 -24.71 9.72
C GLN A 14 27.27 -23.79 10.33
N ILE A 15 27.08 -22.49 10.13
CA ILE A 15 28.11 -21.50 10.43
C ILE A 15 28.52 -21.53 11.91
N ILE A 17 30.35 -20.49 15.55
CA ILE A 17 30.51 -19.32 16.39
C ILE A 17 31.83 -19.35 17.19
N ARG A 18 32.56 -20.48 17.13
CA ARG A 18 33.84 -20.63 17.86
C ARG A 18 35.03 -20.34 16.97
N GLY A 19 36.13 -19.92 17.59
CA GLY A 19 37.39 -19.71 16.89
C GLY A 19 37.46 -18.34 16.23
N ILE A 20 38.55 -18.12 15.50
CA ILE A 20 38.81 -16.81 14.87
C ILE A 20 37.68 -16.43 13.92
N VAL A 21 37.33 -17.34 13.02
CA VAL A 21 36.37 -17.06 11.97
C VAL A 21 34.93 -16.97 12.51
N GLY A 22 34.60 -17.85 13.44
CA GLY A 22 33.26 -17.88 14.03
C GLY A 22 32.97 -16.64 14.86
N VAL A 23 33.97 -16.17 15.60
CA VAL A 23 33.86 -14.91 16.30
C VAL A 23 33.59 -13.76 15.32
N GLU A 24 34.25 -13.81 14.16
CA GLU A 24 34.08 -12.77 13.15
C GLU A 24 32.70 -12.84 12.48
N ASN A 25 32.21 -14.05 12.24
CA ASN A 25 30.85 -14.28 11.73
C ASN A 25 29.80 -13.59 12.61
N VAL A 26 29.88 -13.86 13.91
CA VAL A 26 28.99 -13.26 14.88
C VAL A 26 29.19 -11.74 14.93
N ALA A 27 30.45 -11.32 14.95
CA ALA A 27 30.76 -9.88 14.93
C ALA A 27 30.15 -9.16 13.72
N GLU A 28 30.24 -9.77 12.53
CA GLU A 28 29.67 -9.19 11.30
C GLU A 28 28.14 -9.07 11.38
N LEU A 29 27.51 -10.12 11.90
CA LEU A 29 26.06 -10.12 12.07
C LEU A 29 25.58 -9.02 13.03
N LYS A 30 26.30 -8.85 14.14
CA LYS A 30 26.00 -7.75 15.07
C LYS A 30 26.17 -6.39 14.41
N LYS A 31 27.23 -6.24 13.62
CA LYS A 31 27.47 -4.97 12.90
C LYS A 31 26.35 -4.70 11.90
N SER A 32 25.94 -5.72 11.15
CA SER A 32 24.87 -5.58 10.15
C SER A 32 23.55 -5.23 10.80
N PHE A 33 23.27 -5.86 11.94
CA PHE A 33 22.09 -5.58 12.74
C PHE A 33 22.04 -4.10 13.13
N ASN A 34 23.12 -3.63 13.76
CA ASN A 34 23.24 -2.24 14.15
C ASN A 34 23.14 -1.27 12.97
N ARG A 35 23.72 -1.64 11.85
CA ARG A 35 23.63 -0.84 10.63
C ARG A 35 22.20 -0.71 10.14
N HIS A 36 21.47 -1.82 10.12
CA HIS A 36 20.06 -1.74 9.74
C HIS A 36 19.21 -0.93 10.73
N LEU A 37 19.44 -1.10 12.03
CA LEU A 37 18.68 -0.32 13.02
C LEU A 37 18.86 1.17 12.72
N HIS A 38 20.09 1.55 12.40
CA HIS A 38 20.45 2.94 12.17
C HIS A 38 19.95 3.44 10.80
N PHE A 39 20.41 2.84 9.71
CA PHE A 39 20.13 3.35 8.36
C PHE A 39 18.78 2.93 7.78
N THR A 40 18.32 1.75 8.16
CA THR A 40 17.08 1.20 7.60
C THR A 40 15.87 1.58 8.44
N LEU A 41 15.94 1.38 9.75
CA LEU A 41 14.86 1.71 10.67
C LEU A 41 14.91 3.16 11.13
N VAL A 42 16.08 3.79 11.02
CA VAL A 42 16.26 5.20 11.42
C VAL A 42 15.86 5.41 12.88
N LYS A 43 16.46 4.61 13.75
CA LYS A 43 16.18 4.65 15.18
C LYS A 43 17.47 4.59 15.98
N ASP A 44 17.56 5.45 16.99
CA ASP A 44 18.55 5.29 18.03
C ASP A 44 18.11 4.15 18.91
N ARG A 45 19.06 3.38 19.42
CA ARG A 45 18.68 2.27 20.26
C ARG A 45 17.89 2.74 21.48
N ASN A 46 18.11 3.97 21.94
CA ASN A 46 17.34 4.53 23.06
C ASN A 46 15.84 4.64 22.81
N VAL A 47 15.41 4.63 21.55
CA VAL A 47 13.97 4.69 21.23
C VAL A 47 13.50 3.49 20.41
N ALA A 48 14.35 2.48 20.23
CA ALA A 48 14.02 1.31 19.43
C ALA A 48 13.03 0.41 20.15
N THR A 49 12.14 -0.23 19.37
CA THR A 49 11.14 -1.15 19.88
C THR A 49 11.56 -2.59 19.58
N THR A 50 10.89 -3.54 20.20
CA THR A 50 11.14 -4.95 19.89
C THR A 50 10.89 -5.20 18.40
N ARG A 51 9.84 -4.59 17.86
CA ARG A 51 9.55 -4.69 16.43
C ARG A 51 10.70 -4.18 15.56
N ASP A 52 11.28 -3.04 15.93
CA ASP A 52 12.46 -2.49 15.22
C ASP A 52 13.57 -3.53 15.19
N TYR A 53 13.81 -4.18 16.34
CA TYR A 53 14.85 -5.21 16.42
C TYR A 53 14.56 -6.41 15.54
N TYR A 54 13.29 -6.84 15.52
CA TYR A 54 12.88 -7.90 14.60
C TYR A 54 13.25 -7.51 13.16
N PHE A 55 12.86 -6.31 12.74
CA PHE A 55 13.13 -5.88 11.37
C PHE A 55 14.61 -5.77 11.05
N ALA A 56 15.39 -5.26 12.00
CA ALA A 56 16.83 -5.13 11.80
C ALA A 56 17.46 -6.53 11.60
N LEU A 57 17.02 -7.51 12.38
CA LEU A 57 17.47 -8.90 12.17
C LEU A 57 16.96 -9.48 10.84
N ALA A 58 15.68 -9.24 10.52
CA ALA A 58 15.12 -9.74 9.26
C ALA A 58 15.91 -9.19 8.08
N HIS A 59 16.18 -7.89 8.08
CA HIS A 59 16.93 -7.27 7.00
C HIS A 59 18.33 -7.88 6.90
N THR A 60 18.97 -8.07 8.05
CA THR A 60 20.29 -8.71 8.13
C THR A 60 20.31 -10.11 7.49
N VAL A 61 19.32 -10.90 7.84
CA VAL A 61 19.22 -12.28 7.35
C VAL A 61 18.95 -12.31 5.83
N ARG A 62 18.04 -11.46 5.36
CA ARG A 62 17.80 -11.40 3.92
C ARG A 62 19.07 -11.03 3.18
N ASP A 63 19.82 -10.06 3.71
CA ASP A 63 21.07 -9.63 3.05
C ASP A 63 21.95 -10.84 2.80
N HIS A 64 21.94 -11.79 3.73
CA HIS A 64 22.80 -12.98 3.65
C HIS A 64 22.46 -14.02 2.60
N LEU A 65 21.29 -13.91 1.97
CA LEU A 65 20.95 -14.81 0.87
C LEU A 65 20.90 -14.12 -0.48
N VAL A 66 21.11 -12.80 -0.52
CA VAL A 66 21.05 -12.08 -1.82
C VAL A 66 22.06 -12.61 -2.84
N GLY A 67 23.28 -12.90 -2.41
CA GLY A 67 24.31 -13.43 -3.28
C GLY A 67 23.88 -14.71 -3.96
N ARG A 68 23.35 -15.63 -3.17
CA ARG A 68 22.88 -16.90 -3.70
C ARG A 68 21.64 -16.74 -4.56
N TRP A 69 20.78 -15.80 -4.20
CA TRP A 69 19.56 -15.54 -4.95
C TRP A 69 19.91 -15.07 -6.35
N ILE A 70 20.83 -14.10 -6.45
CA ILE A 70 21.31 -13.61 -7.74
C ILE A 70 22.00 -14.71 -8.52
N ARG A 71 22.89 -15.46 -7.88
CA ARG A 71 23.66 -16.52 -8.55
C ARG A 71 22.76 -17.68 -9.00
N THR A 72 21.67 -17.92 -8.27
CA THR A 72 20.68 -18.91 -8.69
C THR A 72 20.01 -18.50 -10.00
N GLN A 73 19.57 -17.24 -10.08
CA GLN A 73 18.98 -16.74 -11.30
C GLN A 73 19.96 -16.83 -12.48
N GLN A 74 21.21 -16.44 -12.23
CA GLN A 74 22.24 -16.51 -13.26
C GLN A 74 22.45 -17.94 -13.73
N HIS A 75 22.48 -18.88 -12.77
CA HIS A 75 22.67 -20.29 -13.07
C HIS A 75 21.57 -20.83 -13.97
N TYR A 76 20.31 -20.50 -13.66
CA TYR A 76 19.20 -20.97 -14.47
C TYR A 76 19.24 -20.36 -15.87
N TYR A 77 19.62 -19.08 -15.97
CA TYR A 77 19.82 -18.45 -17.28
C TYR A 77 20.97 -19.10 -18.06
N ASP A 78 22.08 -19.35 -17.38
CA ASP A 78 23.27 -19.91 -18.04
C ASP A 78 23.12 -21.36 -18.49
N LYS A 79 22.55 -22.20 -17.64
CA LYS A 79 22.45 -23.64 -17.93
C LYS A 79 21.11 -24.09 -18.50
N CYS A 80 20.15 -23.16 -18.57
N CYS A 80 20.13 -23.19 -18.54
CA CYS A 80 18.76 -23.43 -18.99
CA CYS A 80 18.78 -23.46 -19.07
C CYS A 80 18.21 -24.83 -18.67
C CYS A 80 18.18 -24.83 -18.68
N PRO A 81 18.15 -25.15 -17.37
CA PRO A 81 17.41 -26.33 -16.94
C PRO A 81 15.91 -26.14 -17.23
N LYS A 82 15.16 -27.22 -17.36
CA LYS A 82 13.72 -27.09 -17.52
C LYS A 82 13.18 -26.50 -16.21
N ARG A 83 12.29 -25.52 -16.34
CA ARG A 83 11.73 -24.82 -15.18
C ARG A 83 10.38 -25.35 -14.73
N VAL A 84 10.15 -25.36 -13.42
CA VAL A 84 8.89 -25.81 -12.88
C VAL A 84 8.21 -24.62 -12.26
N TYR A 85 6.98 -24.37 -12.69
CA TYR A 85 6.19 -23.29 -12.18
C TYR A 85 4.97 -23.84 -11.43
N TYR A 86 4.95 -23.60 -10.13
CA TYR A 86 3.87 -24.08 -9.28
C TYR A 86 2.83 -22.98 -9.13
N LEU A 87 1.71 -23.16 -9.81
CA LEU A 87 0.68 -22.13 -9.92
C LEU A 87 -0.43 -22.41 -8.93
N SER A 88 -0.60 -21.50 -7.99
CA SER A 88 -1.51 -21.71 -6.86
C SER A 88 -2.16 -20.41 -6.42
N LEU A 89 -3.42 -20.49 -6.02
CA LEU A 89 -4.12 -19.34 -5.43
C LEU A 89 -3.72 -19.12 -3.98
N GLU A 90 -2.99 -20.09 -3.41
CA GLU A 90 -2.63 -20.07 -2.00
C GLU A 90 -1.20 -20.55 -1.73
N PHE A 91 -0.49 -19.79 -0.89
CA PHE A 91 0.80 -20.19 -0.33
C PHE A 91 0.76 -19.88 1.16
N TYR A 92 0.63 -20.93 1.97
CA TYR A 92 0.39 -20.80 3.41
C TYR A 92 1.76 -20.86 4.07
N MET A 93 2.50 -19.76 4.01
CA MET A 93 3.95 -19.76 4.29
C MET A 93 4.33 -19.65 5.76
N GLY A 94 3.43 -19.11 6.59
CA GLY A 94 3.73 -18.90 8.01
C GLY A 94 4.82 -17.83 8.15
N ARG A 95 5.60 -17.90 9.23
CA ARG A 95 6.72 -16.98 9.47
C ARG A 95 8.00 -17.43 8.73
N THR A 96 8.83 -16.46 8.33
CA THR A 96 9.99 -16.71 7.47
C THR A 96 11.36 -16.61 8.18
N LEU A 97 11.45 -15.84 9.27
CA LEU A 97 12.78 -15.54 9.86
C LEU A 97 13.56 -16.80 10.28
N GLN A 98 12.97 -17.62 11.14
CA GLN A 98 13.69 -18.76 11.67
C GLN A 98 13.95 -19.80 10.58
N ASN A 99 12.96 -20.02 9.72
CA ASN A 99 13.11 -20.94 8.58
C ASN A 99 14.30 -20.57 7.71
N THR A 100 14.41 -19.28 7.40
CA THR A 100 15.51 -18.76 6.59
C THR A 100 16.85 -18.91 7.31
N MET A 101 16.91 -18.53 8.57
CA MET A 101 18.15 -18.70 9.35
C MET A 101 18.60 -20.16 9.33
N ILE A 102 17.66 -21.06 9.60
CA ILE A 102 17.99 -22.49 9.64
C ILE A 102 18.51 -22.98 8.28
N ASN A 103 17.79 -22.66 7.21
CA ASN A 103 18.15 -23.16 5.89
C ASN A 103 19.49 -22.61 5.39
N LEU A 104 19.81 -21.38 5.77
CA LEU A 104 21.10 -20.76 5.46
C LEU A 104 22.24 -21.18 6.40
N GLY A 105 21.95 -21.96 7.43
CA GLY A 105 22.98 -22.36 8.39
C GLY A 105 23.42 -21.23 9.32
N LEU A 106 22.52 -20.27 9.51
CA LEU A 106 22.84 -19.05 10.24
C LEU A 106 22.18 -18.95 11.63
N GLN A 107 21.41 -19.94 12.03
CA GLN A 107 20.64 -19.82 13.28
C GLN A 107 21.52 -19.68 14.50
N ASN A 108 22.52 -20.56 14.63
CA ASN A 108 23.44 -20.47 15.78
C ASN A 108 24.12 -19.10 15.87
N ALA A 109 24.64 -18.62 14.74
CA ALA A 109 25.35 -17.34 14.68
C ALA A 109 24.43 -16.16 14.99
N CYS A 110 23.24 -16.17 14.40
CA CYS A 110 22.26 -15.11 14.68
C CYS A 110 21.80 -15.18 16.14
N ASP A 111 21.52 -16.37 16.65
CA ASP A 111 21.19 -16.53 18.06
C ASP A 111 22.27 -15.86 18.92
N GLU A 112 23.54 -16.16 18.65
CA GLU A 112 24.64 -15.63 19.45
C GLU A 112 24.75 -14.11 19.33
N ALA A 113 24.61 -13.60 18.11
CA ALA A 113 24.66 -12.16 17.87
C ALA A 113 23.59 -11.43 18.68
N ILE A 114 22.36 -11.93 18.62
CA ILE A 114 21.22 -11.32 19.30
C ILE A 114 21.40 -11.38 20.85
N TYR A 115 21.87 -12.53 21.32
CA TYR A 115 22.17 -12.69 22.75
C TYR A 115 23.23 -11.68 23.22
N GLN A 116 24.29 -11.54 22.46
CA GLN A 116 25.38 -10.60 22.80
C GLN A 116 24.90 -9.15 22.79
N LEU A 117 23.89 -8.87 21.96
CA LEU A 117 23.24 -7.55 21.93
C LEU A 117 22.28 -7.32 23.11
N GLY A 118 22.08 -8.33 23.96
CA GLY A 118 21.22 -8.20 25.12
C GLY A 118 19.75 -8.33 24.83
N LEU A 119 19.43 -9.03 23.73
CA LEU A 119 18.05 -9.18 23.30
C LEU A 119 17.65 -10.65 23.35
N ASP A 120 16.35 -10.89 23.31
CA ASP A 120 15.75 -12.21 23.42
C ASP A 120 15.26 -12.62 22.04
N ILE A 121 15.95 -13.57 21.39
CA ILE A 121 15.60 -13.90 20.00
C ILE A 121 14.22 -14.54 19.87
N GLU A 122 13.72 -15.22 20.90
CA GLU A 122 12.33 -15.73 20.89
C GLU A 122 11.34 -14.60 20.79
N GLU A 123 11.56 -13.55 21.56
CA GLU A 123 10.71 -12.36 21.53
C GLU A 123 10.73 -11.69 20.16
N LEU A 124 11.91 -11.58 19.56
CA LEU A 124 12.00 -11.01 18.20
C LEU A 124 11.24 -11.91 17.22
N GLU A 125 11.45 -13.22 17.31
CA GLU A 125 10.81 -14.15 16.39
C GLU A 125 9.30 -14.06 16.49
N GLU A 126 8.79 -13.83 17.70
CA GLU A 126 7.35 -13.79 17.93
C GLU A 126 6.67 -12.54 17.38
N ILE A 127 7.44 -11.50 17.06
CA ILE A 127 6.93 -10.26 16.43
C ILE A 127 6.38 -10.49 15.00
N GLU A 128 6.92 -11.46 14.29
CA GLU A 128 6.64 -11.61 12.87
C GLU A 128 5.22 -12.09 12.62
N GLU A 129 4.53 -11.44 11.67
CA GLU A 129 3.21 -11.91 11.22
C GLU A 129 3.39 -13.15 10.34
N ASP A 130 2.49 -14.13 10.48
CA ASP A 130 2.37 -15.20 9.47
C ASP A 130 2.02 -14.61 8.10
N ALA A 131 2.63 -15.15 7.05
CA ALA A 131 2.10 -14.96 5.72
C ALA A 131 1.05 -16.03 5.56
N GLY A 132 -0.18 -15.67 5.94
CA GLY A 132 -1.32 -16.60 5.99
C GLY A 132 -2.11 -16.56 4.71
N LEU A 133 -1.43 -16.77 3.59
CA LEU A 133 -2.06 -16.65 2.29
C LEU A 133 -2.63 -17.99 1.83
N GLY A 134 -3.18 -18.75 2.76
CA GLY A 134 -3.88 -19.98 2.44
C GLY A 134 -4.90 -20.34 3.51
N ASN A 135 -5.72 -21.34 3.20
CA ASN A 135 -6.83 -21.77 4.06
C ASN A 135 -6.46 -22.95 4.95
N GLY A 136 -5.65 -23.85 4.41
CA GLY A 136 -5.30 -25.06 5.13
C GLY A 136 -4.31 -25.90 4.39
N GLY A 137 -4.64 -27.18 4.18
CA GLY A 137 -3.72 -28.16 3.62
C GLY A 137 -3.20 -27.86 2.23
N LEU A 138 -4.09 -27.43 1.34
CA LEU A 138 -3.74 -27.13 -0.05
C LEU A 138 -2.67 -26.04 -0.11
N GLY A 139 -2.92 -24.94 0.58
CA GLY A 139 -1.97 -23.84 0.65
C GLY A 139 -0.67 -24.21 1.37
N ARG A 140 -0.77 -25.06 2.39
CA ARG A 140 0.42 -25.43 3.14
C ARG A 140 1.26 -26.43 2.34
N LEU A 141 0.61 -27.26 1.53
CA LEU A 141 1.34 -28.17 0.66
C LEU A 141 2.22 -27.38 -0.32
N ALA A 142 1.66 -26.31 -0.90
CA ALA A 142 2.42 -25.42 -1.78
C ALA A 142 3.66 -24.88 -1.09
N ALA A 143 3.53 -24.50 0.19
CA ALA A 143 4.63 -23.96 0.98
C ALA A 143 5.70 -25.01 1.25
N CYS A 144 5.27 -26.19 1.67
CA CYS A 144 6.21 -27.29 1.88
C CYS A 144 6.94 -27.61 0.56
N PHE A 145 6.20 -27.67 -0.54
CA PHE A 145 6.79 -27.95 -1.85
C PHE A 145 7.85 -26.93 -2.25
N LEU A 146 7.59 -25.64 -2.01
CA LEU A 146 8.60 -24.62 -2.33
C LEU A 146 9.89 -24.91 -1.58
N ASP A 147 9.78 -25.25 -0.30
CA ASP A 147 10.96 -25.57 0.50
C ASP A 147 11.73 -26.79 -0.05
N SER A 148 11.00 -27.85 -0.36
CA SER A 148 11.58 -29.07 -0.92
C SER A 148 12.19 -28.87 -2.31
N MET A 149 11.50 -28.13 -3.18
CA MET A 149 12.01 -27.89 -4.53
C MET A 149 13.32 -27.10 -4.47
N ALA A 150 13.39 -26.14 -3.54
CA ALA A 150 14.65 -25.38 -3.36
C ALA A 150 15.76 -26.27 -2.80
N THR A 151 15.41 -27.12 -1.83
CA THR A 151 16.36 -28.03 -1.19
C THR A 151 16.90 -29.06 -2.17
N LEU A 152 16.09 -29.45 -3.14
CA LEU A 152 16.51 -30.40 -4.18
C LEU A 152 17.13 -29.74 -5.42
N GLY A 153 17.26 -28.41 -5.39
CA GLY A 153 17.89 -27.66 -6.47
C GLY A 153 17.16 -27.61 -7.80
N LEU A 154 15.83 -27.71 -7.76
CA LEU A 154 15.03 -27.60 -8.96
C LEU A 154 14.83 -26.13 -9.32
N ALA A 155 14.79 -25.84 -10.62
CA ALA A 155 14.55 -24.49 -11.13
C ALA A 155 13.06 -24.15 -11.04
N ALA A 156 12.58 -23.95 -9.81
CA ALA A 156 11.15 -23.92 -9.52
C ALA A 156 10.75 -22.56 -8.95
N TYR A 157 9.69 -21.98 -9.49
CA TYR A 157 9.08 -20.76 -8.92
C TYR A 157 7.65 -21.04 -8.50
N GLY A 158 7.25 -20.47 -7.38
CA GLY A 158 5.86 -20.38 -7.03
C GLY A 158 5.26 -19.11 -7.57
N TYR A 159 4.04 -19.22 -8.11
CA TYR A 159 3.31 -18.06 -8.62
C TYR A 159 1.95 -18.01 -7.96
N GLY A 160 1.63 -16.87 -7.36
CA GLY A 160 0.37 -16.67 -6.67
C GLY A 160 -0.05 -15.22 -6.58
N ILE A 161 -0.95 -14.92 -5.64
CA ILE A 161 -1.48 -13.58 -5.46
C ILE A 161 -0.98 -13.04 -4.10
N ARG A 162 -0.51 -11.79 -4.11
CA ARG A 162 -0.12 -11.09 -2.89
C ARG A 162 -1.37 -10.47 -2.27
N TYR A 163 -2.12 -11.26 -1.54
CA TYR A 163 -3.32 -10.77 -0.89
C TYR A 163 -2.92 -9.74 0.15
N GLU A 164 -3.61 -8.59 0.20
CA GLU A 164 -3.41 -7.62 1.30
C GLU A 164 -3.84 -8.19 2.66
N TYR A 165 -4.86 -9.05 2.62
CA TYR A 165 -5.39 -9.72 3.81
C TYR A 165 -5.43 -11.21 3.55
N GLY A 166 -4.73 -11.97 4.38
CA GLY A 166 -4.81 -13.42 4.29
C GLY A 166 -6.02 -13.94 5.04
N ILE A 167 -5.91 -15.19 5.47
CA ILE A 167 -6.98 -15.82 6.23
C ILE A 167 -7.21 -14.99 7.51
N PHE A 168 -8.48 -14.68 7.78
CA PHE A 168 -8.88 -13.83 8.89
C PHE A 168 -8.27 -14.31 10.21
N ASN A 169 -8.01 -13.37 11.11
CA ASN A 169 -7.69 -13.71 12.48
C ASN A 169 -8.99 -14.08 13.21
N GLN A 170 -8.98 -15.25 13.85
CA GLN A 170 -10.14 -15.74 14.59
C GLN A 170 -10.04 -15.37 16.06
N LYS A 171 -11.11 -14.79 16.59
CA LYS A 171 -11.28 -14.65 18.03
C LYS A 171 -12.56 -15.37 18.44
N ILE A 172 -12.69 -15.67 19.72
CA ILE A 172 -13.92 -16.29 20.24
C ILE A 172 -14.59 -15.28 21.15
N ARG A 173 -15.84 -14.93 20.85
CA ARG A 173 -16.61 -14.01 21.68
C ARG A 173 -17.95 -14.62 22.04
N ASP A 174 -18.23 -14.64 23.35
CA ASP A 174 -19.37 -15.37 23.90
C ASP A 174 -19.47 -16.78 23.31
N GLY A 175 -18.32 -17.43 23.14
CA GLY A 175 -18.25 -18.79 22.63
C GLY A 175 -18.35 -18.98 21.12
N TRP A 176 -18.55 -17.89 20.37
CA TRP A 176 -18.67 -17.94 18.91
C TRP A 176 -17.41 -17.40 18.22
N GLN A 177 -17.11 -17.96 17.04
CA GLN A 177 -16.12 -17.38 16.18
C GLN A 177 -16.55 -15.98 15.73
N VAL A 178 -15.62 -15.06 15.86
CA VAL A 178 -15.70 -13.78 15.18
C VAL A 178 -14.42 -13.65 14.31
N GLU A 179 -14.54 -12.92 13.21
CA GLU A 179 -13.43 -12.71 12.26
C GLU A 179 -12.89 -11.29 12.35
N GLU A 180 -11.57 -11.14 12.38
CA GLU A 180 -10.93 -9.82 12.19
C GLU A 180 -10.04 -9.88 10.96
N ALA A 181 -9.96 -8.77 10.24
CA ALA A 181 -9.05 -8.67 9.09
C ALA A 181 -7.60 -8.98 9.46
N ASP A 182 -6.96 -9.81 8.66
CA ASP A 182 -5.58 -10.21 8.82
C ASP A 182 -4.70 -9.20 8.07
N ASP A 183 -4.43 -8.09 8.74
CA ASP A 183 -3.70 -6.98 8.16
C ASP A 183 -2.20 -7.27 8.27
N TRP A 184 -1.73 -8.33 7.59
CA TRP A 184 -0.36 -8.81 7.79
C TRP A 184 0.73 -7.88 7.29
N LEU A 185 0.39 -6.91 6.45
CA LEU A 185 1.38 -5.99 5.88
C LEU A 185 1.43 -4.64 6.59
N ARG A 186 0.71 -4.52 7.70
CA ARG A 186 0.61 -3.26 8.45
C ARG A 186 1.97 -2.64 8.70
N TYR A 187 2.92 -3.44 9.19
CA TYR A 187 4.27 -2.96 9.51
C TYR A 187 5.28 -3.23 8.38
N GLY A 188 4.81 -3.66 7.21
CA GLY A 188 5.70 -3.99 6.10
C GLY A 188 6.15 -5.45 6.12
N ASN A 189 6.78 -5.86 5.04
CA ASN A 189 7.24 -7.25 4.87
C ASN A 189 8.70 -7.17 4.41
N PRO A 190 9.64 -7.55 5.28
CA PRO A 190 11.06 -7.41 4.97
C PRO A 190 11.56 -8.48 4.01
N TRP A 191 10.72 -9.46 3.72
CA TRP A 191 11.15 -10.59 2.92
C TRP A 191 11.00 -10.31 1.42
N GLU A 192 9.98 -9.54 1.04
CA GLU A 192 9.60 -9.36 -0.35
C GLU A 192 10.38 -8.24 -1.00
N LYS A 193 10.46 -8.29 -2.33
CA LYS A 193 11.00 -7.21 -3.13
C LYS A 193 10.09 -6.97 -4.33
N SER A 194 9.45 -5.80 -4.37
CA SER A 194 8.66 -5.38 -5.52
C SER A 194 9.55 -5.32 -6.76
N ARG A 195 8.99 -5.71 -7.90
CA ARG A 195 9.72 -5.64 -9.17
C ARG A 195 8.85 -4.90 -10.21
N PRO A 196 8.82 -3.56 -10.13
CA PRO A 196 8.02 -2.64 -10.94
C PRO A 196 8.11 -2.88 -12.43
N GLU A 197 9.34 -3.14 -12.89
CA GLU A 197 9.64 -3.26 -14.30
C GLU A 197 9.00 -4.50 -14.95
N PHE A 198 8.54 -5.44 -14.13
CA PHE A 198 7.92 -6.67 -14.64
C PHE A 198 6.40 -6.66 -14.55
N MET A 199 5.83 -5.47 -14.32
CA MET A 199 4.40 -5.27 -14.30
C MET A 199 3.80 -5.67 -15.65
N LEU A 200 2.64 -6.32 -15.60
CA LEU A 200 1.97 -6.80 -16.81
C LEU A 200 0.47 -6.45 -16.77
N PRO A 201 -0.14 -6.20 -17.94
CA PRO A 201 -1.57 -5.94 -18.02
C PRO A 201 -2.39 -7.22 -18.04
N VAL A 202 -3.52 -7.17 -17.37
CA VAL A 202 -4.52 -8.23 -17.41
C VAL A 202 -5.84 -7.63 -17.87
N HIS A 203 -6.51 -8.33 -18.78
CA HIS A 203 -7.73 -7.82 -19.42
C HIS A 203 -8.98 -8.51 -18.90
N PHE A 204 -10.05 -7.72 -18.76
CA PHE A 204 -11.35 -8.21 -18.33
C PHE A 204 -12.50 -7.63 -19.15
N TYR A 205 -13.60 -8.36 -19.16
CA TYR A 205 -14.85 -7.95 -19.81
C TYR A 205 -14.67 -7.81 -21.32
N GLY A 206 -15.13 -6.70 -21.91
CA GLY A 206 -15.04 -6.52 -23.36
C GLY A 206 -15.86 -7.53 -24.14
N LYS A 207 -15.47 -7.75 -25.38
CA LYS A 207 -16.20 -8.65 -26.27
C LYS A 207 -15.30 -9.19 -27.37
N VAL A 208 -15.78 -10.23 -28.04
CA VAL A 208 -15.02 -10.87 -29.09
C VAL A 208 -15.51 -10.37 -30.46
N GLU A 209 -14.56 -10.02 -31.31
CA GLU A 209 -14.81 -9.60 -32.67
C GLU A 209 -14.20 -10.65 -33.58
N HIS A 210 -14.97 -11.14 -34.55
CA HIS A 210 -14.44 -12.09 -35.53
C HIS A 210 -14.26 -11.37 -36.87
N THR A 211 -13.00 -11.10 -37.23
CA THR A 211 -12.66 -10.22 -38.35
C THR A 211 -11.83 -10.94 -39.41
N ASN A 212 -11.56 -10.22 -40.53
CA ASN A 212 -10.68 -10.71 -41.60
C ASN A 212 -9.29 -11.08 -41.11
N THR A 213 -8.81 -10.38 -40.08
CA THR A 213 -7.52 -10.68 -39.49
C THR A 213 -7.64 -11.75 -38.41
N GLY A 214 -8.86 -12.14 -38.06
CA GLY A 214 -9.10 -13.22 -37.09
C GLY A 214 -9.87 -12.75 -35.86
N THR A 215 -9.73 -13.51 -34.78
CA THR A 215 -10.50 -13.25 -33.56
C THR A 215 -9.77 -12.28 -32.66
N LYS A 216 -10.45 -11.19 -32.30
CA LYS A 216 -9.88 -10.19 -31.40
C LYS A 216 -10.76 -10.02 -30.19
N TRP A 217 -10.13 -9.88 -29.03
CA TRP A 217 -10.83 -9.59 -27.77
C TRP A 217 -10.67 -8.09 -27.55
N ILE A 218 -11.79 -7.36 -27.65
CA ILE A 218 -11.78 -5.91 -27.69
C ILE A 218 -12.60 -5.28 -26.58
N ASP A 219 -12.39 -3.98 -26.41
CA ASP A 219 -13.14 -3.13 -25.49
C ASP A 219 -12.99 -3.60 -24.04
N THR A 220 -11.83 -4.15 -23.70
CA THR A 220 -11.62 -4.73 -22.38
C THR A 220 -11.24 -3.67 -21.36
N GLN A 221 -11.40 -4.00 -20.09
CA GLN A 221 -10.86 -3.19 -18.99
C GLN A 221 -9.52 -3.81 -18.59
N VAL A 222 -8.56 -2.95 -18.25
CA VAL A 222 -7.23 -3.43 -17.89
C VAL A 222 -6.97 -3.22 -16.40
N VAL A 223 -6.34 -4.23 -15.80
CA VAL A 223 -5.83 -4.17 -14.45
C VAL A 223 -4.35 -4.55 -14.57
N LEU A 224 -3.49 -3.81 -13.87
CA LEU A 224 -2.08 -4.13 -13.88
C LEU A 224 -1.74 -5.14 -12.76
N ALA A 225 -0.79 -6.01 -13.06
CA ALA A 225 -0.28 -6.99 -12.12
C ALA A 225 1.18 -6.64 -11.81
N LEU A 226 1.44 -6.27 -10.55
CA LEU A 226 2.77 -5.89 -10.08
C LEU A 226 3.33 -7.04 -9.25
N PRO A 227 4.44 -7.63 -9.67
CA PRO A 227 5.01 -8.77 -8.94
C PRO A 227 5.89 -8.39 -7.73
N TYR A 228 5.78 -9.18 -6.67
CA TYR A 228 6.64 -9.10 -5.50
C TYR A 228 7.30 -10.45 -5.31
N ASP A 229 8.63 -10.43 -5.16
CA ASP A 229 9.43 -11.64 -5.02
C ASP A 229 9.90 -11.90 -3.61
N THR A 230 9.67 -13.13 -3.14
CA THR A 230 10.12 -13.59 -1.83
C THR A 230 11.11 -14.70 -2.08
N PRO A 231 12.26 -14.67 -1.40
CA PRO A 231 13.27 -15.70 -1.56
C PRO A 231 12.84 -17.00 -0.91
N VAL A 232 13.17 -18.12 -1.57
CA VAL A 232 12.89 -19.46 -1.07
C VAL A 232 14.22 -20.23 -0.94
N PRO A 233 14.84 -20.19 0.25
CA PRO A 233 16.16 -20.79 0.40
C PRO A 233 16.13 -22.31 0.53
N GLY A 234 16.97 -23.01 -0.22
CA GLY A 234 17.14 -24.45 0.00
C GLY A 234 17.81 -24.71 1.33
N TYR A 235 17.59 -25.90 1.90
CA TYR A 235 18.22 -26.26 3.16
C TYR A 235 19.68 -26.61 2.88
N MET A 236 20.59 -25.78 3.39
CA MET A 236 22.02 -26.07 3.36
C MET A 236 22.50 -26.41 1.94
N ASN A 237 22.14 -25.56 0.98
CA ASN A 237 22.71 -25.66 -0.34
C ASN A 237 22.89 -24.27 -0.89
N ASN A 238 23.18 -24.15 -2.18
CA ASN A 238 23.42 -22.83 -2.73
C ASN A 238 22.21 -22.28 -3.50
N THR A 239 21.05 -22.91 -3.35
CA THR A 239 19.86 -22.52 -4.11
C THR A 239 18.99 -21.56 -3.33
N VAL A 240 18.60 -20.46 -3.97
CA VAL A 240 17.53 -19.60 -3.45
C VAL A 240 16.59 -19.35 -4.63
N ASN A 241 15.44 -20.02 -4.56
CA ASN A 241 14.38 -19.93 -5.57
C ASN A 241 13.48 -18.76 -5.21
N THR A 242 12.40 -18.58 -5.96
CA THR A 242 11.57 -17.40 -5.86
C THR A 242 10.09 -17.79 -5.75
N MET A 243 9.39 -17.08 -4.89
CA MET A 243 7.93 -17.06 -4.89
C MET A 243 7.53 -15.68 -5.38
N ARG A 244 6.88 -15.63 -6.54
CA ARG A 244 6.39 -14.38 -7.15
C ARG A 244 4.90 -14.24 -6.97
N LEU A 245 4.54 -13.20 -6.21
CA LEU A 245 3.15 -12.94 -5.89
C LEU A 245 2.69 -11.63 -6.52
N TRP A 246 1.55 -11.70 -7.20
CA TRP A 246 1.04 -10.56 -7.97
C TRP A 246 0.05 -9.73 -7.18
N SER A 247 0.19 -8.41 -7.31
CA SER A 247 -0.67 -7.44 -6.66
C SER A 247 -1.34 -6.59 -7.75
N ALA A 248 -2.65 -6.33 -7.59
CA ALA A 248 -3.48 -5.69 -8.59
C ALA A 248 -3.41 -4.18 -8.44
N ARG A 249 -3.18 -3.48 -9.55
CA ARG A 249 -3.18 -2.01 -9.58
C ARG A 249 -4.05 -1.46 -10.73
N ALA A 250 -4.64 -0.29 -10.51
CA ALA A 250 -5.42 0.37 -11.56
C ALA A 250 -4.46 0.93 -12.62
N PRO A 251 -4.85 0.90 -13.89
CA PRO A 251 -3.96 1.43 -14.90
C PRO A 251 -3.88 2.96 -14.89
N ASN A 252 -2.85 3.46 -15.56
CA ASN A 252 -2.47 4.87 -15.53
C ASN A 252 -3.43 5.76 -16.31
N ASP A 253 -3.98 5.20 -17.39
CA ASP A 253 -4.88 5.89 -18.35
C ASP A 253 -4.06 6.78 -19.27
N GLY A 262 -17.37 12.91 -15.42
CA GLY A 262 -16.97 12.20 -14.21
C GLY A 262 -16.52 13.15 -13.12
N ASP A 263 -16.90 12.86 -11.87
CA ASP A 263 -16.30 13.50 -10.74
C ASP A 263 -14.87 12.97 -10.69
N TYR A 264 -13.92 13.88 -10.77
CA TYR A 264 -12.50 13.51 -10.72
C TYR A 264 -12.21 12.72 -9.43
N ILE A 265 -12.68 13.22 -8.30
CA ILE A 265 -12.38 12.58 -7.02
C ILE A 265 -12.90 11.13 -7.00
N GLN A 266 -14.12 10.94 -7.47
CA GLN A 266 -14.71 9.60 -7.47
C GLN A 266 -13.98 8.68 -8.42
N ALA A 267 -13.52 9.21 -9.55
CA ALA A 267 -12.73 8.41 -10.49
C ALA A 267 -11.44 7.90 -9.83
N VAL A 268 -10.82 8.74 -9.02
CA VAL A 268 -9.59 8.32 -8.34
C VAL A 268 -9.93 7.28 -7.27
N LEU A 269 -10.99 7.52 -6.50
CA LEU A 269 -11.40 6.54 -5.48
C LEU A 269 -11.79 5.20 -6.10
N ASP A 270 -12.41 5.24 -7.27
CA ASP A 270 -12.84 4.01 -7.95
C ASP A 270 -11.68 3.13 -8.46
N ARG A 271 -10.45 3.63 -8.40
CA ARG A 271 -9.28 2.75 -8.61
C ARG A 271 -9.22 1.60 -7.61
N ASN A 272 -9.89 1.76 -6.47
CA ASN A 272 -10.00 0.69 -5.46
C ASN A 272 -10.62 -0.58 -6.05
N LEU A 273 -11.49 -0.42 -7.04
CA LEU A 273 -12.19 -1.56 -7.64
C LEU A 273 -11.25 -2.54 -8.34
N ALA A 274 -10.27 -2.03 -9.07
CA ALA A 274 -9.23 -2.87 -9.69
C ALA A 274 -8.34 -3.50 -8.64
N GLU A 275 -7.97 -2.69 -7.66
CA GLU A 275 -7.08 -3.12 -6.60
C GLU A 275 -7.76 -4.16 -5.66
N ASN A 276 -9.10 -4.18 -5.64
CA ASN A 276 -9.85 -5.20 -4.89
C ASN A 276 -9.57 -6.64 -5.33
N ILE A 277 -9.06 -6.84 -6.55
CA ILE A 277 -8.81 -8.20 -7.04
C ILE A 277 -7.81 -8.94 -6.14
N SER A 278 -6.80 -8.24 -5.64
CA SER A 278 -5.81 -8.87 -4.74
C SER A 278 -5.98 -8.49 -3.27
N ARG A 279 -7.16 -8.04 -2.90
CA ARG A 279 -7.37 -7.49 -1.57
C ARG A 279 -7.42 -8.58 -0.52
N VAL A 280 -8.16 -9.66 -0.79
CA VAL A 280 -8.40 -10.64 0.27
C VAL A 280 -8.54 -12.06 -0.24
N LEU A 281 -7.91 -12.96 0.50
CA LEU A 281 -8.05 -14.40 0.26
C LEU A 281 -9.47 -14.86 0.55
N TYR A 282 -10.06 -15.60 -0.38
CA TYR A 282 -11.36 -16.25 -0.09
C TYR A 282 -11.17 -17.32 0.98
N PRO A 283 -11.87 -17.18 2.12
CA PRO A 283 -11.58 -18.01 3.30
C PRO A 283 -12.32 -19.36 3.34
N ASN A 284 -12.60 -19.94 2.18
CA ASN A 284 -13.30 -21.23 2.10
C ASN A 284 -12.31 -22.36 1.94
N ASP A 285 -12.46 -23.40 2.76
CA ASP A 285 -11.61 -24.57 2.69
C ASP A 285 -12.49 -25.68 2.16
N ASN A 286 -12.10 -26.27 1.03
CA ASN A 286 -12.87 -27.36 0.44
C ASN A 286 -14.32 -26.96 0.19
N PHE A 287 -14.51 -25.80 -0.42
CA PHE A 287 -15.85 -25.32 -0.72
C PHE A 287 -15.83 -24.27 -1.83
N PHE A 288 -16.67 -24.47 -2.84
CA PHE A 288 -16.76 -23.60 -3.99
C PHE A 288 -17.83 -22.54 -3.80
N GLU A 289 -17.41 -21.28 -3.91
CA GLU A 289 -18.26 -20.11 -3.88
C GLU A 289 -18.02 -19.44 -5.24
N GLY A 290 -19.03 -19.46 -6.11
CA GLY A 290 -18.88 -18.91 -7.46
C GLY A 290 -19.06 -17.41 -7.52
N LYS A 291 -18.21 -16.66 -6.81
CA LYS A 291 -18.30 -15.21 -6.81
C LYS A 291 -17.48 -14.65 -7.96
N GLU A 292 -17.98 -13.60 -8.60
CA GLU A 292 -17.28 -12.95 -9.70
C GLU A 292 -15.89 -12.48 -9.30
N LEU A 293 -15.74 -11.95 -8.09
CA LEU A 293 -14.42 -11.47 -7.63
C LEU A 293 -13.42 -12.62 -7.56
N ARG A 294 -13.88 -13.78 -7.09
CA ARG A 294 -13.02 -14.97 -7.07
C ARG A 294 -12.58 -15.39 -8.49
N LEU A 295 -13.49 -15.30 -9.46
CA LEU A 295 -13.14 -15.63 -10.84
C LEU A 295 -12.11 -14.66 -11.38
N LYS A 296 -12.27 -13.38 -11.05
CA LYS A 296 -11.30 -12.35 -11.42
C LYS A 296 -9.92 -12.67 -10.85
N GLN A 297 -9.86 -13.07 -9.57
CA GLN A 297 -8.61 -13.49 -8.96
C GLN A 297 -7.97 -14.64 -9.72
N GLU A 298 -8.77 -15.64 -10.07
CA GLU A 298 -8.25 -16.81 -10.76
C GLU A 298 -7.68 -16.41 -12.13
N TYR A 299 -8.39 -15.57 -12.87
CA TYR A 299 -7.85 -15.16 -14.17
C TYR A 299 -6.62 -14.25 -14.02
N PHE A 300 -6.68 -13.32 -13.08
CA PHE A 300 -5.57 -12.40 -12.79
C PHE A 300 -4.23 -13.11 -12.59
N VAL A 301 -4.21 -14.11 -11.70
CA VAL A 301 -2.98 -14.82 -11.41
C VAL A 301 -2.48 -15.61 -12.64
N VAL A 302 -3.41 -16.23 -13.35
CA VAL A 302 -3.09 -17.02 -14.55
C VAL A 302 -2.53 -16.18 -15.70
N ALA A 303 -3.20 -15.08 -16.01
CA ALA A 303 -2.79 -14.18 -17.09
C ALA A 303 -1.42 -13.55 -16.85
N ALA A 304 -1.19 -12.99 -15.65
CA ALA A 304 0.10 -12.39 -15.34
C ALA A 304 1.19 -13.43 -15.33
N THR A 305 0.93 -14.57 -14.69
CA THR A 305 1.91 -15.67 -14.63
C THR A 305 2.33 -16.18 -16.02
N LEU A 306 1.35 -16.53 -16.87
CA LEU A 306 1.67 -17.04 -18.22
C LEU A 306 2.45 -16.02 -19.06
N GLN A 307 2.09 -14.74 -18.99
CA GLN A 307 2.86 -13.71 -19.70
C GLN A 307 4.30 -13.66 -19.21
N ASP A 308 4.50 -13.74 -17.90
CA ASP A 308 5.83 -13.69 -17.30
C ASP A 308 6.68 -14.91 -17.71
N ILE A 309 6.05 -16.09 -17.72
CA ILE A 309 6.71 -17.33 -18.10
C ILE A 309 7.17 -17.28 -19.57
N ILE A 310 6.28 -16.78 -20.43
CA ILE A 310 6.59 -16.68 -21.86
C ILE A 310 7.68 -15.63 -22.10
N ARG A 311 7.62 -14.51 -21.38
CA ARG A 311 8.69 -13.51 -21.44
C ARG A 311 10.06 -14.11 -21.04
N ARG A 312 10.10 -14.86 -19.94
CA ARG A 312 11.33 -15.51 -19.52
C ARG A 312 11.82 -16.51 -20.57
N PHE A 313 10.90 -17.30 -21.11
CA PHE A 313 11.22 -18.25 -22.19
C PHE A 313 11.85 -17.54 -23.40
N LYS A 314 11.23 -16.45 -23.86
CA LYS A 314 11.73 -15.70 -25.02
C LYS A 314 13.10 -15.06 -24.79
N ALA A 315 13.36 -14.65 -23.55
CA ALA A 315 14.66 -14.09 -23.15
C ALA A 315 15.73 -15.15 -22.98
N SER A 316 15.34 -16.42 -22.92
CA SER A 316 16.27 -17.49 -22.60
C SER A 316 17.16 -17.80 -23.78
N LYS A 317 18.11 -18.71 -23.58
CA LYS A 317 18.92 -19.24 -24.68
C LYS A 317 18.10 -20.13 -25.63
N PHE A 318 16.95 -20.64 -25.16
CA PHE A 318 16.02 -21.41 -26.00
C PHE A 318 15.01 -20.56 -26.77
N GLY A 319 15.03 -19.24 -26.55
CA GLY A 319 14.20 -18.31 -27.30
C GLY A 319 14.78 -18.07 -28.70
N SER A 320 13.99 -18.33 -29.73
CA SER A 320 14.43 -18.12 -31.12
C SER A 320 13.23 -17.83 -32.01
N THR A 321 13.49 -17.22 -33.17
CA THR A 321 12.41 -16.79 -34.06
C THR A 321 12.61 -17.31 -35.49
N ARG A 322 11.48 -17.63 -36.13
CA ARG A 322 11.43 -18.00 -37.55
C ARG A 322 10.41 -17.09 -38.24
N GLY A 323 10.16 -17.35 -39.53
CA GLY A 323 9.24 -16.55 -40.34
C GLY A 323 7.94 -16.11 -39.67
N ALA A 324 7.34 -16.98 -38.86
CA ALA A 324 6.13 -16.62 -38.13
C ALA A 324 6.53 -15.83 -36.88
N GLY A 325 7.62 -16.28 -36.26
CA GLY A 325 8.17 -15.61 -35.10
C GLY A 325 8.74 -16.64 -34.15
N THR A 326 8.54 -16.38 -32.86
CA THR A 326 9.15 -17.19 -31.81
C THR A 326 8.71 -18.62 -31.97
N VAL A 327 9.69 -19.51 -32.01
CA VAL A 327 9.44 -20.93 -32.04
C VAL A 327 9.09 -21.31 -30.59
N PHE A 328 7.93 -21.95 -30.45
CA PHE A 328 7.45 -22.45 -29.16
C PHE A 328 7.58 -23.96 -29.10
N ASP A 329 8.23 -24.53 -30.11
CA ASP A 329 8.44 -25.98 -30.19
C ASP A 329 9.07 -26.53 -28.93
N ALA A 330 10.06 -25.82 -28.38
CA ALA A 330 10.80 -26.29 -27.20
C ALA A 330 10.15 -25.86 -25.87
N PHE A 331 9.05 -25.14 -25.95
CA PHE A 331 8.40 -24.59 -24.74
C PHE A 331 8.13 -25.66 -23.68
N PRO A 332 7.43 -26.76 -24.02
CA PRO A 332 7.22 -27.76 -22.96
C PRO A 332 8.46 -28.56 -22.56
N ASP A 333 9.57 -28.43 -23.30
CA ASP A 333 10.83 -29.01 -22.86
C ASP A 333 11.52 -28.07 -21.88
N GLN A 334 11.10 -26.83 -21.83
CA GLN A 334 11.71 -25.82 -20.96
C GLN A 334 10.79 -25.35 -19.83
N VAL A 335 9.52 -25.73 -19.91
CA VAL A 335 8.50 -25.26 -19.00
C VAL A 335 7.54 -26.38 -18.60
N ALA A 336 7.34 -26.55 -17.28
CA ALA A 336 6.26 -27.34 -16.71
C ALA A 336 5.45 -26.41 -15.79
N ILE A 337 4.13 -26.41 -15.94
CA ILE A 337 3.24 -25.64 -15.06
C ILE A 337 2.32 -26.62 -14.33
N GLN A 338 2.44 -26.64 -13.00
CA GLN A 338 1.58 -27.47 -12.15
C GLN A 338 0.39 -26.65 -11.67
N LEU A 339 -0.81 -27.16 -11.94
CA LEU A 339 -2.05 -26.53 -11.51
C LEU A 339 -2.45 -27.11 -10.14
N ASN A 340 -2.32 -26.28 -9.10
CA ASN A 340 -2.70 -26.68 -7.76
C ASN A 340 -4.23 -26.61 -7.60
N ASP A 341 -4.90 -27.75 -7.75
CA ASP A 341 -6.35 -27.81 -7.84
C ASP A 341 -6.81 -27.14 -9.13
N THR A 342 -8.13 -26.99 -9.30
CA THR A 342 -8.68 -26.37 -10.50
C THR A 342 -8.70 -24.85 -10.46
N HIS A 343 -8.29 -24.27 -9.34
CA HIS A 343 -8.37 -22.82 -9.17
C HIS A 343 -7.66 -22.05 -10.31
N PRO A 344 -6.48 -22.50 -10.78
CA PRO A 344 -5.85 -21.86 -11.96
C PRO A 344 -6.13 -22.56 -13.31
N ALA A 345 -7.24 -23.30 -13.40
CA ALA A 345 -7.65 -24.00 -14.62
C ALA A 345 -7.71 -23.10 -15.85
N LEU A 346 -8.08 -21.84 -15.67
CA LEU A 346 -8.08 -20.90 -16.78
C LEU A 346 -6.73 -20.74 -17.48
N ALA A 347 -5.65 -21.23 -16.88
CA ALA A 347 -4.34 -21.25 -17.52
C ALA A 347 -4.32 -22.01 -18.84
N ILE A 348 -5.15 -23.05 -18.93
CA ILE A 348 -5.23 -23.86 -20.13
C ILE A 348 -5.80 -23.04 -21.32
N PRO A 349 -7.02 -22.49 -21.21
CA PRO A 349 -7.50 -21.65 -22.31
C PRO A 349 -6.69 -20.35 -22.51
N GLU A 350 -6.02 -19.85 -21.46
CA GLU A 350 -5.22 -18.63 -21.60
C GLU A 350 -3.97 -18.92 -22.43
N LEU A 351 -3.28 -20.03 -22.18
CA LEU A 351 -2.12 -20.39 -22.97
C LEU A 351 -2.54 -20.60 -24.45
N MET A 352 -3.70 -21.24 -24.64
CA MET A 352 -4.24 -21.42 -25.98
C MET A 352 -4.55 -20.06 -26.64
N ARG A 353 -5.18 -19.17 -25.87
CA ARG A 353 -5.46 -17.82 -26.37
C ARG A 353 -4.17 -17.13 -26.82
N ILE A 354 -3.11 -17.21 -26.01
CA ILE A 354 -1.85 -16.56 -26.36
C ILE A 354 -1.26 -17.22 -27.62
N PHE A 355 -1.19 -18.55 -27.62
CA PHE A 355 -0.66 -19.29 -28.76
C PHE A 355 -1.42 -19.01 -30.06
N VAL A 356 -2.74 -19.06 -30.01
CA VAL A 356 -3.56 -18.96 -31.22
C VAL A 356 -3.86 -17.52 -31.62
N ASP A 357 -4.32 -16.69 -30.68
CA ASP A 357 -4.72 -15.32 -31.02
C ASP A 357 -3.54 -14.37 -31.18
N ILE A 358 -2.51 -14.53 -30.34
CA ILE A 358 -1.40 -13.58 -30.33
C ILE A 358 -0.23 -14.10 -31.17
N GLU A 359 0.18 -15.34 -30.94
CA GLU A 359 1.34 -15.90 -31.64
C GLU A 359 0.96 -16.54 -32.98
N LYS A 360 -0.34 -16.69 -33.23
CA LYS A 360 -0.84 -17.20 -34.52
C LYS A 360 -0.42 -18.65 -34.82
N LEU A 361 -0.22 -19.46 -33.79
CA LEU A 361 0.04 -20.87 -33.99
C LEU A 361 -1.22 -21.58 -34.48
N PRO A 362 -1.08 -22.62 -35.33
CA PRO A 362 -2.26 -23.42 -35.65
C PRO A 362 -2.81 -24.03 -34.37
N TRP A 363 -4.13 -24.09 -34.24
CA TRP A 363 -4.78 -24.69 -33.07
C TRP A 363 -4.21 -26.05 -32.66
N SER A 364 -4.08 -26.96 -33.63
CA SER A 364 -3.60 -28.30 -33.40
C SER A 364 -2.23 -28.32 -32.71
N LYS A 365 -1.31 -27.53 -33.23
CA LYS A 365 0.04 -27.44 -32.66
C LYS A 365 0.00 -26.80 -31.26
N ALA A 366 -0.77 -25.72 -31.13
CA ALA A 366 -0.92 -25.04 -29.85
C ALA A 366 -1.49 -25.98 -28.79
N TRP A 367 -2.47 -26.80 -29.17
CA TRP A 367 -3.10 -27.71 -28.21
C TRP A 367 -2.13 -28.80 -27.75
N GLU A 368 -1.33 -29.31 -28.67
CA GLU A 368 -0.30 -30.27 -28.33
C GLU A 368 0.73 -29.70 -27.33
N LEU A 369 1.17 -28.47 -27.59
CA LEU A 369 2.12 -27.80 -26.70
C LEU A 369 1.52 -27.55 -25.32
N THR A 370 0.26 -27.11 -25.30
CA THR A 370 -0.50 -26.85 -24.07
C THR A 370 -0.56 -28.10 -23.19
N GLN A 371 -0.99 -29.22 -23.77
CA GLN A 371 -1.07 -30.47 -23.01
C GLN A 371 0.26 -30.90 -22.41
N LYS A 372 1.36 -30.73 -23.15
CA LYS A 372 2.70 -31.13 -22.67
C LYS A 372 3.23 -30.21 -21.56
N THR A 373 2.66 -29.01 -21.45
CA THR A 373 3.09 -27.99 -20.50
C THR A 373 2.41 -28.20 -19.13
N PHE A 374 1.11 -28.49 -19.16
CA PHE A 374 0.30 -28.54 -17.92
C PHE A 374 0.14 -29.92 -17.31
N ALA A 375 0.16 -29.94 -15.97
CA ALA A 375 -0.23 -31.08 -15.16
C ALA A 375 -1.12 -30.56 -14.03
N TYR A 376 -2.06 -31.40 -13.62
CA TYR A 376 -3.15 -31.00 -12.72
C TYR A 376 -3.18 -31.89 -11.49
N THR A 377 -3.18 -31.26 -10.31
CA THR A 377 -3.30 -31.99 -9.06
C THR A 377 -4.71 -31.78 -8.50
N ASN A 378 -5.44 -32.88 -8.39
CA ASN A 378 -6.75 -32.90 -7.78
C ASN A 378 -6.60 -33.06 -6.27
N HIS A 379 -7.31 -32.24 -5.50
CA HIS A 379 -7.19 -32.25 -4.03
C HIS A 379 -8.45 -32.67 -3.27
N THR A 380 -9.54 -32.95 -3.96
CA THR A 380 -10.74 -33.37 -3.25
C THR A 380 -11.76 -33.99 -4.18
N VAL A 381 -12.55 -34.91 -3.64
CA VAL A 381 -13.69 -35.45 -4.38
C VAL A 381 -15.02 -35.01 -3.76
N LEU A 382 -15.00 -34.17 -2.71
CA LEU A 382 -16.27 -33.71 -2.13
C LEU A 382 -16.95 -32.77 -3.12
N PRO A 383 -18.22 -33.07 -3.47
CA PRO A 383 -18.89 -32.34 -4.54
C PRO A 383 -19.05 -30.84 -4.30
N GLU A 384 -19.25 -30.43 -3.05
CA GLU A 384 -19.40 -29.01 -2.71
C GLU A 384 -18.12 -28.17 -2.95
N ALA A 385 -16.99 -28.86 -3.11
CA ALA A 385 -15.69 -28.24 -3.35
C ALA A 385 -15.39 -28.02 -4.84
N LEU A 386 -16.16 -28.67 -5.72
CA LEU A 386 -15.83 -28.67 -7.14
C LEU A 386 -16.21 -27.36 -7.81
N GLU A 387 -15.29 -26.80 -8.59
CA GLU A 387 -15.55 -25.55 -9.28
C GLU A 387 -16.36 -25.79 -10.53
N ARG A 388 -17.55 -25.21 -10.56
CA ARG A 388 -18.43 -25.28 -11.71
C ARG A 388 -18.95 -23.88 -11.97
N TRP A 389 -18.28 -23.15 -12.87
CA TRP A 389 -18.59 -21.74 -13.11
C TRP A 389 -19.75 -21.63 -14.11
N PRO A 390 -20.78 -20.81 -13.80
CA PRO A 390 -21.85 -20.50 -14.75
C PRO A 390 -21.31 -19.88 -16.02
N VAL A 391 -21.73 -20.42 -17.17
CA VAL A 391 -21.21 -19.95 -18.45
C VAL A 391 -21.54 -18.50 -18.69
N ASP A 392 -22.67 -18.03 -18.16
CA ASP A 392 -23.05 -16.63 -18.31
C ASP A 392 -22.10 -15.66 -17.59
N LEU A 393 -21.61 -16.08 -16.42
CA LEU A 393 -20.59 -15.29 -15.72
C LEU A 393 -19.29 -15.26 -16.54
N VAL A 394 -18.86 -16.41 -17.03
CA VAL A 394 -17.64 -16.49 -17.84
C VAL A 394 -17.79 -15.71 -19.16
N GLU A 395 -18.96 -15.81 -19.81
CA GLU A 395 -19.21 -15.03 -21.03
C GLU A 395 -19.05 -13.53 -20.78
N LYS A 396 -19.49 -13.08 -19.63
CA LYS A 396 -19.44 -11.66 -19.31
C LYS A 396 -18.00 -11.22 -19.06
N LEU A 397 -17.29 -11.96 -18.22
CA LEU A 397 -15.95 -11.56 -17.78
C LEU A 397 -14.85 -11.91 -18.77
N LEU A 398 -14.96 -13.09 -19.38
CA LEU A 398 -13.92 -13.69 -20.19
C LEU A 398 -14.50 -14.31 -21.47
N PRO A 399 -15.11 -13.49 -22.32
CA PRO A 399 -15.83 -14.01 -23.49
C PRO A 399 -14.98 -14.86 -24.44
N ARG A 400 -13.71 -14.48 -24.64
CA ARG A 400 -12.83 -15.24 -25.53
C ARG A 400 -12.46 -16.59 -24.92
N HIS A 401 -12.31 -16.63 -23.60
CA HIS A 401 -12.00 -17.88 -22.92
C HIS A 401 -13.17 -18.84 -22.98
N LEU A 402 -14.40 -18.33 -22.91
CA LEU A 402 -15.60 -19.17 -23.11
C LEU A 402 -15.58 -19.79 -24.50
N GLU A 403 -15.32 -18.97 -25.52
CA GLU A 403 -15.18 -19.48 -26.90
C GLU A 403 -14.15 -20.59 -26.99
N ILE A 404 -12.98 -20.37 -26.39
CA ILE A 404 -11.90 -21.34 -26.43
C ILE A 404 -12.27 -22.63 -25.69
N ILE A 405 -12.92 -22.49 -24.54
CA ILE A 405 -13.40 -23.63 -23.78
C ILE A 405 -14.42 -24.44 -24.62
N TYR A 406 -15.37 -23.76 -25.25
CA TYR A 406 -16.33 -24.43 -26.13
C TYR A 406 -15.62 -25.19 -27.25
N GLU A 407 -14.59 -24.58 -27.85
N GLU A 407 -14.61 -24.57 -27.84
CA GLU A 407 -13.89 -25.23 -28.95
CA GLU A 407 -13.86 -25.18 -28.94
C GLU A 407 -13.06 -26.43 -28.49
C GLU A 407 -13.09 -26.42 -28.47
N ILE A 408 -12.44 -26.30 -27.31
CA ILE A 408 -11.76 -27.45 -26.69
C ILE A 408 -12.79 -28.58 -26.46
N ASN A 409 -13.97 -28.24 -25.96
CA ASN A 409 -15.01 -29.24 -25.66
C ASN A 409 -15.48 -29.96 -26.93
N GLN A 410 -15.68 -29.18 -27.99
CA GLN A 410 -16.19 -29.72 -29.26
C GLN A 410 -15.24 -30.76 -29.83
N LYS A 411 -13.97 -30.43 -29.89
CA LYS A 411 -12.96 -31.33 -30.44
C LYS A 411 -12.74 -32.55 -29.54
N HIS A 412 -12.89 -32.33 -28.23
CA HIS A 412 -12.85 -33.39 -27.22
C HIS A 412 -14.00 -34.40 -27.44
N LEU A 413 -15.20 -33.89 -27.53
CA LEU A 413 -16.39 -34.72 -27.74
C LEU A 413 -16.41 -35.37 -29.14
N ASP A 414 -15.88 -34.68 -30.15
CA ASP A 414 -15.76 -35.26 -31.50
C ASP A 414 -14.93 -36.54 -31.46
N ARG A 415 -13.84 -36.54 -30.69
CA ARG A 415 -13.02 -37.75 -30.50
C ARG A 415 -13.79 -38.87 -29.79
N ILE A 416 -14.55 -38.51 -28.76
CA ILE A 416 -15.32 -39.49 -28.02
C ILE A 416 -16.42 -40.11 -28.91
N VAL A 417 -17.05 -39.29 -29.76
CA VAL A 417 -18.01 -39.78 -30.74
C VAL A 417 -17.36 -40.78 -31.70
N ALA A 418 -16.16 -40.45 -32.17
CA ALA A 418 -15.43 -41.32 -33.08
C ALA A 418 -15.14 -42.67 -32.42
N LEU A 419 -14.73 -42.65 -31.16
CA LEU A 419 -14.36 -43.87 -30.44
C LEU A 419 -15.57 -44.66 -29.94
N PHE A 420 -16.64 -43.95 -29.58
CA PHE A 420 -17.80 -44.56 -28.96
C PHE A 420 -19.09 -44.03 -29.59
N PRO A 421 -19.32 -44.38 -30.86
CA PRO A 421 -20.39 -43.74 -31.65
C PRO A 421 -21.79 -43.94 -31.07
N LYS A 422 -21.99 -45.04 -30.34
CA LYS A 422 -23.31 -45.38 -29.83
C LYS A 422 -23.45 -45.16 -28.32
N ASP A 423 -22.62 -44.28 -27.74
CA ASP A 423 -22.64 -44.00 -26.31
C ASP A 423 -22.93 -42.52 -26.07
N VAL A 424 -24.21 -42.18 -26.08
CA VAL A 424 -24.63 -40.78 -25.96
C VAL A 424 -24.48 -40.25 -24.54
N ASP A 425 -24.67 -41.12 -23.55
CA ASP A 425 -24.56 -40.68 -22.15
C ASP A 425 -23.11 -40.36 -21.79
N ARG A 426 -22.18 -41.11 -22.38
CA ARG A 426 -20.77 -40.88 -22.15
C ARG A 426 -20.35 -39.49 -22.61
N LEU A 427 -20.92 -39.02 -23.72
CA LEU A 427 -20.70 -37.64 -24.16
C LEU A 427 -21.16 -36.67 -23.09
N ARG A 428 -22.35 -36.91 -22.54
CA ARG A 428 -22.89 -36.07 -21.47
C ARG A 428 -21.96 -36.07 -20.26
N ARG A 429 -21.50 -37.24 -19.86
CA ARG A 429 -20.64 -37.40 -18.70
C ARG A 429 -19.27 -36.72 -18.89
N MET A 430 -18.73 -36.78 -20.10
CA MET A 430 -17.35 -36.35 -20.33
C MET A 430 -17.22 -34.92 -20.81
N SER A 431 -18.34 -34.27 -21.05
CA SER A 431 -18.35 -32.90 -21.57
C SER A 431 -17.76 -31.94 -20.53
N LEU A 432 -17.09 -30.90 -20.99
CA LEU A 432 -16.65 -29.83 -20.07
C LEU A 432 -17.83 -28.97 -19.60
N ILE A 433 -18.98 -29.09 -20.27
CA ILE A 433 -20.15 -28.26 -19.98
C ILE A 433 -21.26 -29.11 -19.36
N GLU A 434 -21.75 -28.68 -18.20
CA GLU A 434 -22.91 -29.28 -17.54
C GLU A 434 -24.10 -28.52 -18.04
N GLU A 435 -24.95 -29.23 -18.77
CA GLU A 435 -25.92 -28.63 -19.67
C GLU A 435 -27.25 -28.36 -18.95
N GLU A 436 -27.51 -29.13 -17.89
CA GLU A 436 -28.80 -29.11 -17.20
C GLU A 436 -29.06 -27.77 -16.51
N GLY A 437 -30.26 -27.22 -16.71
CA GLY A 437 -30.69 -26.00 -16.04
C GLY A 437 -29.77 -24.85 -16.39
N SER A 438 -29.01 -24.38 -15.39
CA SER A 438 -27.98 -23.38 -15.62
C SER A 438 -26.74 -24.10 -16.13
N LYS A 439 -26.25 -23.68 -17.29
CA LYS A 439 -25.07 -24.31 -17.84
C LYS A 439 -23.86 -23.86 -17.03
N ARG A 440 -23.01 -24.82 -16.69
CA ARG A 440 -21.79 -24.57 -15.94
C ARG A 440 -20.61 -25.25 -16.62
N ILE A 441 -19.41 -24.71 -16.39
CA ILE A 441 -18.18 -25.32 -16.87
C ILE A 441 -17.58 -26.17 -15.75
N ASN A 442 -17.37 -27.45 -16.01
CA ASN A 442 -16.68 -28.36 -15.10
C ASN A 442 -15.17 -28.14 -15.21
N MET A 443 -14.60 -27.39 -14.26
CA MET A 443 -13.19 -27.01 -14.38
C MET A 443 -12.27 -28.21 -14.27
N ALA A 444 -12.66 -29.25 -13.53
CA ALA A 444 -11.84 -30.45 -13.42
C ALA A 444 -11.70 -31.12 -14.80
N HIS A 445 -12.81 -31.20 -15.53
CA HIS A 445 -12.79 -31.78 -16.88
C HIS A 445 -11.88 -30.97 -17.80
N LEU A 446 -11.92 -29.65 -17.70
CA LEU A 446 -11.01 -28.78 -18.45
C LEU A 446 -9.55 -29.09 -18.12
N CYS A 447 -9.24 -29.23 -16.83
CA CYS A 447 -7.89 -29.57 -16.41
C CYS A 447 -7.41 -30.93 -16.91
N ILE A 448 -8.31 -31.92 -16.92
CA ILE A 448 -7.93 -33.27 -17.36
C ILE A 448 -7.56 -33.29 -18.84
N VAL A 449 -8.39 -32.69 -19.68
CA VAL A 449 -8.14 -32.70 -21.13
C VAL A 449 -6.94 -31.82 -21.53
N GLY A 450 -6.70 -30.76 -20.75
CA GLY A 450 -5.62 -29.84 -21.04
C GLY A 450 -4.27 -30.17 -20.47
N SER A 451 -4.17 -31.30 -19.76
CA SER A 451 -2.96 -31.66 -19.05
C SER A 451 -2.45 -33.01 -19.54
N HIS A 452 -1.17 -33.27 -19.41
CA HIS A 452 -0.63 -34.59 -19.76
C HIS A 452 -0.63 -35.54 -18.56
N ALA A 453 -0.72 -35.00 -17.34
CA ALA A 453 -0.71 -35.80 -16.13
C ALA A 453 -1.76 -35.24 -15.17
N VAL A 454 -2.49 -36.14 -14.51
CA VAL A 454 -3.43 -35.80 -13.45
C VAL A 454 -3.05 -36.65 -12.24
N ASN A 455 -2.87 -36.05 -11.07
CA ASN A 455 -2.56 -36.83 -9.87
C ASN A 455 -3.48 -36.49 -8.71
N GLY A 456 -3.76 -37.50 -7.89
CA GLY A 456 -4.36 -37.29 -6.58
C GLY A 456 -3.23 -37.30 -5.56
N VAL A 457 -3.60 -37.16 -4.27
CA VAL A 457 -2.64 -36.80 -3.24
C VAL A 457 -2.42 -37.88 -2.16
N ALA A 458 -3.04 -39.04 -2.35
CA ALA A 458 -2.75 -40.22 -1.55
C ALA A 458 -3.29 -41.41 -2.33
N LYS A 459 -2.74 -42.58 -2.06
CA LYS A 459 -3.12 -43.79 -2.82
C LYS A 459 -4.64 -43.99 -2.90
N ILE A 460 -5.32 -43.91 -1.76
CA ILE A 460 -6.77 -44.17 -1.69
C ILE A 460 -7.54 -43.16 -2.54
N HIS A 461 -7.10 -41.91 -2.50
CA HIS A 461 -7.74 -40.81 -3.21
C HIS A 461 -7.48 -40.86 -4.71
N SER A 462 -6.23 -41.05 -5.10
CA SER A 462 -5.87 -41.13 -6.51
C SER A 462 -6.60 -42.29 -7.20
N ASP A 463 -6.82 -43.38 -6.46
CA ASP A 463 -7.60 -44.51 -6.98
C ASP A 463 -9.07 -44.15 -7.23
N ILE A 464 -9.68 -43.46 -6.27
CA ILE A 464 -11.03 -42.94 -6.44
C ILE A 464 -11.12 -41.98 -7.64
N VAL A 465 -10.16 -41.05 -7.72
CA VAL A 465 -10.10 -40.10 -8.83
C VAL A 465 -10.06 -40.83 -10.17
N LYS A 466 -9.15 -41.81 -10.29
CA LYS A 466 -8.94 -42.53 -11.54
C LYS A 466 -10.08 -43.49 -11.88
N THR A 467 -10.44 -44.35 -10.94
CA THR A 467 -11.32 -45.50 -11.24
C THR A 467 -12.81 -45.20 -11.04
N LYS A 468 -13.13 -44.17 -10.26
CA LYS A 468 -14.53 -43.80 -10.02
C LYS A 468 -14.88 -42.44 -10.62
N VAL A 469 -14.33 -41.38 -10.06
CA VAL A 469 -14.76 -40.02 -10.42
C VAL A 469 -14.49 -39.66 -11.90
N PHE A 470 -13.31 -40.00 -12.40
CA PHE A 470 -12.95 -39.70 -13.79
C PHE A 470 -12.67 -40.97 -14.60
N LYS A 471 -13.43 -42.02 -14.28
CA LYS A 471 -13.36 -43.32 -14.94
C LYS A 471 -13.38 -43.24 -16.47
N ASP A 472 -14.29 -42.43 -17.01
CA ASP A 472 -14.41 -42.30 -18.47
C ASP A 472 -13.13 -41.76 -19.09
N PHE A 473 -12.47 -40.85 -18.37
CA PHE A 473 -11.24 -40.22 -18.86
C PHE A 473 -10.05 -41.19 -18.72
N SER A 474 -9.93 -41.86 -17.58
CA SER A 474 -8.78 -42.74 -17.37
C SER A 474 -8.84 -44.00 -18.25
N GLU A 475 -10.04 -44.43 -18.60
CA GLU A 475 -10.17 -45.55 -19.55
C GLU A 475 -9.63 -45.16 -20.91
N LEU A 476 -9.95 -43.95 -21.35
CA LEU A 476 -9.49 -43.40 -22.62
C LEU A 476 -7.98 -43.10 -22.64
N GLU A 477 -7.44 -42.69 -21.50
CA GLU A 477 -6.02 -42.33 -21.39
C GLU A 477 -5.45 -42.96 -20.12
N PRO A 478 -5.17 -44.29 -20.18
CA PRO A 478 -4.79 -45.06 -18.99
C PRO A 478 -3.43 -44.72 -18.38
N ASP A 479 -2.64 -43.86 -18.98
CA ASP A 479 -1.37 -43.47 -18.38
C ASP A 479 -1.35 -42.03 -17.84
N LYS A 480 -2.42 -41.28 -18.11
CA LYS A 480 -2.52 -39.90 -17.65
C LYS A 480 -2.58 -39.79 -16.12
N PHE A 481 -3.29 -40.72 -15.47
CA PHE A 481 -3.61 -40.62 -14.04
C PHE A 481 -2.54 -41.25 -13.15
N GLN A 482 -2.14 -40.52 -12.10
CA GLN A 482 -1.05 -40.93 -11.21
C GLN A 482 -1.45 -40.64 -9.78
N ASN A 483 -0.65 -41.18 -8.87
CA ASN A 483 -0.70 -40.84 -7.45
C ASN A 483 0.61 -40.14 -7.11
N LYS A 484 0.53 -39.10 -6.29
CA LYS A 484 1.70 -38.55 -5.63
C LYS A 484 1.31 -38.28 -4.18
N THR A 485 1.68 -39.19 -3.29
CA THR A 485 1.25 -39.05 -1.92
C THR A 485 1.89 -37.78 -1.32
N ASN A 486 1.07 -36.98 -0.65
CA ASN A 486 1.52 -35.75 0.00
C ASN A 486 2.68 -35.95 0.98
N GLY A 487 3.32 -34.84 1.32
CA GLY A 487 4.37 -34.82 2.30
C GLY A 487 4.46 -33.46 2.94
N ILE A 488 5.32 -33.38 3.94
CA ILE A 488 5.55 -32.15 4.70
C ILE A 488 7.05 -31.93 4.78
N THR A 489 7.50 -30.68 4.88
CA THR A 489 8.95 -30.44 4.97
C THR A 489 9.48 -30.68 6.38
N PRO A 490 10.54 -31.51 6.52
CA PRO A 490 11.11 -31.75 7.85
C PRO A 490 11.94 -30.62 8.38
N ARG A 491 12.13 -29.57 7.58
CA ARG A 491 12.78 -28.35 8.07
C ARG A 491 11.78 -27.65 9.00
N ARG A 492 10.74 -27.03 8.47
CA ARG A 492 9.75 -26.36 9.33
C ARG A 492 9.13 -27.32 10.35
N TRP A 493 8.83 -28.55 9.93
CA TRP A 493 8.00 -29.43 10.75
C TRP A 493 8.77 -30.41 11.63
N LEU A 494 10.08 -30.22 11.75
CA LEU A 494 10.85 -30.92 12.78
C LEU A 494 11.99 -30.04 13.30
N LEU A 495 12.92 -29.68 12.42
CA LEU A 495 14.11 -28.93 12.85
C LEU A 495 13.71 -27.62 13.48
N LEU A 496 12.73 -26.95 12.89
CA LEU A 496 12.29 -25.63 13.37
C LEU A 496 11.34 -25.75 14.56
N CYS A 497 10.23 -26.48 14.39
CA CYS A 497 9.21 -26.50 15.42
C CYS A 497 9.55 -27.37 16.64
N ASN A 498 10.46 -28.33 16.48
CA ASN A 498 10.76 -29.28 17.56
C ASN A 498 12.27 -29.54 17.68
N PRO A 499 13.03 -28.49 18.05
CA PRO A 499 14.48 -28.59 18.16
C PRO A 499 14.93 -29.66 19.16
N GLY A 500 14.14 -29.82 20.23
CA GLY A 500 14.39 -30.86 21.23
C GLY A 500 14.40 -32.26 20.62
N LEU A 501 13.37 -32.58 19.84
CA LEU A 501 13.32 -33.88 19.17
C LEU A 501 14.38 -34.03 18.08
N ALA A 502 14.56 -32.98 17.30
CA ALA A 502 15.58 -32.97 16.24
C ALA A 502 16.97 -33.25 16.81
N GLU A 503 17.28 -32.62 17.94
CA GLU A 503 18.56 -32.81 18.66
C GLU A 503 18.70 -34.25 19.16
N LEU A 504 17.66 -34.76 19.80
CA LEU A 504 17.68 -36.13 20.29
C LEU A 504 17.94 -37.12 19.16
N ILE A 505 17.20 -37.00 18.06
CA ILE A 505 17.37 -37.89 16.92
C ILE A 505 18.83 -37.82 16.40
N ALA A 506 19.35 -36.60 16.25
CA ALA A 506 20.72 -36.39 15.76
C ALA A 506 21.75 -37.05 16.67
N GLU A 507 21.55 -36.90 17.97
CA GLU A 507 22.45 -37.52 18.96
C GLU A 507 22.53 -39.04 18.77
N LYS A 508 21.40 -39.65 18.41
CA LYS A 508 21.33 -41.10 18.28
C LYS A 508 21.74 -41.63 16.91
N ILE A 509 21.40 -40.92 15.84
CA ILE A 509 21.60 -41.47 14.49
C ILE A 509 22.29 -40.53 13.50
N GLY A 510 22.80 -39.38 13.95
CA GLY A 510 23.45 -38.42 13.07
C GLY A 510 22.44 -37.47 12.45
N GLU A 511 22.93 -36.53 11.64
CA GLU A 511 22.06 -35.45 11.12
C GLU A 511 21.72 -35.58 9.63
N ASP A 512 22.09 -36.71 9.03
CA ASP A 512 21.79 -36.99 7.63
C ASP A 512 20.30 -37.21 7.34
N TYR A 513 19.51 -37.50 8.38
CA TYR A 513 18.05 -37.63 8.20
C TYR A 513 17.38 -36.37 7.63
N VAL A 514 17.97 -35.20 7.85
CA VAL A 514 17.27 -33.97 7.47
C VAL A 514 16.99 -33.95 5.95
N LYS A 515 18.02 -34.28 5.19
CA LYS A 515 17.95 -34.40 3.73
C LYS A 515 17.54 -35.79 3.19
N ASP A 516 17.60 -36.83 4.03
CA ASP A 516 17.02 -38.13 3.66
C ASP A 516 16.27 -38.69 4.85
N LEU A 517 14.98 -38.38 4.91
CA LEU A 517 14.18 -38.65 6.11
C LEU A 517 13.96 -40.14 6.34
N SER A 518 14.15 -40.96 5.30
CA SER A 518 14.02 -42.42 5.46
C SER A 518 15.05 -42.97 6.44
N GLN A 519 16.09 -42.18 6.72
CA GLN A 519 17.09 -42.55 7.72
C GLN A 519 16.53 -42.64 9.13
N LEU A 520 15.34 -42.10 9.38
CA LEU A 520 14.69 -42.25 10.67
C LEU A 520 14.49 -43.74 11.07
N THR A 521 14.49 -44.65 10.10
CA THR A 521 14.33 -46.08 10.42
C THR A 521 15.47 -46.62 11.25
N LYS A 522 16.60 -45.91 11.25
CA LYS A 522 17.73 -46.25 12.10
C LYS A 522 17.37 -46.16 13.58
N LEU A 523 16.34 -45.39 13.93
CA LEU A 523 15.87 -45.31 15.32
C LEU A 523 15.40 -46.67 15.87
N HIS A 524 15.09 -47.63 15.00
CA HIS A 524 14.71 -48.97 15.46
C HIS A 524 15.81 -49.71 16.25
N SER A 525 17.04 -49.20 16.21
CA SER A 525 18.16 -49.71 17.02
C SER A 525 17.92 -49.51 18.50
N PHE A 526 17.03 -48.58 18.84
CA PHE A 526 16.77 -48.24 20.23
C PHE A 526 15.45 -48.81 20.76
N LEU A 527 14.85 -49.74 20.01
CA LEU A 527 13.73 -50.53 20.51
C LEU A 527 14.13 -51.21 21.81
N GLY A 528 13.31 -51.05 22.84
CA GLY A 528 13.65 -51.58 24.16
C GLY A 528 14.78 -50.90 24.93
N ASP A 529 15.39 -49.84 24.39
CA ASP A 529 16.39 -49.06 25.11
C ASP A 529 15.66 -48.09 26.01
N ASP A 530 15.59 -48.42 27.30
CA ASP A 530 14.83 -47.62 28.26
C ASP A 530 15.37 -46.21 28.44
N VAL A 531 16.67 -46.04 28.28
CA VAL A 531 17.29 -44.71 28.34
C VAL A 531 16.71 -43.83 27.23
N PHE A 532 16.67 -44.36 26.01
CA PHE A 532 16.13 -43.61 24.89
C PHE A 532 14.64 -43.34 25.04
N LEU A 533 13.88 -44.35 25.45
CA LEU A 533 12.43 -44.19 25.59
C LEU A 533 12.11 -43.10 26.61
N ARG A 534 12.93 -42.98 27.66
CA ARG A 534 12.78 -41.90 28.63
C ARG A 534 13.18 -40.54 28.05
N GLU A 535 14.22 -40.52 27.23
CA GLU A 535 14.65 -39.30 26.55
C GLU A 535 13.56 -38.76 25.64
N LEU A 536 12.87 -39.66 24.96
CA LEU A 536 11.79 -39.33 24.05
C LEU A 536 10.64 -38.70 24.83
N ALA A 537 10.30 -39.31 25.97
CA ALA A 537 9.23 -38.81 26.85
C ALA A 537 9.57 -37.43 27.43
N LYS A 538 10.85 -37.23 27.77
CA LYS A 538 11.34 -35.98 28.34
C LYS A 538 11.22 -34.83 27.34
N VAL A 539 11.58 -35.09 26.10
CA VAL A 539 11.39 -34.11 25.01
C VAL A 539 9.92 -33.71 24.88
N LYS A 540 9.03 -34.70 24.86
CA LYS A 540 7.59 -34.43 24.77
C LYS A 540 7.13 -33.59 25.96
N GLN A 541 7.62 -33.94 27.15
CA GLN A 541 7.24 -33.24 28.38
C GLN A 541 7.68 -31.78 28.35
N GLU A 542 8.89 -31.54 27.87
CA GLU A 542 9.41 -30.18 27.73
C GLU A 542 8.50 -29.36 26.79
N ASN A 543 8.11 -29.95 25.68
CA ASN A 543 7.20 -29.31 24.73
C ASN A 543 5.83 -29.02 25.36
N LYS A 544 5.32 -29.99 26.11
CA LYS A 544 4.05 -29.85 26.80
C LYS A 544 4.06 -28.75 27.86
N LEU A 545 5.14 -28.67 28.64
CA LEU A 545 5.24 -27.63 29.66
C LEU A 545 5.27 -26.25 29.03
N LYS A 546 6.08 -26.08 27.98
CA LYS A 546 6.17 -24.79 27.30
C LYS A 546 4.82 -24.38 26.71
N PHE A 547 4.15 -25.31 26.03
CA PHE A 547 2.83 -25.02 25.46
C PHE A 547 1.76 -24.76 26.54
N SER A 548 1.85 -25.46 27.67
CA SER A 548 0.92 -25.24 28.78
C SER A 548 0.99 -23.82 29.33
N GLN A 549 2.19 -23.25 29.36
CA GLN A 549 2.36 -21.86 29.78
C GLN A 549 1.55 -20.93 28.88
N PHE A 550 1.65 -21.16 27.57
CA PHE A 550 0.84 -20.43 26.59
C PHE A 550 -0.66 -20.59 26.88
N LEU A 551 -1.12 -21.82 27.06
CA LEU A 551 -2.55 -22.05 27.28
C LEU A 551 -3.08 -21.31 28.52
N GLU A 552 -2.29 -21.30 29.58
CA GLU A 552 -2.73 -20.70 30.83
C GLU A 552 -2.67 -19.17 30.79
N THR A 553 -1.91 -18.63 29.83
CA THR A 553 -1.88 -17.20 29.59
C THR A 553 -3.09 -16.72 28.78
N GLU A 554 -3.59 -17.57 27.89
CA GLU A 554 -4.64 -17.17 26.96
C GLU A 554 -6.01 -17.62 27.41
N TYR A 555 -6.05 -18.66 28.26
CA TYR A 555 -7.30 -19.30 28.64
C TYR A 555 -7.41 -19.43 30.15
N LYS A 556 -8.66 -19.40 30.64
CA LYS A 556 -8.93 -19.61 32.06
C LYS A 556 -9.04 -21.11 32.27
N VAL A 557 -7.88 -21.75 32.39
CA VAL A 557 -7.82 -23.17 32.64
C VAL A 557 -6.54 -23.45 33.41
N LYS A 558 -6.62 -24.46 34.28
CA LYS A 558 -5.46 -24.99 34.98
C LYS A 558 -5.16 -26.30 34.29
N ILE A 559 -4.04 -26.36 33.59
CA ILE A 559 -3.70 -27.57 32.83
C ILE A 559 -3.07 -28.60 33.76
N ASN A 560 -3.59 -29.83 33.73
CA ASN A 560 -2.97 -30.94 34.44
C ASN A 560 -1.73 -31.39 33.66
N PRO A 561 -0.52 -31.15 34.19
CA PRO A 561 0.67 -31.48 33.43
C PRO A 561 0.90 -32.98 33.20
N SER A 562 0.21 -33.85 33.95
CA SER A 562 0.32 -35.29 33.69
C SER A 562 -0.76 -35.79 32.72
N SER A 563 -1.58 -34.90 32.18
CA SER A 563 -2.65 -35.34 31.29
C SER A 563 -2.10 -35.64 29.91
N MET A 564 -2.79 -36.51 29.19
CA MET A 564 -2.55 -36.79 27.78
C MET A 564 -3.06 -35.59 27.00
N PHE A 565 -2.22 -35.04 26.12
CA PHE A 565 -2.69 -33.97 25.22
C PHE A 565 -3.31 -34.61 23.97
N ASP A 566 -4.63 -34.52 23.92
CA ASP A 566 -5.49 -35.06 22.89
C ASP A 566 -5.91 -33.89 21.98
N VAL A 567 -5.44 -33.90 20.73
CA VAL A 567 -5.48 -32.68 19.89
C VAL A 567 -6.10 -32.92 18.51
N GLN A 568 -7.08 -32.09 18.15
CA GLN A 568 -7.64 -32.11 16.80
C GLN A 568 -7.59 -30.69 16.26
N VAL A 569 -6.64 -30.42 15.38
CA VAL A 569 -6.47 -29.07 14.83
C VAL A 569 -6.42 -29.17 13.32
N LYS A 570 -7.31 -28.43 12.66
CA LYS A 570 -7.58 -28.50 11.22
C LYS A 570 -8.82 -27.64 11.03
N ARG A 571 -9.11 -27.26 9.79
CA ARG A 571 -10.26 -26.41 9.52
C ARG A 571 -11.52 -27.11 10.00
N ILE A 572 -12.48 -26.34 10.52
CA ILE A 572 -13.73 -26.92 11.02
C ILE A 572 -14.61 -27.32 9.84
N HIS A 573 -15.04 -28.59 9.85
CA HIS A 573 -15.78 -29.20 8.74
C HIS A 573 -16.68 -30.28 9.27
N GLU A 574 -17.81 -30.50 8.62
CA GLU A 574 -18.60 -31.67 8.91
C GLU A 574 -17.85 -32.94 8.56
N TYR A 575 -17.13 -32.96 7.43
CA TYR A 575 -16.43 -34.19 7.01
C TYR A 575 -15.26 -34.58 7.91
N LYS A 576 -14.62 -33.59 8.52
CA LYS A 576 -13.48 -33.83 9.40
C LYS A 576 -13.96 -34.28 10.78
N ARG A 577 -15.24 -34.04 11.08
CA ARG A 577 -15.92 -34.59 12.26
C ARG A 577 -15.35 -34.18 13.63
N GLN A 578 -15.01 -32.89 13.78
CA GLN A 578 -14.83 -32.34 15.13
C GLN A 578 -16.06 -32.67 16.02
N LEU A 579 -17.22 -32.79 15.40
CA LEU A 579 -18.45 -33.12 16.14
C LEU A 579 -18.37 -34.50 16.81
N LEU A 580 -17.74 -35.47 16.13
CA LEU A 580 -17.55 -36.82 16.69
C LEU A 580 -16.69 -36.77 17.94
N ASN A 581 -15.61 -35.99 17.84
CA ASN A 581 -14.72 -35.73 18.97
C ASN A 581 -15.49 -35.13 20.14
N CYS A 582 -16.31 -34.12 19.85
CA CYS A 582 -17.13 -33.49 20.88
C CYS A 582 -18.06 -34.50 21.58
N LEU A 583 -18.64 -35.43 20.82
CA LEU A 583 -19.48 -36.48 21.42
C LEU A 583 -18.67 -37.34 22.40
N HIS A 584 -17.41 -37.63 22.05
CA HIS A 584 -16.52 -38.40 22.94
C HIS A 584 -16.17 -37.61 24.19
N VAL A 585 -15.93 -36.31 24.04
CA VAL A 585 -15.64 -35.45 25.18
C VAL A 585 -16.81 -35.49 26.17
N ILE A 586 -18.02 -35.34 25.67
CA ILE A 586 -19.22 -35.37 26.51
C ILE A 586 -19.37 -36.76 27.15
N THR A 587 -19.09 -37.81 26.37
CA THR A 587 -19.09 -39.19 26.88
C THR A 587 -18.15 -39.34 28.07
N MET A 588 -16.91 -38.88 27.94
CA MET A 588 -15.94 -38.89 29.05
C MET A 588 -16.47 -38.14 30.26
N TYR A 589 -16.99 -36.93 30.03
CA TYR A 589 -17.58 -36.14 31.10
C TYR A 589 -18.65 -36.93 31.85
N ASN A 590 -19.58 -37.53 31.14
CA ASN A 590 -20.69 -38.26 31.76
C ASN A 590 -20.21 -39.48 32.57
N ARG A 591 -19.13 -40.12 32.11
CA ARG A 591 -18.53 -41.26 32.82
C ARG A 591 -17.92 -40.85 34.15
N ILE A 592 -17.26 -39.70 34.15
CA ILE A 592 -16.68 -39.15 35.37
C ILE A 592 -17.80 -38.83 36.38
N LYS A 593 -18.88 -38.23 35.89
CA LYS A 593 -19.99 -37.83 36.75
C LYS A 593 -20.72 -39.03 37.33
N LYS A 594 -20.88 -40.08 36.52
CA LYS A 594 -21.52 -41.31 36.95
C LYS A 594 -20.70 -42.06 38.00
N ASP A 595 -19.37 -41.94 37.92
CA ASP A 595 -18.48 -42.72 38.76
C ASP A 595 -17.23 -41.94 39.10
N PRO A 596 -17.38 -40.90 39.94
CA PRO A 596 -16.29 -39.99 40.28
C PRO A 596 -15.06 -40.63 40.92
N LYS A 597 -15.22 -41.78 41.59
CA LYS A 597 -14.09 -42.43 42.24
C LYS A 597 -13.37 -43.40 41.30
N LYS A 598 -14.02 -43.76 40.19
CA LYS A 598 -13.42 -44.67 39.22
C LYS A 598 -12.17 -44.05 38.59
N LEU A 599 -11.20 -44.91 38.27
CA LEU A 599 -9.94 -44.46 37.69
C LEU A 599 -10.17 -43.85 36.30
N PHE A 600 -9.53 -42.71 36.05
CA PHE A 600 -9.65 -42.00 34.79
C PHE A 600 -8.28 -41.47 34.37
N VAL A 601 -7.87 -41.80 33.15
CA VAL A 601 -6.60 -41.32 32.62
C VAL A 601 -6.82 -39.86 32.20
N PRO A 602 -6.16 -38.91 32.90
CA PRO A 602 -6.52 -37.51 32.64
C PRO A 602 -6.14 -37.06 31.23
N ARG A 603 -6.92 -36.14 30.67
CA ARG A 603 -6.71 -35.62 29.31
C ARG A 603 -6.86 -34.13 29.30
N THR A 604 -6.09 -33.48 28.43
CA THR A 604 -6.41 -32.14 27.98
C THR A 604 -6.84 -32.30 26.53
N VAL A 605 -8.11 -32.00 26.26
CA VAL A 605 -8.64 -32.14 24.92
C VAL A 605 -8.60 -30.76 24.27
N ILE A 606 -7.85 -30.67 23.18
CA ILE A 606 -7.69 -29.40 22.45
C ILE A 606 -8.27 -29.57 21.05
N ILE A 607 -9.23 -28.71 20.72
CA ILE A 607 -9.81 -28.72 19.39
C ILE A 607 -9.67 -27.28 18.86
N GLY A 608 -9.17 -27.16 17.65
CA GLY A 608 -8.91 -25.83 17.08
C GLY A 608 -9.04 -25.84 15.58
N GLY A 609 -9.33 -24.67 15.04
CA GLY A 609 -9.45 -24.52 13.60
C GLY A 609 -10.41 -23.39 13.28
N LYS A 610 -10.25 -22.82 12.10
CA LYS A 610 -11.16 -21.77 11.62
C LYS A 610 -12.37 -22.34 10.89
N ALA A 611 -13.52 -21.69 11.05
CA ALA A 611 -14.68 -21.98 10.21
C ALA A 611 -14.78 -20.95 9.11
N ALA A 612 -15.09 -21.39 7.88
CA ALA A 612 -15.37 -20.41 6.83
C ALA A 612 -16.51 -19.52 7.36
N PRO A 613 -16.41 -18.20 7.18
CA PRO A 613 -17.41 -17.28 7.77
C PRO A 613 -18.86 -17.57 7.40
N GLY A 614 -19.11 -18.06 6.19
CA GLY A 614 -20.48 -18.37 5.76
C GLY A 614 -20.94 -19.79 6.05
N TYR A 615 -20.12 -20.57 6.73
CA TYR A 615 -20.40 -21.99 6.96
C TYR A 615 -21.13 -22.14 8.30
N HIS A 616 -22.46 -22.11 8.24
CA HIS A 616 -23.28 -22.10 9.45
C HIS A 616 -23.02 -23.30 10.37
N MET A 617 -22.97 -24.49 9.80
CA MET A 617 -22.85 -25.68 10.64
C MET A 617 -21.50 -25.71 11.36
N ALA A 618 -20.44 -25.28 10.67
CA ALA A 618 -19.12 -25.21 11.32
C ALA A 618 -19.14 -24.22 12.47
N LYS A 619 -19.79 -23.07 12.28
CA LYS A 619 -19.91 -22.09 13.35
C LYS A 619 -20.73 -22.62 14.54
N MET A 620 -21.77 -23.41 14.28
CA MET A 620 -22.52 -24.07 15.36
C MET A 620 -21.66 -25.09 16.12
N ILE A 621 -20.81 -25.82 15.41
CA ILE A 621 -19.91 -26.81 16.03
C ILE A 621 -18.89 -26.13 16.97
N ILE A 622 -18.36 -24.97 16.56
CA ILE A 622 -17.46 -24.23 17.43
C ILE A 622 -18.22 -23.86 18.71
N LYS A 623 -19.44 -23.35 18.57
CA LYS A 623 -20.21 -22.92 19.73
C LYS A 623 -20.51 -24.11 20.65
N LEU A 624 -20.80 -25.26 20.06
CA LEU A 624 -21.00 -26.49 20.86
C LEU A 624 -19.74 -26.82 21.65
N ILE A 625 -18.59 -26.79 21.00
CA ILE A 625 -17.31 -27.12 21.67
C ILE A 625 -17.02 -26.16 22.81
N THR A 626 -17.16 -24.86 22.57
CA THR A 626 -16.92 -23.91 23.65
C THR A 626 -17.95 -24.05 24.79
N SER A 627 -19.19 -24.42 24.45
CA SER A 627 -20.26 -24.59 25.45
C SER A 627 -19.97 -25.81 26.34
N VAL A 628 -19.54 -26.89 25.71
CA VAL A 628 -19.11 -28.10 26.43
C VAL A 628 -17.90 -27.82 27.31
N ALA A 629 -16.91 -27.11 26.76
CA ALA A 629 -15.73 -26.72 27.52
C ALA A 629 -16.13 -25.99 28.80
N ASP A 630 -17.07 -25.06 28.71
CA ASP A 630 -17.44 -24.26 29.88
C ASP A 630 -17.97 -25.16 31.01
N VAL A 631 -18.82 -26.12 30.65
CA VAL A 631 -19.38 -27.05 31.63
C VAL A 631 -18.29 -27.96 32.23
N VAL A 632 -17.52 -28.58 31.35
CA VAL A 632 -16.51 -29.55 31.76
C VAL A 632 -15.42 -28.91 32.63
N ASN A 633 -14.91 -27.76 32.20
CA ASN A 633 -13.79 -27.13 32.89
C ASN A 633 -14.14 -26.59 34.27
N ASN A 634 -15.41 -26.27 34.48
CA ASN A 634 -15.85 -25.65 35.71
C ASN A 634 -16.60 -26.57 36.66
N ASP A 635 -16.75 -27.84 36.28
CA ASP A 635 -17.43 -28.80 37.14
C ASP A 635 -16.42 -29.32 38.15
N PRO A 636 -16.65 -29.06 39.45
CA PRO A 636 -15.65 -29.46 40.45
C PRO A 636 -15.49 -30.97 40.61
N MET A 637 -16.53 -31.74 40.27
CA MET A 637 -16.48 -33.20 40.27
C MET A 637 -15.50 -33.74 39.22
N VAL A 638 -15.26 -32.95 38.16
CA VAL A 638 -14.31 -33.34 37.12
C VAL A 638 -12.91 -32.92 37.50
N GLY A 639 -12.76 -31.62 37.81
CA GLY A 639 -11.47 -31.10 38.22
C GLY A 639 -10.38 -31.44 37.23
N SER A 640 -9.24 -31.90 37.72
CA SER A 640 -8.05 -32.09 36.89
C SER A 640 -8.09 -33.35 35.99
N LYS A 641 -9.18 -34.10 36.05
CA LYS A 641 -9.33 -35.28 35.21
C LYS A 641 -9.45 -34.91 33.73
N LEU A 642 -10.16 -33.82 33.43
CA LEU A 642 -10.51 -33.49 32.06
C LEU A 642 -10.70 -31.99 31.91
N LYS A 643 -9.92 -31.41 30.98
CA LYS A 643 -10.04 -30.01 30.59
C LYS A 643 -10.20 -29.94 29.06
N VAL A 644 -10.94 -28.95 28.58
CA VAL A 644 -11.24 -28.80 27.15
C VAL A 644 -10.88 -27.39 26.73
N ILE A 645 -10.13 -27.26 25.64
CA ILE A 645 -9.71 -25.95 25.12
C ILE A 645 -10.11 -25.83 23.67
N PHE A 646 -10.88 -24.79 23.33
CA PHE A 646 -10.98 -24.42 21.93
C PHE A 646 -9.81 -23.51 21.60
N LEU A 647 -8.85 -24.04 20.84
CA LEU A 647 -7.62 -23.34 20.53
C LEU A 647 -7.89 -22.32 19.42
N GLU A 648 -7.85 -21.05 19.78
CA GLU A 648 -8.21 -19.97 18.85
C GLU A 648 -7.12 -19.63 17.88
N ASN A 649 -7.54 -19.19 16.70
CA ASN A 649 -6.64 -18.68 15.67
C ASN A 649 -5.60 -19.68 15.20
N TYR A 650 -6.02 -20.93 15.00
CA TYR A 650 -5.13 -21.95 14.50
C TYR A 650 -4.62 -21.54 13.13
N ARG A 651 -3.30 -21.59 12.98
CA ARG A 651 -2.59 -21.11 11.80
C ARG A 651 -1.21 -21.74 11.87
N VAL A 652 -0.38 -21.50 10.86
CA VAL A 652 0.90 -22.20 10.75
C VAL A 652 1.82 -22.00 11.98
N SER A 653 2.02 -20.76 12.42
CA SER A 653 2.92 -20.52 13.57
C SER A 653 2.42 -21.21 14.84
N LEU A 654 1.10 -21.26 15.01
CA LEU A 654 0.52 -21.92 16.19
C LEU A 654 0.60 -23.45 16.06
N ALA A 655 0.41 -23.97 14.84
CA ALA A 655 0.62 -25.40 14.57
C ALA A 655 2.03 -25.83 14.98
N GLU A 656 3.01 -24.97 14.72
CA GLU A 656 4.39 -25.26 15.11
C GLU A 656 4.58 -25.40 16.63
N LYS A 657 3.70 -24.76 17.40
CA LYS A 657 3.72 -24.85 18.87
C LYS A 657 2.95 -26.05 19.43
N VAL A 658 1.73 -26.26 18.98
CA VAL A 658 0.87 -27.30 19.56
C VAL A 658 1.23 -28.72 19.12
N ILE A 659 1.65 -28.87 17.87
CA ILE A 659 1.95 -30.19 17.32
C ILE A 659 3.04 -30.93 18.11
N PRO A 660 4.19 -30.29 18.35
CA PRO A 660 5.21 -30.92 19.19
C PRO A 660 4.81 -31.22 20.65
N ALA A 661 3.75 -30.55 21.14
CA ALA A 661 3.23 -30.79 22.48
C ALA A 661 2.18 -31.92 22.55
N THR A 662 1.88 -32.57 21.42
CA THR A 662 0.73 -33.47 21.34
C THR A 662 1.08 -34.94 21.59
N ASP A 663 0.24 -35.62 22.35
CA ASP A 663 0.34 -37.06 22.59
C ASP A 663 -0.54 -37.85 21.64
N LEU A 664 -1.79 -37.42 21.46
CA LEU A 664 -2.75 -38.12 20.62
C LEU A 664 -3.27 -37.16 19.54
N SER A 665 -3.07 -37.58 18.28
CA SER A 665 -3.48 -36.86 17.10
C SER A 665 -4.80 -37.42 16.55
N GLU A 666 -5.80 -36.55 16.44
CA GLU A 666 -7.14 -36.93 16.01
C GLU A 666 -7.30 -36.72 14.51
N GLN A 667 -7.48 -37.82 13.78
CA GLN A 667 -7.57 -37.80 12.32
C GLN A 667 -8.76 -38.68 11.92
N ILE A 668 -9.96 -38.14 12.09
CA ILE A 668 -11.16 -38.95 12.17
C ILE A 668 -12.22 -38.62 11.12
N SER A 669 -11.78 -38.17 9.95
CA SER A 669 -12.66 -37.95 8.82
C SER A 669 -13.37 -39.24 8.40
N THR A 670 -14.58 -39.11 7.87
CA THR A 670 -15.30 -40.27 7.33
C THR A 670 -14.49 -40.91 6.20
N ALA A 671 -14.36 -42.23 6.21
CA ALA A 671 -13.60 -42.91 5.15
C ALA A 671 -14.06 -42.46 3.78
N GLY A 672 -13.10 -42.04 2.96
CA GLY A 672 -13.34 -41.57 1.60
C GLY A 672 -13.41 -40.06 1.41
N THR A 673 -13.29 -39.29 2.49
CA THR A 673 -13.55 -37.85 2.43
C THR A 673 -12.31 -36.94 2.49
N GLU A 674 -11.28 -37.38 3.20
CA GLU A 674 -10.06 -36.61 3.35
C GLU A 674 -9.08 -37.14 2.32
N ALA A 675 -8.85 -36.36 1.26
CA ALA A 675 -8.04 -36.82 0.13
C ALA A 675 -6.70 -37.38 0.59
N SER A 676 -6.01 -36.63 1.44
CA SER A 676 -4.74 -37.08 2.01
C SER A 676 -4.66 -36.73 3.47
N GLY A 677 -4.76 -35.44 3.75
CA GLY A 677 -4.35 -34.92 5.04
C GLY A 677 -2.84 -34.71 5.07
N THR A 678 -2.42 -33.68 5.80
CA THR A 678 -1.00 -33.44 6.09
C THR A 678 -0.73 -33.16 7.57
N GLY A 679 -1.70 -32.64 8.30
CA GLY A 679 -1.58 -32.53 9.76
C GLY A 679 -1.22 -33.88 10.37
N ASN A 680 -1.87 -34.92 9.88
CA ASN A 680 -1.58 -36.30 10.32
C ASN A 680 -0.09 -36.60 10.30
N MET A 681 0.58 -36.20 9.23
CA MET A 681 2.01 -36.46 9.04
C MET A 681 2.86 -35.64 10.01
N LYS A 682 2.46 -34.39 10.26
CA LYS A 682 3.19 -33.52 11.17
C LYS A 682 3.18 -34.13 12.56
N PHE A 683 2.01 -34.60 12.99
CA PHE A 683 1.87 -35.19 14.31
C PHE A 683 2.73 -36.45 14.44
N MET A 684 2.75 -37.26 13.38
CA MET A 684 3.54 -38.51 13.38
C MET A 684 5.03 -38.25 13.53
N LEU A 685 5.52 -37.21 12.88
CA LEU A 685 6.94 -36.86 12.89
C LEU A 685 7.37 -36.33 14.25
N ASN A 686 6.41 -35.79 14.99
CA ASN A 686 6.69 -35.09 16.23
C ASN A 686 6.34 -35.85 17.52
N GLY A 687 6.06 -37.14 17.38
CA GLY A 687 5.97 -38.03 18.54
C GLY A 687 4.61 -38.16 19.16
N ALA A 688 3.56 -37.92 18.37
CA ALA A 688 2.19 -38.22 18.80
C ALA A 688 1.78 -39.56 18.19
N LEU A 689 0.92 -40.30 18.88
CA LEU A 689 0.23 -41.44 18.29
C LEU A 689 -1.04 -40.95 17.61
N THR A 690 -1.52 -41.72 16.65
CA THR A 690 -2.67 -41.33 15.86
C THR A 690 -3.90 -42.20 16.16
N ILE A 691 -5.02 -41.52 16.43
CA ILE A 691 -6.33 -42.16 16.39
C ILE A 691 -7.02 -41.69 15.12
N GLY A 692 -7.37 -42.62 14.26
CA GLY A 692 -7.94 -42.28 12.99
C GLY A 692 -8.63 -43.38 12.22
N THR A 693 -9.36 -42.95 11.20
CA THR A 693 -9.97 -43.85 10.25
C THR A 693 -8.95 -44.20 9.16
N MET A 694 -9.31 -45.22 8.37
CA MET A 694 -8.57 -45.59 7.17
C MET A 694 -8.99 -44.65 6.05
N ASP A 695 -8.49 -43.42 6.11
CA ASP A 695 -8.82 -42.39 5.14
C ASP A 695 -7.56 -41.63 4.75
N GLY A 696 -7.53 -41.13 3.52
CA GLY A 696 -6.38 -40.40 3.02
C GLY A 696 -5.05 -41.09 3.28
N ALA A 697 -4.07 -40.29 3.67
CA ALA A 697 -2.74 -40.79 3.98
C ALA A 697 -2.66 -41.55 5.31
N ASN A 698 -3.72 -41.52 6.13
CA ASN A 698 -3.74 -42.34 7.35
C ASN A 698 -3.45 -43.80 6.95
N VAL A 699 -4.00 -44.21 5.83
CA VAL A 699 -3.85 -45.61 5.35
C VAL A 699 -2.37 -45.94 5.12
N GLU A 700 -1.66 -44.98 4.51
CA GLU A 700 -0.24 -45.13 4.26
C GLU A 700 0.61 -45.01 5.52
N MET A 701 0.22 -44.15 6.46
CA MET A 701 0.91 -44.11 7.76
C MET A 701 0.83 -45.47 8.46
N ALA A 702 -0.35 -46.10 8.42
CA ALA A 702 -0.52 -47.46 8.95
C ALA A 702 0.37 -48.48 8.20
N GLU A 703 0.42 -48.38 6.87
CA GLU A 703 1.31 -49.24 6.07
C GLU A 703 2.75 -49.10 6.50
N GLU A 704 3.22 -47.85 6.68
CA GLU A 704 4.62 -47.63 7.02
C GLU A 704 4.96 -48.05 8.44
N ALA A 705 4.11 -47.69 9.40
CA ALA A 705 4.39 -47.93 10.82
C ALA A 705 3.91 -49.31 11.29
N GLY A 706 2.98 -49.91 10.55
CA GLY A 706 2.31 -51.12 11.00
C GLY A 706 0.98 -50.71 11.61
N GLU A 707 -0.09 -51.30 11.11
CA GLU A 707 -1.43 -50.96 11.54
C GLU A 707 -1.61 -51.08 13.07
N GLU A 708 -0.87 -52.01 13.68
CA GLU A 708 -0.93 -52.22 15.13
C GLU A 708 -0.34 -51.06 15.96
N ASN A 709 0.34 -50.14 15.27
CA ASN A 709 1.00 -49.00 15.93
C ASN A 709 0.23 -47.69 15.73
N LEU A 710 -0.94 -47.78 15.12
CA LEU A 710 -1.91 -46.69 15.09
C LEU A 710 -3.23 -47.14 15.72
N PHE A 711 -4.00 -46.18 16.20
CA PHE A 711 -5.32 -46.46 16.73
C PHE A 711 -6.35 -46.26 15.62
N ILE A 712 -6.43 -47.26 14.74
CA ILE A 712 -7.34 -47.25 13.60
C ILE A 712 -8.70 -47.79 14.05
N PHE A 713 -9.78 -47.13 13.65
CA PHE A 713 -11.12 -47.55 13.98
C PHE A 713 -12.10 -47.20 12.86
N GLY A 714 -13.30 -47.78 12.95
CA GLY A 714 -14.44 -47.33 12.18
C GLY A 714 -14.64 -47.91 10.80
N MET A 715 -15.68 -47.43 10.14
CA MET A 715 -16.03 -47.85 8.79
C MET A 715 -14.89 -47.58 7.84
N ARG A 716 -14.58 -48.55 6.98
CA ARG A 716 -13.68 -48.30 5.87
C ARG A 716 -14.51 -47.88 4.68
N ILE A 717 -13.85 -47.50 3.59
CA ILE A 717 -14.54 -46.87 2.46
C ILE A 717 -15.67 -47.74 1.89
N ASP A 718 -15.46 -49.05 1.82
CA ASP A 718 -16.50 -49.98 1.36
C ASP A 718 -17.67 -50.12 2.34
N ASP A 719 -17.38 -49.99 3.64
CA ASP A 719 -18.42 -50.00 4.66
C ASP A 719 -19.31 -48.78 4.52
N VAL A 720 -18.70 -47.63 4.25
CA VAL A 720 -19.47 -46.41 3.99
C VAL A 720 -20.36 -46.60 2.76
N ALA A 721 -19.82 -47.19 1.71
CA ALA A 721 -20.57 -47.45 0.48
C ALA A 721 -21.76 -48.39 0.75
N ALA A 722 -21.52 -49.45 1.50
CA ALA A 722 -22.57 -50.39 1.92
C ALA A 722 -23.68 -49.67 2.69
N LEU A 723 -23.29 -48.78 3.59
CA LEU A 723 -24.27 -48.02 4.40
C LEU A 723 -25.07 -47.02 3.55
N ASP A 724 -24.41 -46.40 2.58
CA ASP A 724 -25.10 -45.52 1.62
C ASP A 724 -26.16 -46.30 0.84
N LYS A 725 -25.80 -47.51 0.42
CA LYS A 725 -26.68 -48.33 -0.40
C LYS A 725 -27.87 -48.77 0.43
N LYS A 726 -27.61 -49.27 1.64
CA LYS A 726 -28.65 -49.66 2.56
C LYS A 726 -29.54 -48.47 2.93
N GLY A 727 -28.93 -47.30 3.09
CA GLY A 727 -29.62 -46.12 3.59
C GLY A 727 -29.24 -45.90 5.05
N TYR A 728 -28.72 -44.73 5.36
CA TYR A 728 -28.21 -44.43 6.70
C TYR A 728 -29.31 -43.84 7.55
N GLU A 729 -29.62 -44.52 8.65
CA GLU A 729 -30.67 -44.10 9.59
C GLU A 729 -30.03 -43.85 10.93
N ALA A 730 -29.66 -42.58 11.16
CA ALA A 730 -28.95 -42.17 12.38
C ALA A 730 -29.66 -42.57 13.67
N LYS A 731 -31.00 -42.48 13.67
CA LYS A 731 -31.75 -42.80 14.89
C LYS A 731 -31.54 -44.22 15.41
N GLU A 732 -31.22 -45.16 14.52
CA GLU A 732 -30.96 -46.54 14.93
C GLU A 732 -29.79 -46.64 15.92
N TYR A 733 -28.75 -45.83 15.69
CA TYR A 733 -27.60 -45.83 16.56
C TYR A 733 -27.92 -45.16 17.89
N TYR A 734 -28.67 -44.06 17.81
CA TYR A 734 -29.12 -43.33 18.98
C TYR A 734 -29.93 -44.25 19.92
N GLU A 735 -30.84 -45.02 19.34
CA GLU A 735 -31.65 -45.95 20.15
C GLU A 735 -30.87 -47.14 20.69
N ALA A 736 -29.85 -47.58 19.95
CA ALA A 736 -29.07 -48.75 20.33
C ALA A 736 -27.92 -48.48 21.31
N LEU A 737 -27.49 -47.22 21.43
CA LEU A 737 -26.30 -46.90 22.22
C LEU A 737 -26.63 -45.93 23.34
N PRO A 738 -26.86 -46.45 24.56
CA PRO A 738 -27.28 -45.66 25.72
C PRO A 738 -26.43 -44.41 25.95
N GLU A 739 -25.10 -44.56 25.85
CA GLU A 739 -24.18 -43.45 26.09
C GLU A 739 -24.34 -42.34 25.05
N LEU A 740 -24.55 -42.73 23.80
CA LEU A 740 -24.84 -41.77 22.73
C LEU A 740 -26.15 -41.05 23.01
N LYS A 741 -27.18 -41.81 23.38
CA LYS A 741 -28.49 -41.21 23.67
C LYS A 741 -28.37 -40.12 24.70
N LEU A 742 -27.61 -40.39 25.76
CA LEU A 742 -27.44 -39.42 26.84
C LEU A 742 -26.77 -38.13 26.32
N VAL A 743 -25.69 -38.30 25.57
CA VAL A 743 -24.96 -37.17 24.97
C VAL A 743 -25.90 -36.33 24.10
N ILE A 744 -26.62 -36.98 23.20
CA ILE A 744 -27.50 -36.28 22.26
C ILE A 744 -28.66 -35.59 22.99
N ASP A 745 -29.24 -36.27 23.98
CA ASP A 745 -30.32 -35.68 24.75
C ASP A 745 -29.85 -34.44 25.49
N GLN A 746 -28.66 -34.49 26.08
CA GLN A 746 -28.06 -33.33 26.76
C GLN A 746 -27.92 -32.13 25.81
N ILE A 747 -27.37 -32.38 24.64
CA ILE A 747 -27.21 -31.33 23.64
C ILE A 747 -28.59 -30.80 23.20
N ASP A 748 -29.52 -31.70 22.92
CA ASP A 748 -30.85 -31.32 22.43
C ASP A 748 -31.68 -30.58 23.49
N ASN A 749 -31.55 -30.97 24.75
CA ASN A 749 -32.42 -30.46 25.82
C ASN A 749 -31.95 -29.19 26.50
N GLY A 750 -30.71 -28.78 26.26
CA GLY A 750 -30.17 -27.54 26.83
C GLY A 750 -29.17 -27.70 27.96
N PHE A 751 -28.70 -28.91 28.23
CA PHE A 751 -27.70 -29.13 29.28
C PHE A 751 -26.44 -28.29 29.06
N PHE A 752 -26.09 -28.06 27.80
CA PHE A 752 -24.90 -27.25 27.47
C PHE A 752 -25.25 -25.82 27.06
N SER A 753 -26.54 -25.48 27.11
CA SER A 753 -27.01 -24.13 26.80
C SER A 753 -28.26 -23.79 27.64
N PRO A 754 -28.13 -23.79 28.98
CA PRO A 754 -29.29 -23.62 29.87
C PRO A 754 -30.04 -22.30 29.66
N LYS A 755 -29.32 -21.24 29.29
CA LYS A 755 -29.98 -19.97 29.00
C LYS A 755 -30.62 -19.94 27.60
N GLN A 756 -30.29 -20.93 26.76
CA GLN A 756 -30.90 -21.02 25.43
C GLN A 756 -31.06 -22.50 25.07
N PRO A 757 -32.09 -23.16 25.66
CA PRO A 757 -32.21 -24.62 25.54
C PRO A 757 -32.28 -25.17 24.13
N ASP A 758 -32.80 -24.40 23.18
CA ASP A 758 -32.94 -24.81 21.79
C ASP A 758 -31.74 -24.48 20.89
N LEU A 759 -30.63 -24.04 21.48
CA LEU A 759 -29.52 -23.46 20.71
C LEU A 759 -28.98 -24.39 19.62
N PHE A 760 -28.90 -25.68 19.94
CA PHE A 760 -28.27 -26.67 19.05
C PHE A 760 -29.23 -27.48 18.18
N LYS A 761 -30.46 -26.99 18.03
CA LYS A 761 -31.49 -27.60 17.19
C LYS A 761 -30.98 -27.98 15.80
N ASP A 762 -30.25 -27.06 15.16
CA ASP A 762 -29.72 -27.30 13.80
C ASP A 762 -28.71 -28.45 13.79
N ILE A 763 -27.89 -28.56 14.83
CA ILE A 763 -26.92 -29.66 14.90
C ILE A 763 -27.68 -30.99 15.01
N ILE A 764 -28.67 -31.02 15.90
CA ILE A 764 -29.47 -32.23 16.11
C ILE A 764 -30.21 -32.64 14.83
N ASN A 765 -30.86 -31.66 14.18
CA ASN A 765 -31.53 -31.94 12.91
C ASN A 765 -30.57 -32.50 11.87
N MET A 766 -29.37 -31.91 11.76
CA MET A 766 -28.38 -32.44 10.83
C MET A 766 -27.99 -33.86 11.17
N LEU A 767 -27.70 -34.11 12.43
CA LEU A 767 -27.22 -35.44 12.85
C LEU A 767 -28.24 -36.55 12.61
N PHE A 768 -29.52 -36.21 12.79
CA PHE A 768 -30.56 -37.23 12.64
C PHE A 768 -31.04 -37.40 11.21
N TYR A 769 -31.06 -36.32 10.44
CA TYR A 769 -31.74 -36.32 9.14
C TYR A 769 -30.90 -35.96 7.93
N HIS A 770 -29.74 -35.35 8.12
CA HIS A 770 -28.96 -34.88 6.96
C HIS A 770 -27.46 -35.03 7.14
N ASP A 771 -27.02 -36.08 7.83
CA ASP A 771 -25.60 -36.26 8.11
C ASP A 771 -24.92 -37.10 7.03
N ARG A 772 -24.35 -36.40 6.05
CA ARG A 772 -23.63 -37.06 4.97
C ARG A 772 -22.36 -37.78 5.44
N PHE A 773 -21.94 -37.50 6.67
CA PHE A 773 -20.68 -38.00 7.20
C PHE A 773 -20.82 -39.02 8.34
N LYS A 774 -22.06 -39.40 8.62
CA LYS A 774 -22.34 -40.62 9.39
C LYS A 774 -21.63 -40.63 10.73
N VAL A 775 -21.73 -39.53 11.46
CA VAL A 775 -21.11 -39.40 12.77
C VAL A 775 -21.52 -40.54 13.73
N PHE A 776 -22.82 -40.79 13.86
CA PHE A 776 -23.30 -41.83 14.80
C PHE A 776 -22.81 -43.22 14.42
N ALA A 777 -22.63 -43.48 13.12
CA ALA A 777 -22.20 -44.79 12.64
C ALA A 777 -20.78 -45.16 13.05
N ASP A 778 -19.96 -44.17 13.38
CA ASP A 778 -18.59 -44.44 13.84
C ASP A 778 -18.41 -44.21 15.35
N TYR A 779 -19.47 -43.81 16.04
CA TYR A 779 -19.38 -43.45 17.45
C TYR A 779 -18.91 -44.59 18.35
N GLU A 780 -19.56 -45.76 18.21
CA GLU A 780 -19.24 -46.90 19.08
C GLU A 780 -17.78 -47.32 18.93
N ALA A 781 -17.32 -47.45 17.70
CA ALA A 781 -15.95 -47.88 17.41
C ALA A 781 -14.94 -46.85 17.89
N TYR A 782 -15.29 -45.59 17.71
CA TYR A 782 -14.43 -44.49 18.12
C TYR A 782 -14.23 -44.47 19.62
N VAL A 783 -15.32 -44.53 20.40
CA VAL A 783 -15.21 -44.54 21.86
C VAL A 783 -14.44 -45.78 22.39
N LYS A 784 -14.67 -46.95 21.78
CA LYS A 784 -13.95 -48.16 22.18
C LYS A 784 -12.44 -48.00 21.89
N CYS A 785 -12.14 -47.42 20.75
CA CYS A 785 -10.77 -47.14 20.36
C CYS A 785 -10.13 -46.17 21.35
N GLN A 786 -10.86 -45.11 21.72
CA GLN A 786 -10.35 -44.16 22.70
C GLN A 786 -10.04 -44.85 24.03
N ASP A 787 -10.86 -45.82 24.41
CA ASP A 787 -10.61 -46.56 25.66
C ASP A 787 -9.25 -47.27 25.57
N LYS A 788 -8.93 -47.84 24.41
CA LYS A 788 -7.61 -48.48 24.20
C LYS A 788 -6.47 -47.46 24.33
N VAL A 789 -6.68 -46.25 23.83
CA VAL A 789 -5.66 -45.20 23.95
C VAL A 789 -5.35 -44.91 25.42
N SER A 790 -6.39 -44.70 26.22
CA SER A 790 -6.21 -44.39 27.63
C SER A 790 -5.43 -45.51 28.33
N GLN A 791 -5.71 -46.76 27.95
CA GLN A 791 -5.02 -47.92 28.53
C GLN A 791 -3.53 -47.91 28.20
N LEU A 792 -3.19 -47.64 26.94
CA LEU A 792 -1.77 -47.58 26.56
C LEU A 792 -1.04 -46.43 27.26
N TYR A 793 -1.71 -45.28 27.40
CA TYR A 793 -1.08 -44.09 27.98
C TYR A 793 -0.63 -44.33 29.43
N MET A 794 -1.33 -45.24 30.12
CA MET A 794 -0.94 -45.66 31.47
C MET A 794 0.32 -46.50 31.52
N ASN A 795 0.83 -46.94 30.37
CA ASN A 795 2.07 -47.69 30.28
C ASN A 795 3.08 -46.90 29.46
N PRO A 796 3.84 -45.99 30.10
CA PRO A 796 4.81 -45.15 29.39
C PRO A 796 5.79 -45.92 28.50
N LYS A 797 6.27 -47.07 28.94
CA LYS A 797 7.18 -47.85 28.10
C LYS A 797 6.53 -48.33 26.82
N ALA A 798 5.31 -48.84 26.95
CA ALA A 798 4.57 -49.31 25.79
C ALA A 798 4.16 -48.14 24.90
N TRP A 799 3.73 -47.04 25.53
CA TRP A 799 3.31 -45.85 24.79
C TRP A 799 4.45 -45.35 23.92
N ASN A 800 5.59 -45.09 24.57
CA ASN A 800 6.76 -44.54 23.88
C ASN A 800 7.45 -45.51 22.94
N THR A 801 7.30 -46.81 23.18
CA THR A 801 7.73 -47.79 22.19
C THR A 801 6.91 -47.62 20.91
N MET A 802 5.61 -47.39 21.05
CA MET A 802 4.76 -47.19 19.88
C MET A 802 5.13 -45.86 19.17
N VAL A 803 5.43 -44.84 19.98
CA VAL A 803 5.88 -43.54 19.43
C VAL A 803 7.14 -43.70 18.59
N LEU A 804 8.14 -44.39 19.15
CA LEU A 804 9.37 -44.67 18.41
C LEU A 804 9.06 -45.29 17.05
N LYS A 805 8.18 -46.30 17.02
CA LYS A 805 7.84 -46.97 15.76
C LYS A 805 7.14 -46.03 14.76
N ASN A 806 6.42 -45.03 15.27
CA ASN A 806 5.80 -44.02 14.40
C ASN A 806 6.83 -43.03 13.84
N ILE A 807 7.67 -42.49 14.72
CA ILE A 807 8.71 -41.55 14.27
C ILE A 807 9.62 -42.25 13.27
N ALA A 808 10.04 -43.47 13.61
CA ALA A 808 10.98 -44.23 12.80
C ALA A 808 10.47 -44.58 11.41
N ALA A 809 9.14 -44.59 11.24
CA ALA A 809 8.48 -44.93 9.99
C ALA A 809 7.91 -43.70 9.25
N SER A 810 8.27 -42.50 9.68
CA SER A 810 7.66 -41.28 9.12
C SER A 810 8.42 -40.75 7.89
N GLY A 811 9.54 -41.37 7.54
CA GLY A 811 10.39 -40.88 6.45
C GLY A 811 9.72 -40.71 5.10
N LYS A 812 8.79 -41.60 4.77
CA LYS A 812 8.06 -41.52 3.52
C LYS A 812 7.35 -40.17 3.37
N PHE A 813 7.01 -39.55 4.49
CA PHE A 813 6.14 -38.37 4.46
C PHE A 813 6.88 -37.06 4.34
N SER A 814 8.17 -37.11 4.06
CA SER A 814 8.90 -35.92 3.66
C SER A 814 8.44 -35.47 2.29
N SER A 815 8.18 -34.17 2.15
CA SER A 815 7.84 -33.60 0.86
C SER A 815 9.02 -33.66 -0.09
N ASP A 816 10.23 -33.96 0.40
CA ASP A 816 11.36 -34.19 -0.51
C ASP A 816 11.11 -35.43 -1.36
N ARG A 817 10.54 -36.46 -0.72
CA ARG A 817 10.17 -37.68 -1.41
C ARG A 817 9.09 -37.38 -2.44
N THR A 818 8.06 -36.64 -2.02
CA THR A 818 6.97 -36.24 -2.90
C THR A 818 7.49 -35.48 -4.14
N ILE A 819 8.34 -34.47 -3.91
CA ILE A 819 8.83 -33.65 -5.00
C ILE A 819 9.69 -34.47 -5.97
N LYS A 820 10.52 -35.37 -5.45
CA LYS A 820 11.32 -36.25 -6.31
C LYS A 820 10.42 -37.04 -7.27
N GLU A 821 9.28 -37.52 -6.76
CA GLU A 821 8.32 -38.26 -7.58
C GLU A 821 7.64 -37.39 -8.65
N TYR A 822 7.19 -36.19 -8.27
CA TYR A 822 6.70 -35.22 -9.28
C TYR A 822 7.77 -34.94 -10.34
N ALA A 823 9.01 -34.73 -9.90
CA ALA A 823 10.10 -34.36 -10.80
C ALA A 823 10.33 -35.44 -11.86
N GLN A 824 10.43 -36.67 -11.38
CA GLN A 824 10.71 -37.84 -12.21
C GLN A 824 9.55 -38.17 -13.14
N ASN A 825 8.33 -38.22 -12.60
CA ASN A 825 7.19 -38.79 -13.32
C ASN A 825 6.22 -37.81 -13.96
N ILE A 826 6.35 -36.52 -13.65
CA ILE A 826 5.44 -35.52 -14.20
C ILE A 826 6.20 -34.39 -14.90
N TRP A 827 7.14 -33.76 -14.20
CA TRP A 827 7.83 -32.59 -14.75
C TRP A 827 8.99 -32.93 -15.67
N ASN A 828 9.55 -34.12 -15.52
CA ASN A 828 10.76 -34.52 -16.23
C ASN A 828 11.96 -33.60 -15.94
N VAL A 829 12.21 -33.37 -14.66
CA VAL A 829 13.38 -32.60 -14.21
C VAL A 829 14.18 -33.41 -13.20
N GLU A 830 15.42 -33.00 -12.98
CA GLU A 830 16.36 -33.70 -12.12
C GLU A 830 16.78 -32.88 -10.91
N PRO A 831 16.72 -33.46 -9.70
CA PRO A 831 17.36 -32.79 -8.56
C PRO A 831 18.84 -32.50 -8.83
N SER A 832 19.32 -31.35 -8.37
CA SER A 832 20.72 -30.93 -8.60
C SER A 832 21.43 -30.51 -7.32
N ASN B 25 36.05 10.30 -0.85
CA ASN B 25 34.56 10.36 -0.76
C ASN B 25 33.85 9.85 -2.04
N VAL B 26 34.42 10.13 -3.21
CA VAL B 26 33.85 9.58 -4.46
C VAL B 26 33.91 8.05 -4.45
N ALA B 27 35.05 7.50 -4.03
CA ALA B 27 35.22 6.05 -3.99
C ALA B 27 34.19 5.40 -3.06
N GLU B 28 33.95 6.00 -1.91
CA GLU B 28 32.98 5.43 -0.96
C GLU B 28 31.52 5.55 -1.43
N LEU B 29 31.18 6.65 -2.08
CA LEU B 29 29.87 6.79 -2.71
C LEU B 29 29.61 5.67 -3.73
N LYS B 30 30.61 5.36 -4.55
CA LYS B 30 30.47 4.30 -5.54
C LYS B 30 30.25 2.97 -4.86
N LYS B 31 31.07 2.67 -3.86
CA LYS B 31 30.90 1.47 -3.06
C LYS B 31 29.51 1.37 -2.44
N SER B 32 29.02 2.47 -1.85
CA SER B 32 27.68 2.49 -1.25
C SER B 32 26.58 2.27 -2.28
N PHE B 33 26.71 2.90 -3.45
CA PHE B 33 25.78 2.71 -4.57
C PHE B 33 25.71 1.22 -4.94
N ASN B 34 26.87 0.61 -5.12
CA ASN B 34 26.92 -0.79 -5.52
C ASN B 34 26.33 -1.72 -4.44
N ARG B 35 26.57 -1.38 -3.18
CA ARG B 35 25.99 -2.15 -2.07
C ARG B 35 24.47 -2.09 -2.07
N HIS B 36 23.92 -0.90 -2.28
CA HIS B 36 22.46 -0.75 -2.34
C HIS B 36 21.86 -1.45 -3.58
N LEU B 37 22.51 -1.33 -4.73
CA LEU B 37 22.03 -2.05 -5.92
C LEU B 37 21.91 -3.54 -5.62
N HIS B 38 22.90 -4.07 -4.91
CA HIS B 38 22.99 -5.49 -4.60
C HIS B 38 21.97 -5.89 -3.52
N PHE B 39 22.13 -5.31 -2.32
CA PHE B 39 21.33 -5.72 -1.17
C PHE B 39 19.93 -5.09 -1.08
N THR B 40 19.79 -3.84 -1.49
CA THR B 40 18.52 -3.13 -1.36
C THR B 40 17.63 -3.38 -2.58
N LEU B 41 18.21 -3.33 -3.77
CA LEU B 41 17.43 -3.56 -4.99
C LEU B 41 17.42 -5.04 -5.41
N VAL B 42 18.36 -5.82 -4.88
CA VAL B 42 18.45 -7.25 -5.16
C VAL B 42 18.63 -7.49 -6.65
N LYS B 43 19.61 -6.81 -7.21
CA LYS B 43 19.85 -6.83 -8.64
C LYS B 43 21.31 -6.99 -8.97
N ASP B 44 21.59 -7.85 -9.92
CA ASP B 44 22.86 -7.85 -10.60
C ASP B 44 22.79 -6.70 -11.60
N ARG B 45 23.91 -6.04 -11.80
CA ARG B 45 23.98 -4.94 -12.73
C ARG B 45 23.57 -5.37 -14.15
N ASN B 46 23.82 -6.64 -14.52
CA ASN B 46 23.37 -7.13 -15.84
C ASN B 46 21.86 -6.99 -16.12
N VAL B 47 21.04 -6.97 -15.07
CA VAL B 47 19.59 -6.81 -15.23
C VAL B 47 19.01 -5.61 -14.47
N ALA B 48 19.88 -4.69 -14.05
CA ALA B 48 19.45 -3.49 -13.38
C ALA B 48 18.75 -2.55 -14.36
N THR B 49 17.80 -1.78 -13.83
CA THR B 49 17.09 -0.77 -14.59
C THR B 49 17.54 0.64 -14.17
N THR B 50 17.16 1.62 -14.97
CA THR B 50 17.48 3.01 -14.65
C THR B 50 16.86 3.39 -13.30
N ARG B 51 15.63 2.94 -13.07
CA ARG B 51 14.94 3.13 -11.79
C ARG B 51 15.69 2.49 -10.62
N ASP B 52 16.26 1.31 -10.84
CA ASP B 52 17.11 0.65 -9.83
C ASP B 52 18.29 1.56 -9.45
N TYR B 53 18.91 2.15 -10.45
CA TYR B 53 20.07 3.02 -10.21
C TYR B 53 19.64 4.26 -9.43
N TYR B 54 18.50 4.85 -9.81
CA TYR B 54 17.96 5.98 -9.06
C TYR B 54 17.77 5.61 -7.58
N PHE B 55 17.15 4.46 -7.32
CA PHE B 55 16.91 4.03 -5.94
C PHE B 55 18.20 3.76 -5.17
N ALA B 56 19.18 3.14 -5.83
CA ALA B 56 20.48 2.86 -5.20
C ALA B 56 21.16 4.19 -4.78
N LEU B 57 21.10 5.18 -5.66
CA LEU B 57 21.63 6.51 -5.35
C LEU B 57 20.83 7.22 -4.24
N ALA B 58 19.50 7.16 -4.33
CA ALA B 58 18.64 7.75 -3.30
C ALA B 58 18.97 7.19 -1.92
N HIS B 59 19.09 5.87 -1.83
CA HIS B 59 19.43 5.27 -0.54
C HIS B 59 20.82 5.68 -0.07
N THR B 60 21.77 5.74 -1.00
CA THR B 60 23.13 6.18 -0.69
C THR B 60 23.11 7.57 -0.09
N VAL B 61 22.35 8.47 -0.70
CA VAL B 61 22.24 9.85 -0.22
C VAL B 61 21.49 9.95 1.12
N ARG B 62 20.36 9.26 1.25
CA ARG B 62 19.62 9.26 2.51
C ARG B 62 20.50 8.81 3.67
N ASP B 63 21.32 7.79 3.42
CA ASP B 63 22.20 7.24 4.45
C ASP B 63 23.06 8.34 5.05
N HIS B 64 23.44 9.33 4.24
CA HIS B 64 24.34 10.40 4.69
C HIS B 64 23.69 11.41 5.62
N LEU B 65 22.36 11.37 5.77
CA LEU B 65 21.71 12.31 6.70
C LEU B 65 21.10 11.65 7.94
N VAL B 66 21.15 10.32 8.03
CA VAL B 66 20.53 9.60 9.13
C VAL B 66 21.14 9.94 10.49
N GLY B 67 22.46 10.02 10.56
CA GLY B 67 23.13 10.40 11.81
C GLY B 67 22.66 11.74 12.33
N ARG B 68 22.63 12.73 11.47
CA ARG B 68 22.18 14.06 11.87
C ARG B 68 20.68 14.10 12.15
N TRP B 69 19.93 13.27 11.44
CA TRP B 69 18.49 13.17 11.69
C TRP B 69 18.23 12.68 13.11
N ILE B 70 18.89 11.57 13.48
CA ILE B 70 18.75 11.00 14.81
C ILE B 70 19.29 11.96 15.87
N ARG B 71 20.45 12.56 15.62
CA ARG B 71 21.07 13.46 16.59
C ARG B 71 20.28 14.77 16.74
N THR B 72 19.55 15.19 15.70
CA THR B 72 18.69 16.36 15.81
C THR B 72 17.53 16.09 16.77
N GLN B 73 16.91 14.92 16.65
CA GLN B 73 15.85 14.51 17.59
C GLN B 73 16.35 14.45 19.02
N GLN B 74 17.57 13.94 19.19
CA GLN B 74 18.18 13.87 20.52
C GLN B 74 18.43 15.26 21.07
N HIS B 75 18.99 16.13 20.24
CA HIS B 75 19.24 17.51 20.62
C HIS B 75 17.97 18.25 21.08
N TYR B 76 16.88 18.12 20.34
CA TYR B 76 15.62 18.75 20.74
C TYR B 76 15.08 18.18 22.05
N TYR B 77 15.21 16.88 22.25
CA TYR B 77 14.83 16.26 23.51
C TYR B 77 15.74 16.76 24.66
N ASP B 78 17.04 16.76 24.43
CA ASP B 78 18.01 17.14 25.47
C ASP B 78 17.87 18.62 25.86
N LYS B 79 17.76 19.51 24.89
CA LYS B 79 17.79 20.96 25.14
C LYS B 79 16.43 21.66 25.24
N CYS B 80 15.35 20.98 24.85
CA CYS B 80 14.00 21.53 24.95
C CYS B 80 13.80 22.92 24.33
N PRO B 81 14.25 23.14 23.08
CA PRO B 81 13.86 24.38 22.46
C PRO B 81 12.35 24.41 22.30
N LYS B 82 11.77 25.60 22.22
CA LYS B 82 10.38 25.72 21.83
C LYS B 82 10.27 25.18 20.40
N ARG B 83 9.27 24.34 20.17
CA ARG B 83 9.07 23.70 18.87
C ARG B 83 8.02 24.43 18.04
N VAL B 84 8.24 24.45 16.73
CA VAL B 84 7.31 25.03 15.79
C VAL B 84 6.70 23.91 14.95
N TYR B 85 5.38 23.88 14.95
CA TYR B 85 4.65 22.89 14.19
C TYR B 85 3.88 23.58 13.06
N TYR B 86 4.29 23.31 11.82
CA TYR B 86 3.65 23.90 10.65
C TYR B 86 2.61 22.94 10.11
N LEU B 87 1.35 23.28 10.36
CA LEU B 87 0.21 22.39 10.07
C LEU B 87 -0.49 22.83 8.80
N SER B 88 -0.45 21.96 7.79
CA SER B 88 -0.90 22.29 6.43
C SER B 88 -1.51 21.06 5.79
N LEU B 89 -2.55 21.26 4.99
CA LEU B 89 -3.15 20.17 4.19
C LEU B 89 -2.29 19.89 2.97
N GLU B 90 -1.31 20.77 2.70
CA GLU B 90 -0.46 20.69 1.50
C GLU B 90 1.03 20.92 1.77
N PHE B 91 1.85 20.04 1.19
CA PHE B 91 3.32 20.24 1.09
C PHE B 91 3.75 19.92 -0.35
N TYR B 92 4.04 20.98 -1.11
CA TYR B 92 4.31 20.88 -2.56
C TYR B 92 5.82 20.74 -2.72
N MET B 93 6.31 19.53 -2.46
CA MET B 93 7.72 19.32 -2.18
C MET B 93 8.58 19.13 -3.43
N GLY B 94 7.96 18.72 -4.54
CA GLY B 94 8.73 18.38 -5.74
C GLY B 94 9.58 17.15 -5.50
N ARG B 95 10.72 17.07 -6.19
CA ARG B 95 11.66 15.96 -6.04
C ARG B 95 12.63 16.24 -4.89
N THR B 96 13.15 15.17 -4.30
CA THR B 96 14.00 15.29 -3.11
C THR B 96 15.50 15.02 -3.36
N LEU B 97 15.85 14.24 -4.38
CA LEU B 97 17.24 13.75 -4.49
C LEU B 97 18.28 14.88 -4.63
N GLN B 98 18.09 15.73 -5.64
CA GLN B 98 19.05 16.79 -5.91
C GLN B 98 19.08 17.80 -4.75
N ASN B 99 17.92 18.13 -4.21
CA ASN B 99 17.84 19.07 -3.09
C ASN B 99 18.62 18.55 -1.88
N THR B 100 18.51 17.25 -1.62
CA THR B 100 19.21 16.63 -0.51
C THR B 100 20.72 16.61 -0.77
N MET B 101 21.13 16.22 -1.96
CA MET B 101 22.55 16.26 -2.31
C MET B 101 23.15 17.64 -2.10
N ILE B 102 22.46 18.67 -2.55
CA ILE B 102 22.92 20.05 -2.42
C ILE B 102 23.02 20.47 -0.96
N ASN B 103 21.98 20.21 -0.18
CA ASN B 103 21.98 20.64 1.21
C ASN B 103 23.01 19.90 2.07
N LEU B 104 23.36 18.67 1.70
CA LEU B 104 24.42 17.93 2.40
C LEU B 104 25.82 18.15 1.81
N GLY B 105 25.92 18.93 0.73
CA GLY B 105 27.23 19.21 0.11
C GLY B 105 27.79 18.06 -0.69
N LEU B 106 26.92 17.17 -1.15
CA LEU B 106 27.33 15.93 -1.81
C LEU B 106 27.19 15.93 -3.33
N GLN B 107 26.64 16.99 -3.92
CA GLN B 107 26.25 16.93 -5.32
C GLN B 107 27.41 16.65 -6.27
N ASN B 108 28.50 17.41 -6.13
CA ASN B 108 29.63 17.25 -7.02
C ASN B 108 30.25 15.85 -6.90
N ALA B 109 30.39 15.35 -5.68
CA ALA B 109 30.97 14.01 -5.47
C ALA B 109 30.06 12.89 -6.01
N CYS B 110 28.76 13.02 -5.80
CA CYS B 110 27.78 12.08 -6.39
C CYS B 110 27.78 12.13 -7.93
N ASP B 111 27.84 13.33 -8.50
N ASP B 111 27.85 13.33 -8.51
CA ASP B 111 27.93 13.51 -9.95
CA ASP B 111 27.92 13.46 -9.97
C ASP B 111 29.12 12.70 -10.48
C ASP B 111 29.13 12.68 -10.49
N GLU B 112 30.28 12.86 -9.86
CA GLU B 112 31.50 12.17 -10.26
C GLU B 112 31.43 10.64 -10.03
N ALA B 113 30.90 10.24 -8.88
CA ALA B 113 30.73 8.81 -8.59
C ALA B 113 29.86 8.12 -9.66
N ILE B 114 28.72 8.73 -9.98
CA ILE B 114 27.77 8.17 -10.94
C ILE B 114 28.39 8.14 -12.35
N TYR B 115 29.10 9.22 -12.69
CA TYR B 115 29.83 9.27 -13.95
C TYR B 115 30.83 8.13 -14.07
N GLN B 116 31.62 7.91 -13.02
CA GLN B 116 32.60 6.81 -13.02
C GLN B 116 31.96 5.43 -13.11
N LEU B 117 30.71 5.32 -12.67
CA LEU B 117 29.93 4.08 -12.78
C LEU B 117 29.32 3.92 -14.18
N GLY B 118 29.55 4.87 -15.07
CA GLY B 118 29.08 4.79 -16.46
C GLY B 118 27.63 5.23 -16.61
N LEU B 119 27.17 6.09 -15.71
CA LEU B 119 25.79 6.55 -15.71
C LEU B 119 25.77 8.07 -15.74
N ASP B 120 24.58 8.62 -15.92
CA ASP B 120 24.38 10.07 -15.94
C ASP B 120 23.40 10.44 -14.85
N ILE B 121 23.87 11.21 -13.88
CA ILE B 121 23.09 11.52 -12.70
C ILE B 121 21.80 12.29 -13.06
N GLU B 122 21.86 13.08 -14.12
CA GLU B 122 20.70 13.87 -14.55
C GLU B 122 19.59 12.95 -15.05
N GLU B 123 19.98 11.88 -15.70
CA GLU B 123 19.03 10.85 -16.11
C GLU B 123 18.38 10.14 -14.90
N LEU B 124 19.18 9.82 -13.89
CA LEU B 124 18.66 9.18 -12.68
C LEU B 124 17.71 10.12 -11.95
N GLU B 125 18.06 11.40 -11.89
CA GLU B 125 17.23 12.39 -11.21
C GLU B 125 15.85 12.49 -11.84
N GLU B 126 15.78 12.31 -13.16
CA GLU B 126 14.52 12.36 -13.88
C GLU B 126 13.57 11.20 -13.59
N ILE B 127 14.06 10.12 -12.98
CA ILE B 127 13.22 8.98 -12.62
C ILE B 127 12.27 9.31 -11.46
N GLU B 128 12.68 10.25 -10.61
CA GLU B 128 11.97 10.49 -9.36
C GLU B 128 10.64 11.17 -9.59
N GLU B 129 9.58 10.66 -8.96
CA GLU B 129 8.27 11.31 -9.01
C GLU B 129 8.28 12.53 -8.11
N ASP B 130 7.66 13.62 -8.53
CA ASP B 130 7.44 14.76 -7.63
C ASP B 130 6.54 14.30 -6.47
N ALA B 131 6.84 14.77 -5.26
CA ALA B 131 5.84 14.72 -4.19
C ALA B 131 4.94 15.93 -4.39
N GLY B 132 3.93 15.74 -5.24
CA GLY B 132 3.02 16.81 -5.68
C GLY B 132 1.85 16.96 -4.73
N LEU B 133 2.15 17.13 -3.45
CA LEU B 133 1.11 17.11 -2.42
C LEU B 133 0.58 18.50 -2.13
N GLY B 134 0.35 19.27 -3.18
CA GLY B 134 -0.22 20.60 -3.07
C GLY B 134 -0.70 21.09 -4.42
N ASN B 135 -1.36 22.24 -4.40
CA ASN B 135 -1.98 22.83 -5.57
C ASN B 135 -1.18 23.93 -6.25
N GLY B 136 -0.44 24.69 -5.45
CA GLY B 136 0.24 25.87 -5.96
C GLY B 136 0.96 26.59 -4.85
N GLY B 137 0.76 27.90 -4.76
CA GLY B 137 1.53 28.78 -3.86
C GLY B 137 1.52 28.44 -2.39
N LEU B 138 0.33 28.16 -1.89
CA LEU B 138 0.12 27.81 -0.49
C LEU B 138 0.93 26.57 -0.09
N GLY B 139 0.82 25.50 -0.88
CA GLY B 139 1.57 24.29 -0.63
C GLY B 139 3.07 24.45 -0.85
N ARG B 140 3.44 25.28 -1.83
CA ARG B 140 4.85 25.49 -2.09
C ARG B 140 5.48 26.34 -0.99
N LEU B 141 4.72 27.29 -0.44
CA LEU B 141 5.22 28.07 0.71
C LEU B 141 5.60 27.16 1.88
N ALA B 142 4.75 26.19 2.19
CA ALA B 142 5.01 25.20 3.23
C ALA B 142 6.33 24.49 2.99
N ALA B 143 6.58 24.09 1.74
CA ALA B 143 7.81 23.43 1.33
C ALA B 143 9.05 24.32 1.50
N CYS B 144 8.98 25.55 1.02
CA CYS B 144 10.10 26.48 1.16
C CYS B 144 10.36 26.72 2.63
N PHE B 145 9.30 26.88 3.41
CA PHE B 145 9.42 27.11 4.84
C PHE B 145 10.15 25.98 5.54
N LEU B 146 9.82 24.72 5.22
CA LEU B 146 10.51 23.59 5.84
C LEU B 146 12.01 23.69 5.60
N ASP B 147 12.39 24.01 4.37
CA ASP B 147 13.80 24.13 4.02
C ASP B 147 14.46 25.25 4.84
N SER B 148 13.79 26.39 4.90
CA SER B 148 14.32 27.56 5.64
C SER B 148 14.42 27.31 7.15
N MET B 149 13.39 26.71 7.72
CA MET B 149 13.39 26.41 9.15
C MET B 149 14.52 25.46 9.53
N ALA B 150 14.80 24.48 8.68
CA ALA B 150 15.90 23.55 8.94
C ALA B 150 17.26 24.25 8.78
N THR B 151 17.37 25.12 7.78
CA THR B 151 18.60 25.86 7.50
C THR B 151 18.91 26.83 8.65
N LEU B 152 17.88 27.38 9.25
CA LEU B 152 18.01 28.26 10.44
C LEU B 152 18.08 27.54 11.79
N GLY B 153 18.02 26.21 11.77
CA GLY B 153 18.16 25.43 13.00
C GLY B 153 17.00 25.49 13.97
N LEU B 154 15.80 25.81 13.47
CA LEU B 154 14.60 25.82 14.30
C LEU B 154 14.10 24.41 14.54
N ALA B 155 13.54 24.17 15.72
CA ALA B 155 12.99 22.86 16.08
C ALA B 155 11.58 22.74 15.48
N ALA B 156 11.54 22.54 14.17
CA ALA B 156 10.32 22.70 13.40
C ALA B 156 9.95 21.38 12.72
N TYR B 157 8.68 20.99 12.81
CA TYR B 157 8.16 19.86 12.06
C TYR B 157 6.99 20.31 11.20
N GLY B 158 6.95 19.77 9.98
CA GLY B 158 5.79 19.91 9.12
C GLY B 158 4.85 18.74 9.36
N TYR B 159 3.57 19.05 9.48
CA TYR B 159 2.55 18.03 9.63
C TYR B 159 1.49 18.15 8.54
N GLY B 160 1.24 17.04 7.84
CA GLY B 160 0.30 17.03 6.72
C GLY B 160 -0.29 15.66 6.46
N ILE B 161 -0.87 15.48 5.27
CA ILE B 161 -1.44 14.21 4.85
C ILE B 161 -0.57 13.62 3.75
N ARG B 162 -0.27 12.33 3.88
CA ARG B 162 0.40 11.56 2.84
C ARG B 162 -0.67 11.09 1.88
N TYR B 163 -1.03 11.94 0.94
CA TYR B 163 -2.01 11.56 -0.09
C TYR B 163 -1.43 10.45 -0.95
N GLU B 164 -2.22 9.41 -1.21
CA GLU B 164 -1.75 8.37 -2.12
C GLU B 164 -1.60 8.92 -3.54
N TYR B 165 -2.45 9.90 -3.88
CA TYR B 165 -2.44 10.57 -5.16
C TYR B 165 -2.35 12.07 -4.93
N GLY B 166 -1.32 12.70 -5.47
CA GLY B 166 -1.19 14.14 -5.37
C GLY B 166 -1.99 14.84 -6.44
N ILE B 167 -1.57 16.08 -6.75
CA ILE B 167 -2.20 16.85 -7.80
C ILE B 167 -2.08 16.06 -9.11
N PHE B 168 -3.21 15.91 -9.80
CA PHE B 168 -3.30 15.09 -11.01
C PHE B 168 -2.20 15.39 -12.02
N ASN B 169 -1.75 14.36 -12.73
CA ASN B 169 -0.93 14.59 -13.92
C ASN B 169 -1.81 15.15 -15.06
N GLN B 170 -1.37 16.27 -15.64
CA GLN B 170 -2.13 16.92 -16.69
C GLN B 170 -1.62 16.46 -18.05
N LYS B 171 -2.52 15.95 -18.88
CA LYS B 171 -2.22 15.70 -20.30
C LYS B 171 -3.07 16.64 -21.12
N ILE B 172 -2.64 16.94 -22.34
CA ILE B 172 -3.47 17.71 -23.27
C ILE B 172 -3.88 16.79 -24.40
N ARG B 173 -5.19 16.65 -24.62
CA ARG B 173 -5.72 15.77 -25.65
C ARG B 173 -6.68 16.58 -26.50
N ASP B 174 -6.37 16.67 -27.78
CA ASP B 174 -7.14 17.53 -28.66
C ASP B 174 -7.23 18.96 -28.16
N GLY B 175 -6.15 19.43 -27.55
CA GLY B 175 -6.08 20.78 -27.04
C GLY B 175 -6.75 21.02 -25.71
N TRP B 176 -7.28 19.96 -25.08
CA TRP B 176 -8.01 20.08 -23.80
C TRP B 176 -7.22 19.42 -22.69
N GLN B 177 -7.34 19.94 -21.48
CA GLN B 177 -6.76 19.28 -20.33
C GLN B 177 -7.51 17.98 -20.10
N VAL B 178 -6.76 16.92 -19.85
CA VAL B 178 -7.33 15.69 -19.31
C VAL B 178 -6.50 15.31 -18.07
N GLU B 179 -7.17 14.77 -17.06
CA GLU B 179 -6.53 14.45 -15.79
C GLU B 179 -6.18 12.96 -15.72
N GLU B 180 -4.97 12.64 -15.24
CA GLU B 180 -4.58 11.27 -14.91
C GLU B 180 -4.18 11.22 -13.45
N ALA B 181 -4.42 10.07 -12.81
CA ALA B 181 -4.08 9.89 -11.40
C ALA B 181 -2.58 10.00 -11.24
N ASP B 182 -2.17 10.79 -10.25
CA ASP B 182 -0.77 10.97 -9.89
C ASP B 182 -0.35 9.86 -8.93
N ASP B 183 0.06 8.73 -9.50
CA ASP B 183 0.35 7.51 -8.75
C ASP B 183 1.80 7.53 -8.32
N TRP B 184 2.14 8.55 -7.53
CA TRP B 184 3.54 8.83 -7.23
C TRP B 184 4.24 7.80 -6.35
N LEU B 185 3.46 6.98 -5.65
CA LEU B 185 4.03 5.97 -4.74
C LEU B 185 4.08 4.58 -5.37
N ARG B 186 3.77 4.50 -6.66
CA ARG B 186 3.67 3.21 -7.33
C ARG B 186 4.90 2.34 -7.11
N TYR B 187 6.08 2.92 -7.22
CA TYR B 187 7.31 2.16 -7.07
C TYR B 187 8.01 2.36 -5.73
N GLY B 188 7.31 3.01 -4.80
CA GLY B 188 7.84 3.22 -3.46
C GLY B 188 8.43 4.61 -3.36
N ASN B 189 8.76 5.02 -2.14
CA ASN B 189 9.34 6.33 -1.86
C ASN B 189 10.52 6.09 -0.94
N PRO B 190 11.75 6.31 -1.43
CA PRO B 190 12.90 6.03 -0.59
C PRO B 190 13.16 7.12 0.45
N TRP B 191 12.38 8.21 0.41
CA TRP B 191 12.57 9.37 1.28
C TRP B 191 11.55 9.45 2.42
N GLU B 192 10.89 8.34 2.75
CA GLU B 192 9.96 8.32 3.88
C GLU B 192 10.26 7.08 4.70
N LYS B 193 9.91 7.13 5.98
CA LYS B 193 9.95 5.95 6.85
C LYS B 193 8.61 5.86 7.58
N SER B 194 7.88 4.78 7.37
CA SER B 194 6.63 4.53 8.09
C SER B 194 6.99 4.31 9.54
N ARG B 195 6.18 4.87 10.43
CA ARG B 195 6.31 4.62 11.85
C ARG B 195 4.96 4.15 12.42
N PRO B 196 4.48 2.95 12.02
CA PRO B 196 3.20 2.42 12.56
C PRO B 196 3.08 2.37 14.10
N GLU B 197 4.22 2.34 14.78
N GLU B 197 4.19 2.37 14.82
CA GLU B 197 4.33 2.44 16.25
CA GLU B 197 4.16 2.37 16.28
C GLU B 197 3.65 3.69 16.81
C GLU B 197 3.77 3.74 16.89
N PHE B 198 3.76 4.77 16.06
CA PHE B 198 3.25 6.07 16.47
C PHE B 198 1.84 6.33 15.90
N MET B 199 1.20 5.29 15.40
CA MET B 199 -0.15 5.36 14.87
C MET B 199 -1.12 5.83 15.95
N LEU B 200 -2.08 6.65 15.56
CA LEU B 200 -3.04 7.25 16.51
C LEU B 200 -4.48 7.14 15.98
N PRO B 201 -5.45 6.99 16.89
CA PRO B 201 -6.84 6.92 16.48
C PRO B 201 -7.48 8.30 16.29
N VAL B 202 -8.27 8.43 15.24
CA VAL B 202 -9.07 9.63 14.96
C VAL B 202 -10.54 9.22 14.95
N HIS B 203 -11.39 10.03 15.59
CA HIS B 203 -12.80 9.69 15.75
C HIS B 203 -13.71 10.52 14.88
N PHE B 204 -14.80 9.89 14.41
CA PHE B 204 -15.79 10.55 13.59
C PHE B 204 -17.20 10.13 13.98
N TYR B 205 -18.17 10.99 13.65
CA TYR B 205 -19.59 10.72 13.90
C TYR B 205 -19.84 10.58 15.41
N GLY B 206 -20.58 9.57 15.83
CA GLY B 206 -20.86 9.36 17.23
C GLY B 206 -21.81 10.41 17.82
N LYS B 207 -21.80 10.50 19.13
CA LYS B 207 -22.71 11.38 19.86
C LYS B 207 -22.07 11.82 21.17
N VAL B 208 -22.67 12.83 21.79
CA VAL B 208 -22.10 13.47 22.97
C VAL B 208 -23.02 13.31 24.21
N GLU B 209 -22.43 12.96 25.35
CA GLU B 209 -23.11 12.94 26.63
C GLU B 209 -22.39 13.86 27.60
N HIS B 210 -23.16 14.67 28.32
CA HIS B 210 -22.63 15.61 29.28
C HIS B 210 -22.79 15.02 30.69
N THR B 211 -21.81 14.19 31.06
CA THR B 211 -21.90 13.36 32.27
C THR B 211 -21.31 14.09 33.49
N ASN B 212 -21.51 13.51 34.67
CA ASN B 212 -20.93 14.06 35.90
C ASN B 212 -19.43 13.83 36.07
N THR B 213 -18.78 13.17 35.11
CA THR B 213 -17.32 13.10 35.04
C THR B 213 -16.76 13.87 33.83
N GLY B 214 -17.60 14.68 33.19
CA GLY B 214 -17.23 15.43 32.00
C GLY B 214 -18.01 15.05 30.75
N THR B 215 -17.78 15.81 29.68
CA THR B 215 -18.41 15.53 28.41
C THR B 215 -17.70 14.36 27.72
N LYS B 216 -18.48 13.39 27.24
CA LYS B 216 -17.95 12.22 26.57
C LYS B 216 -18.45 12.15 25.13
N TRP B 217 -17.51 11.91 24.21
CA TRP B 217 -17.84 11.76 22.80
C TRP B 217 -17.75 10.25 22.55
N ILE B 218 -18.90 9.61 22.34
CA ILE B 218 -18.99 8.16 22.35
C ILE B 218 -19.63 7.63 21.08
N ASP B 219 -19.60 6.31 20.91
N ASP B 219 -19.57 6.31 20.91
CA ASP B 219 -20.18 5.62 19.75
CA ASP B 219 -20.18 5.62 19.76
C ASP B 219 -19.60 6.09 18.42
C ASP B 219 -19.61 6.10 18.42
N THR B 220 -18.33 6.47 18.42
CA THR B 220 -17.69 7.03 17.23
C THR B 220 -17.20 5.91 16.30
N GLN B 221 -16.96 6.26 15.06
CA GLN B 221 -16.17 5.43 14.14
C GLN B 221 -14.71 5.87 14.22
N VAL B 222 -13.81 4.91 14.21
CA VAL B 222 -12.38 5.18 14.34
C VAL B 222 -11.67 4.93 13.01
N VAL B 223 -10.77 5.86 12.67
CA VAL B 223 -9.84 5.71 11.56
C VAL B 223 -8.45 5.89 12.17
N LEU B 224 -7.52 5.02 11.81
CA LEU B 224 -6.17 5.15 12.34
C LEU B 224 -5.33 6.06 11.46
N ALA B 225 -4.42 6.80 12.08
CA ALA B 225 -3.48 7.68 11.36
C ALA B 225 -2.06 7.14 11.55
N LEU B 226 -1.48 6.64 10.46
CA LEU B 226 -0.14 6.06 10.44
C LEU B 226 0.82 7.12 9.90
N PRO B 227 1.82 7.53 10.70
CA PRO B 227 2.71 8.59 10.23
C PRO B 227 3.88 8.07 9.40
N TYR B 228 4.21 8.81 8.34
CA TYR B 228 5.40 8.61 7.55
C TYR B 228 6.31 9.83 7.69
N ASP B 229 7.57 9.57 8.03
CA ASP B 229 8.57 10.63 8.27
C ASP B 229 9.52 10.80 7.09
N THR B 230 9.66 12.05 6.65
CA THR B 230 10.58 12.41 5.59
C THR B 230 11.57 13.42 6.17
N PRO B 231 12.86 13.22 5.90
CA PRO B 231 13.88 14.13 6.46
C PRO B 231 13.91 15.46 5.72
N VAL B 232 14.17 16.52 6.47
CA VAL B 232 14.24 17.87 5.95
C VAL B 232 15.62 18.42 6.34
N PRO B 233 16.61 18.26 5.43
CA PRO B 233 17.96 18.67 5.74
C PRO B 233 18.13 20.19 5.63
N GLY B 234 18.73 20.78 6.66
CA GLY B 234 19.15 22.17 6.55
C GLY B 234 20.25 22.29 5.50
N TYR B 235 20.42 23.49 4.95
CA TYR B 235 21.54 23.71 4.02
C TYR B 235 22.86 23.81 4.79
N MET B 236 23.72 22.81 4.60
CA MET B 236 25.09 22.82 5.14
C MET B 236 25.13 23.17 6.62
N ASN B 237 24.43 22.38 7.41
CA ASN B 237 24.48 22.50 8.86
C ASN B 237 24.21 21.14 9.47
N ASN B 238 23.93 21.10 10.76
CA ASN B 238 23.78 19.82 11.42
C ASN B 238 22.32 19.42 11.63
N THR B 239 21.39 20.19 11.06
CA THR B 239 19.97 20.01 11.34
C THR B 239 19.32 19.18 10.26
N VAL B 240 18.63 18.13 10.70
CA VAL B 240 17.70 17.42 9.82
C VAL B 240 16.38 17.32 10.60
N ASN B 241 15.43 18.12 10.16
CA ASN B 241 14.10 18.18 10.75
C ASN B 241 13.23 17.13 10.06
N THR B 242 11.95 17.12 10.38
CA THR B 242 11.04 16.08 9.90
C THR B 242 9.76 16.67 9.33
N MET B 243 9.30 16.08 8.22
CA MET B 243 7.96 16.26 7.71
C MET B 243 7.23 14.97 8.02
N ARG B 244 6.22 15.04 8.88
CA ARG B 244 5.44 13.87 9.26
C ARG B 244 4.07 13.95 8.59
N LEU B 245 3.83 12.99 7.70
CA LEU B 245 2.61 12.96 6.91
C LEU B 245 1.80 11.73 7.30
N TRP B 246 0.51 11.94 7.53
CA TRP B 246 -0.37 10.89 8.03
C TRP B 246 -1.13 10.17 6.92
N SER B 247 -1.23 8.85 7.06
CA SER B 247 -1.96 8.02 6.13
C SER B 247 -3.09 7.26 6.89
N ALA B 248 -4.28 7.21 6.29
CA ALA B 248 -5.46 6.65 6.95
C ALA B 248 -5.49 5.14 6.79
N ARG B 249 -5.80 4.44 7.89
CA ARG B 249 -5.94 2.99 7.88
C ARG B 249 -7.20 2.59 8.64
N ALA B 250 -7.83 1.48 8.25
CA ALA B 250 -8.98 0.97 9.01
C ALA B 250 -8.50 0.30 10.31
N PRO B 251 -9.28 0.41 11.40
CA PRO B 251 -8.92 -0.29 12.63
C PRO B 251 -9.15 -1.80 12.50
N ASN B 252 -8.50 -2.60 13.34
CA ASN B 252 -8.60 -4.06 13.20
C ASN B 252 -9.48 -4.74 14.24
N ASP B 253 -9.57 -4.13 15.42
CA ASP B 253 -10.21 -4.75 16.58
C ASP B 253 -11.70 -5.00 16.37
N PHE B 254 -12.15 -6.19 16.71
CA PHE B 254 -13.58 -6.49 16.75
C PHE B 254 -14.25 -5.61 17.80
N ASN B 255 -15.39 -5.02 17.43
CA ASN B 255 -16.23 -4.27 18.35
C ASN B 255 -17.54 -5.01 18.50
N LEU B 256 -18.01 -5.21 19.74
CA LEU B 256 -19.26 -5.93 19.96
C LEU B 256 -20.40 -5.32 19.13
N ARG B 257 -20.33 -4.00 18.87
CA ARG B 257 -21.24 -3.34 17.93
C ARG B 257 -21.25 -3.96 16.53
N ASP B 258 -20.19 -4.69 16.19
CA ASP B 258 -20.16 -5.49 14.95
C ASP B 258 -20.94 -6.78 15.17
N GLY B 262 -23.30 -9.74 8.24
CA GLY B 262 -22.77 -9.13 7.02
C GLY B 262 -21.77 -10.02 6.30
N ASP B 263 -21.63 -9.80 4.99
CA ASP B 263 -20.70 -10.55 4.19
C ASP B 263 -19.27 -10.22 4.62
N TYR B 264 -18.49 -11.25 4.97
CA TYR B 264 -17.09 -11.08 5.39
C TYR B 264 -16.26 -10.40 4.31
N ILE B 265 -16.35 -10.87 3.07
CA ILE B 265 -15.55 -10.28 1.99
C ILE B 265 -15.86 -8.79 1.83
N GLN B 266 -17.14 -8.44 1.81
CA GLN B 266 -17.53 -7.03 1.65
C GLN B 266 -17.04 -6.17 2.82
N ALA B 267 -17.08 -6.74 4.02
CA ALA B 267 -16.57 -6.05 5.20
C ALA B 267 -15.10 -5.70 5.05
N VAL B 268 -14.32 -6.62 4.52
CA VAL B 268 -12.91 -6.39 4.31
C VAL B 268 -12.71 -5.33 3.22
N LEU B 269 -13.43 -5.45 2.10
CA LEU B 269 -13.37 -4.44 1.04
C LEU B 269 -13.76 -3.06 1.54
N ASP B 270 -14.74 -3.01 2.42
CA ASP B 270 -15.22 -1.73 2.98
C ASP B 270 -14.19 -0.99 3.85
N ARG B 271 -13.08 -1.66 4.23
CA ARG B 271 -11.95 -0.96 4.83
C ARG B 271 -11.43 0.18 3.95
N ASN B 272 -11.70 0.09 2.64
CA ASN B 272 -11.35 1.14 1.67
C ASN B 272 -11.95 2.48 2.04
N LEU B 273 -13.13 2.48 2.65
CA LEU B 273 -13.84 3.72 2.96
C LEU B 273 -13.10 4.59 3.98
N ALA B 274 -12.54 3.97 5.01
CA ALA B 274 -11.69 4.67 6.00
C ALA B 274 -10.41 5.15 5.34
N GLU B 275 -9.81 4.27 4.54
CA GLU B 275 -8.56 4.55 3.88
C GLU B 275 -8.69 5.63 2.80
N ASN B 276 -9.91 5.84 2.28
CA ASN B 276 -10.15 6.92 1.33
C ASN B 276 -9.87 8.32 1.88
N ILE B 277 -9.83 8.49 3.20
CA ILE B 277 -9.61 9.82 3.76
C ILE B 277 -8.28 10.41 3.26
N SER B 278 -7.22 9.61 3.19
CA SER B 278 -5.93 10.11 2.66
C SER B 278 -5.67 9.71 1.20
N ARG B 279 -6.69 9.39 0.43
CA ARG B 279 -6.46 8.85 -0.90
C ARG B 279 -5.94 9.90 -1.88
N VAL B 280 -6.56 11.08 -1.90
CA VAL B 280 -6.29 12.04 -2.97
C VAL B 280 -6.42 13.49 -2.49
N LEU B 281 -5.47 14.30 -2.94
CA LEU B 281 -5.50 15.73 -2.73
C LEU B 281 -6.64 16.36 -3.51
N TYR B 282 -7.43 17.19 -2.83
CA TYR B 282 -8.44 17.98 -3.53
C TYR B 282 -7.73 19.01 -4.43
N PRO B 283 -7.98 18.95 -5.76
CA PRO B 283 -7.16 19.70 -6.71
C PRO B 283 -7.63 21.13 -6.98
N ASN B 284 -8.21 21.78 -5.98
CA ASN B 284 -8.72 23.12 -6.12
C ASN B 284 -7.71 24.12 -5.58
N ASP B 285 -7.41 25.13 -6.39
CA ASP B 285 -6.53 26.22 -5.98
C ASP B 285 -7.40 27.46 -5.74
N ASN B 286 -7.38 28.00 -4.53
CA ASN B 286 -8.17 29.19 -4.20
C ASN B 286 -9.65 29.00 -4.47
N PHE B 287 -10.20 27.88 -4.03
CA PHE B 287 -11.60 27.60 -4.28
C PHE B 287 -12.10 26.59 -3.26
N PHE B 288 -13.18 26.96 -2.58
CA PHE B 288 -13.75 26.11 -1.55
C PHE B 288 -14.82 25.20 -2.13
N GLU B 289 -14.66 23.91 -1.86
CA GLU B 289 -15.63 22.88 -2.20
C GLU B 289 -15.98 22.18 -0.89
N GLY B 290 -17.19 22.40 -0.40
CA GLY B 290 -17.62 21.85 0.88
C GLY B 290 -18.01 20.38 0.88
N LYS B 291 -17.10 19.51 0.44
CA LYS B 291 -17.36 18.07 0.41
C LYS B 291 -17.05 17.43 1.76
N GLU B 292 -17.87 16.47 2.17
CA GLU B 292 -17.65 15.81 3.46
C GLU B 292 -16.27 15.13 3.53
N LEU B 293 -15.80 14.59 2.42
CA LEU B 293 -14.51 13.90 2.44
C LEU B 293 -13.39 14.89 2.77
N ARG B 294 -13.49 16.08 2.21
CA ARG B 294 -12.52 17.13 2.51
C ARG B 294 -12.55 17.51 3.98
N LEU B 295 -13.76 17.59 4.56
CA LEU B 295 -13.89 17.90 6.00
C LEU B 295 -13.25 16.80 6.83
N LYS B 296 -13.43 15.55 6.42
CA LYS B 296 -12.78 14.44 7.10
C LYS B 296 -11.26 14.57 7.02
N GLN B 297 -10.74 14.97 5.86
CA GLN B 297 -9.30 15.18 5.72
C GLN B 297 -8.79 16.22 6.71
N GLU B 298 -9.50 17.34 6.77
CA GLU B 298 -9.13 18.44 7.66
C GLU B 298 -9.12 17.99 9.13
N TYR B 299 -10.16 17.29 9.57
CA TYR B 299 -10.15 16.81 10.95
C TYR B 299 -9.09 15.72 11.19
N PHE B 300 -8.95 14.81 10.23
CA PHE B 300 -7.95 13.72 10.30
C PHE B 300 -6.54 14.25 10.61
N VAL B 301 -6.08 15.23 9.83
CA VAL B 301 -4.73 15.75 10.00
C VAL B 301 -4.57 16.50 11.33
N VAL B 302 -5.60 17.24 11.70
CA VAL B 302 -5.64 18.02 12.94
C VAL B 302 -5.62 17.10 14.17
N ALA B 303 -6.46 16.07 14.16
CA ALA B 303 -6.58 15.20 15.34
C ALA B 303 -5.32 14.38 15.57
N ALA B 304 -4.75 13.80 14.52
CA ALA B 304 -3.54 13.03 14.65
C ALA B 304 -2.37 13.93 15.07
N THR B 305 -2.26 15.07 14.43
CA THR B 305 -1.15 16.00 14.71
C THR B 305 -1.17 16.50 16.16
N LEU B 306 -2.34 16.96 16.63
CA LEU B 306 -2.40 17.49 18.00
C LEU B 306 -2.10 16.39 19.03
N GLN B 307 -2.60 15.19 18.82
CA GLN B 307 -2.29 14.08 19.72
C GLN B 307 -0.81 13.80 19.78
N ASP B 308 -0.17 13.82 18.61
CA ASP B 308 1.25 13.56 18.51
C ASP B 308 2.06 14.64 19.24
N ILE B 309 1.69 15.89 19.03
CA ILE B 309 2.31 17.03 19.70
C ILE B 309 2.17 16.90 21.22
N ILE B 310 0.99 16.58 21.68
CA ILE B 310 0.75 16.44 23.13
C ILE B 310 1.55 15.26 23.71
N ARG B 311 1.56 14.14 22.99
CA ARG B 311 2.41 13.00 23.38
C ARG B 311 3.88 13.40 23.50
N ARG B 312 4.41 14.14 22.53
CA ARG B 312 5.81 14.56 22.56
C ARG B 312 6.04 15.54 23.73
N PHE B 313 5.08 16.43 23.95
CA PHE B 313 5.17 17.37 25.08
C PHE B 313 5.23 16.64 26.42
N LYS B 314 4.33 15.66 26.61
CA LYS B 314 4.32 14.89 27.87
C LYS B 314 5.58 14.06 28.09
N ALA B 315 6.20 13.60 27.00
CA ALA B 315 7.41 12.79 27.09
C ALA B 315 8.63 13.67 27.31
N SER B 316 8.48 14.98 27.19
CA SER B 316 9.63 15.88 27.27
C SER B 316 10.00 16.09 28.74
N LYS B 317 11.05 16.87 28.96
CA LYS B 317 11.43 17.22 30.33
C LYS B 317 10.42 18.20 30.95
N PHE B 318 9.61 18.86 30.11
CA PHE B 318 8.48 19.68 30.58
C PHE B 318 7.17 18.91 30.81
N GLY B 319 7.16 17.62 30.49
CA GLY B 319 5.99 16.79 30.66
C GLY B 319 5.86 16.21 32.05
N GLY B 325 0.58 24.78 38.48
CA GLY B 325 1.78 23.97 38.22
C GLY B 325 1.41 22.70 37.49
N THR B 326 0.20 22.67 36.96
CA THR B 326 -0.27 21.52 36.23
C THR B 326 0.46 21.42 34.90
N VAL B 327 0.39 20.21 34.35
CA VAL B 327 1.17 19.78 33.19
C VAL B 327 1.33 20.82 32.09
N PHE B 328 0.26 21.51 31.74
CA PHE B 328 0.19 22.27 30.49
C PHE B 328 0.43 23.78 30.61
N ASP B 329 0.75 24.27 31.80
CA ASP B 329 1.09 25.69 31.95
C ASP B 329 2.23 26.12 31.02
N ALA B 330 3.23 25.25 30.84
CA ALA B 330 4.38 25.56 29.98
C ALA B 330 4.13 25.27 28.49
N PHE B 331 2.95 24.76 28.16
CA PHE B 331 2.68 24.29 26.80
C PHE B 331 2.97 25.33 25.70
N PRO B 332 2.35 26.54 25.77
CA PRO B 332 2.67 27.56 24.74
C PRO B 332 4.09 28.17 24.80
N ASP B 333 4.84 27.91 25.87
CA ASP B 333 6.27 28.23 25.91
C ASP B 333 7.11 27.15 25.21
N GLN B 334 6.50 26.00 24.96
CA GLN B 334 7.20 24.87 24.37
C GLN B 334 6.64 24.44 22.99
N VAL B 335 5.49 25.03 22.63
CA VAL B 335 4.76 24.67 21.41
C VAL B 335 4.19 25.89 20.71
N ALA B 336 4.52 26.05 19.42
CA ALA B 336 3.80 26.94 18.52
C ALA B 336 3.20 26.10 17.39
N ILE B 337 1.92 26.34 17.06
CA ILE B 337 1.30 25.69 15.92
C ILE B 337 0.80 26.74 14.93
N GLN B 338 1.36 26.73 13.72
CA GLN B 338 0.96 27.65 12.67
C GLN B 338 -0.08 27.00 11.76
N LEU B 339 -1.20 27.67 11.58
CA LEU B 339 -2.27 27.22 10.71
C LEU B 339 -2.06 27.80 9.31
N ASN B 340 -1.77 26.92 8.36
CA ASN B 340 -1.62 27.32 6.96
C ASN B 340 -3.00 27.48 6.29
N ASP B 341 -3.50 28.73 6.28
CA ASP B 341 -4.87 29.01 5.84
C ASP B 341 -5.83 28.41 6.86
N THR B 342 -7.12 28.42 6.55
CA THR B 342 -8.14 27.94 7.49
C THR B 342 -8.38 26.44 7.39
N HIS B 343 -7.66 25.76 6.49
CA HIS B 343 -7.92 24.33 6.27
C HIS B 343 -7.74 23.50 7.55
N PRO B 344 -6.72 23.78 8.41
CA PRO B 344 -6.65 23.11 9.71
C PRO B 344 -7.26 23.89 10.89
N ALA B 345 -8.27 24.70 10.62
CA ALA B 345 -8.97 25.51 11.65
C ALA B 345 -9.54 24.68 12.80
N LEU B 346 -9.95 23.45 12.51
CA LEU B 346 -10.47 22.56 13.54
C LEU B 346 -9.46 22.23 14.65
N ALA B 347 -8.19 22.56 14.44
CA ALA B 347 -7.17 22.38 15.46
C ALA B 347 -7.53 23.16 16.73
N ILE B 348 -8.15 24.32 16.56
CA ILE B 348 -8.53 25.16 17.68
C ILE B 348 -9.55 24.44 18.61
N PRO B 349 -10.72 24.06 18.08
CA PRO B 349 -11.65 23.29 18.94
C PRO B 349 -11.15 21.90 19.38
N GLU B 350 -10.31 21.27 18.55
CA GLU B 350 -9.72 19.99 18.95
C GLU B 350 -8.81 20.14 20.14
N LEU B 351 -8.00 21.21 20.17
CA LEU B 351 -7.09 21.38 21.30
C LEU B 351 -7.89 21.66 22.57
N MET B 352 -8.93 22.48 22.44
CA MET B 352 -9.86 22.73 23.55
C MET B 352 -10.55 21.44 24.02
N ARG B 353 -10.99 20.61 23.09
CA ARG B 353 -11.60 19.32 23.41
C ARG B 353 -10.64 18.46 24.22
N ILE B 354 -9.40 18.34 23.74
CA ILE B 354 -8.39 17.55 24.45
C ILE B 354 -8.13 18.13 25.84
N PHE B 355 -7.92 19.45 25.93
CA PHE B 355 -7.61 20.10 27.22
C PHE B 355 -8.76 19.92 28.23
N VAL B 356 -9.98 20.20 27.78
CA VAL B 356 -11.14 20.15 28.67
C VAL B 356 -11.63 18.73 28.93
N ASP B 357 -11.96 18.00 27.86
CA ASP B 357 -12.59 16.67 27.99
C ASP B 357 -11.62 15.56 28.42
N ILE B 358 -10.36 15.65 27.99
CA ILE B 358 -9.41 14.58 28.29
C ILE B 358 -8.51 14.94 29.46
N GLU B 359 -7.91 16.13 29.41
CA GLU B 359 -6.93 16.54 30.40
C GLU B 359 -7.56 17.25 31.60
N LYS B 360 -8.86 17.56 31.50
CA LYS B 360 -9.66 18.10 32.61
C LYS B 360 -9.27 19.50 33.05
N LEU B 361 -8.77 20.31 32.11
CA LEU B 361 -8.52 21.70 32.41
C LEU B 361 -9.82 22.50 32.37
N PRO B 362 -9.92 23.54 33.22
CA PRO B 362 -11.06 24.44 33.13
C PRO B 362 -11.08 25.14 31.78
N TRP B 363 -12.26 25.46 31.28
CA TRP B 363 -12.41 26.15 29.99
C TRP B 363 -11.53 27.39 29.88
N SER B 364 -11.54 28.21 30.93
CA SER B 364 -10.77 29.46 30.90
C SER B 364 -9.29 29.22 30.70
N LYS B 365 -8.71 28.26 31.42
CA LYS B 365 -7.29 27.94 31.28
C LYS B 365 -6.98 27.36 29.88
N ALA B 366 -7.78 26.38 29.47
CA ALA B 366 -7.66 25.77 28.15
C ALA B 366 -7.66 26.84 27.06
N TRP B 367 -8.61 27.78 27.13
CA TRP B 367 -8.75 28.83 26.12
C TRP B 367 -7.57 29.79 26.09
N GLU B 368 -7.06 30.16 27.26
CA GLU B 368 -5.83 30.94 27.36
C GLU B 368 -4.67 30.23 26.65
N LEU B 369 -4.47 28.96 26.97
CA LEU B 369 -3.37 28.18 26.41
C LEU B 369 -3.53 28.00 24.89
N THR B 370 -4.76 27.75 24.46
CA THR B 370 -5.06 27.59 23.02
C THR B 370 -4.67 28.82 22.21
N GLN B 371 -5.13 29.98 22.65
CA GLN B 371 -4.82 31.22 21.95
C GLN B 371 -3.31 31.46 21.85
N LYS B 372 -2.59 31.17 22.93
N LYS B 372 -2.59 31.17 22.93
CA LYS B 372 -1.13 31.36 22.95
CA LYS B 372 -1.13 31.36 22.95
C LYS B 372 -0.39 30.34 22.09
C LYS B 372 -0.39 30.34 22.10
N THR B 373 -1.06 29.23 21.78
CA THR B 373 -0.46 28.16 20.97
C THR B 373 -0.57 28.44 19.46
N PHE B 374 -1.75 28.90 19.02
CA PHE B 374 -2.07 29.01 17.60
C PHE B 374 -1.80 30.39 17.00
N ALA B 375 -1.32 30.38 15.76
CA ALA B 375 -1.29 31.54 14.89
C ALA B 375 -1.81 31.13 13.51
N TYR B 376 -2.46 32.07 12.83
CA TYR B 376 -3.16 31.80 11.59
C TYR B 376 -2.61 32.66 10.45
N THR B 377 -2.30 32.00 9.33
CA THR B 377 -1.93 32.71 8.12
C THR B 377 -3.06 32.66 7.10
N ASN B 378 -3.53 33.85 6.73
CA ASN B 378 -4.53 34.05 5.69
C ASN B 378 -3.84 34.21 4.34
N HIS B 379 -4.32 33.48 3.34
CA HIS B 379 -3.70 33.47 2.01
C HIS B 379 -4.54 34.06 0.87
N THR B 380 -5.77 34.51 1.13
CA THR B 380 -6.53 35.11 0.02
C THR B 380 -7.74 35.88 0.51
N VAL B 381 -8.13 36.89 -0.24
CA VAL B 381 -9.38 37.60 0.04
C VAL B 381 -10.47 37.28 -0.99
N LEU B 382 -10.21 36.40 -1.95
CA LEU B 382 -11.23 36.05 -2.93
C LEU B 382 -12.33 35.23 -2.26
N PRO B 383 -13.59 35.68 -2.34
CA PRO B 383 -14.67 35.07 -1.56
C PRO B 383 -14.94 33.61 -1.88
N GLU B 384 -14.72 33.19 -3.13
CA GLU B 384 -14.94 31.80 -3.51
C GLU B 384 -13.96 30.83 -2.83
N ALA B 385 -12.89 31.36 -2.26
CA ALA B 385 -11.88 30.56 -1.57
C ALA B 385 -12.21 30.37 -0.08
N LEU B 386 -13.16 31.12 0.44
CA LEU B 386 -13.41 31.13 1.89
C LEU B 386 -14.11 29.85 2.36
N GLU B 387 -13.60 29.24 3.43
CA GLU B 387 -14.19 28.02 3.95
C GLU B 387 -15.34 28.35 4.89
N ARG B 388 -16.53 27.91 4.51
CA ARG B 388 -17.75 28.09 5.29
C ARG B 388 -18.45 26.74 5.30
N TRP B 389 -18.31 26.00 6.39
CA TRP B 389 -18.88 24.66 6.48
C TRP B 389 -20.30 24.69 7.04
N PRO B 390 -21.23 23.99 6.37
CA PRO B 390 -22.58 23.88 6.91
C PRO B 390 -22.61 23.28 8.32
N VAL B 391 -23.36 23.92 9.21
CA VAL B 391 -23.46 23.44 10.58
C VAL B 391 -24.04 22.03 10.66
N ASP B 392 -24.98 21.69 9.78
CA ASP B 392 -25.57 20.33 9.78
C ASP B 392 -24.51 19.26 9.49
N LEU B 393 -23.59 19.57 8.58
CA LEU B 393 -22.50 18.64 8.24
C LEU B 393 -21.56 18.47 9.43
N VAL B 394 -21.18 19.57 10.07
CA VAL B 394 -20.29 19.53 11.23
C VAL B 394 -20.99 18.85 12.42
N GLU B 395 -22.28 19.12 12.61
CA GLU B 395 -23.04 18.46 13.68
C GLU B 395 -23.00 16.93 13.56
N LYS B 396 -23.17 16.43 12.33
CA LYS B 396 -23.19 15.00 12.08
C LYS B 396 -21.82 14.38 12.29
N LEU B 397 -20.80 14.95 11.64
CA LEU B 397 -19.46 14.38 11.66
C LEU B 397 -18.68 14.62 12.96
N LEU B 398 -18.83 15.81 13.54
CA LEU B 398 -18.03 16.26 14.68
C LEU B 398 -18.88 16.99 15.73
N PRO B 399 -19.84 16.26 16.33
CA PRO B 399 -20.81 16.91 17.21
C PRO B 399 -20.18 17.65 18.40
N ARG B 400 -19.11 17.11 18.97
CA ARG B 400 -18.45 17.76 20.08
C ARG B 400 -17.73 19.03 19.65
N HIS B 401 -17.14 19.02 18.46
CA HIS B 401 -16.51 20.24 17.95
C HIS B 401 -17.51 21.37 17.66
N LEU B 402 -18.69 21.01 17.14
CA LEU B 402 -19.75 22.00 16.95
C LEU B 402 -20.13 22.64 18.29
N GLU B 403 -20.24 21.83 19.34
CA GLU B 403 -20.54 22.37 20.68
C GLU B 403 -19.48 23.35 21.11
N ILE B 404 -18.21 22.93 20.97
CA ILE B 404 -17.09 23.75 21.36
C ILE B 404 -17.07 25.06 20.55
N ILE B 405 -17.34 24.97 19.26
CA ILE B 405 -17.38 26.15 18.38
C ILE B 405 -18.51 27.10 18.83
N TYR B 406 -19.69 26.55 19.11
CA TYR B 406 -20.79 27.39 19.61
C TYR B 406 -20.41 28.08 20.93
N GLU B 407 -19.67 27.40 21.79
CA GLU B 407 -19.28 27.99 23.08
C GLU B 407 -18.23 29.09 22.92
N ILE B 408 -17.23 28.85 22.07
CA ILE B 408 -16.27 29.88 21.70
C ILE B 408 -17.03 31.10 21.18
N ASN B 409 -17.98 30.88 20.28
CA ASN B 409 -18.75 31.97 19.69
C ASN B 409 -19.59 32.76 20.70
N GLN B 410 -20.24 32.04 21.61
CA GLN B 410 -21.03 32.64 22.69
C GLN B 410 -20.19 33.57 23.56
N LYS B 411 -19.07 33.05 24.07
CA LYS B 411 -18.16 33.85 24.88
C LYS B 411 -17.60 35.05 24.09
N HIS B 412 -17.32 34.84 22.81
CA HIS B 412 -16.89 35.89 21.88
C HIS B 412 -17.96 36.98 21.71
N LEU B 413 -19.20 36.59 21.40
CA LEU B 413 -20.27 37.56 21.17
C LEU B 413 -20.71 38.26 22.47
N ASP B 414 -20.67 37.54 23.59
CA ASP B 414 -20.91 38.14 24.91
C ASP B 414 -19.98 39.33 25.12
N ARG B 415 -18.69 39.16 24.79
CA ARG B 415 -17.74 40.25 24.88
C ARG B 415 -18.13 41.43 23.99
N ILE B 416 -18.42 41.17 22.72
CA ILE B 416 -18.76 42.24 21.78
C ILE B 416 -19.98 43.04 22.27
N VAL B 417 -21.01 42.33 22.74
CA VAL B 417 -22.22 42.96 23.28
C VAL B 417 -21.88 43.87 24.47
N ALA B 418 -20.94 43.41 25.30
CA ALA B 418 -20.48 44.17 26.44
C ALA B 418 -19.81 45.49 26.03
N LEU B 419 -19.04 45.44 24.93
CA LEU B 419 -18.29 46.61 24.47
C LEU B 419 -19.08 47.53 23.54
N PHE B 420 -20.06 46.96 22.83
CA PHE B 420 -20.87 47.71 21.88
C PHE B 420 -22.35 47.32 22.04
N PRO B 421 -22.95 47.70 23.18
CA PRO B 421 -24.32 47.29 23.54
C PRO B 421 -25.40 47.53 22.48
N LYS B 422 -25.22 48.55 21.64
CA LYS B 422 -26.24 48.92 20.66
C LYS B 422 -26.00 48.32 19.27
N ASP B 423 -24.75 47.98 18.94
CA ASP B 423 -24.37 47.62 17.58
C ASP B 423 -24.80 46.19 17.23
N VAL B 424 -26.06 46.05 16.85
CA VAL B 424 -26.64 44.74 16.51
C VAL B 424 -25.98 44.13 15.26
N ASP B 425 -25.67 44.97 14.27
CA ASP B 425 -25.07 44.46 13.04
C ASP B 425 -23.64 43.96 13.22
N ARG B 426 -22.93 44.54 14.18
CA ARG B 426 -21.56 44.13 14.46
C ARG B 426 -21.53 42.70 15.00
N LEU B 427 -22.50 42.36 15.85
CA LEU B 427 -22.64 40.98 16.33
C LEU B 427 -22.80 40.02 15.16
N ARG B 428 -23.66 40.39 14.20
CA ARG B 428 -23.87 39.59 13.00
C ARG B 428 -22.57 39.45 12.21
N ARG B 429 -21.86 40.56 12.04
CA ARG B 429 -20.64 40.58 11.25
C ARG B 429 -19.52 39.74 11.86
N MET B 430 -19.42 39.74 13.19
CA MET B 430 -18.29 39.11 13.91
C MET B 430 -18.53 37.67 14.37
N SER B 431 -19.76 37.19 14.24
CA SER B 431 -20.10 35.85 14.68
C SER B 431 -19.32 34.80 13.87
N LEU B 432 -18.96 33.69 14.51
CA LEU B 432 -18.38 32.55 13.80
C LEU B 432 -19.46 31.83 12.97
N ILE B 433 -20.73 32.11 13.25
CA ILE B 433 -21.84 31.48 12.53
C ILE B 433 -22.51 32.50 11.60
N GLU B 434 -22.65 32.11 10.34
CA GLU B 434 -23.48 32.84 9.39
C GLU B 434 -24.85 32.19 9.38
N GLU B 435 -25.87 32.96 9.76
CA GLU B 435 -27.21 32.40 9.95
C GLU B 435 -28.12 32.53 8.72
N GLU B 436 -27.57 33.06 7.62
CA GLU B 436 -28.38 33.41 6.45
C GLU B 436 -28.91 32.18 5.69
N GLY B 437 -29.99 31.61 6.22
CA GLY B 437 -30.64 30.45 5.59
C GLY B 437 -29.94 29.18 6.01
N SER B 438 -29.11 28.65 5.11
CA SER B 438 -28.22 27.55 5.44
C SER B 438 -27.14 28.10 6.36
N LYS B 439 -27.16 27.65 7.62
CA LYS B 439 -26.23 28.16 8.60
C LYS B 439 -24.87 27.54 8.33
N ARG B 440 -23.83 28.37 8.37
CA ARG B 440 -22.45 27.95 8.09
C ARG B 440 -21.48 28.51 9.12
N ILE B 441 -20.37 27.81 9.29
CA ILE B 441 -19.31 28.25 10.19
C ILE B 441 -18.26 28.98 9.37
N ASN B 442 -17.96 30.21 9.76
CA ASN B 442 -16.92 31.01 9.14
C ASN B 442 -15.60 30.60 9.75
N MET B 443 -14.81 29.81 9.03
CA MET B 443 -13.60 29.22 9.61
C MET B 443 -12.51 30.27 9.84
N ALA B 444 -12.50 31.33 9.04
CA ALA B 444 -11.53 32.43 9.25
C ALA B 444 -11.78 33.08 10.60
N HIS B 445 -13.05 33.34 10.92
CA HIS B 445 -13.42 33.93 12.22
C HIS B 445 -12.98 33.03 13.38
N LEU B 446 -13.20 31.72 13.25
CA LEU B 446 -12.70 30.79 14.26
C LEU B 446 -11.18 30.94 14.43
N CYS B 447 -10.44 30.97 13.33
CA CYS B 447 -8.97 31.08 13.40
C CYS B 447 -8.53 32.39 14.05
N ILE B 448 -9.24 33.48 13.75
CA ILE B 448 -8.89 34.78 14.32
C ILE B 448 -9.08 34.77 15.85
N VAL B 449 -10.25 34.32 16.33
CA VAL B 449 -10.53 34.35 17.77
C VAL B 449 -9.66 33.36 18.54
N GLY B 450 -9.31 32.25 17.91
CA GLY B 450 -8.51 31.20 18.57
C GLY B 450 -7.00 31.34 18.45
N SER B 451 -6.51 32.39 17.78
CA SER B 451 -5.08 32.59 17.57
C SER B 451 -4.59 33.89 18.20
N HIS B 452 -3.33 33.95 18.58
CA HIS B 452 -2.76 35.18 19.15
C HIS B 452 -2.21 36.12 18.06
N ALA B 453 -1.98 35.56 16.87
CA ALA B 453 -1.46 36.33 15.75
C ALA B 453 -2.13 35.87 14.46
N VAL B 454 -2.46 36.83 13.61
CA VAL B 454 -3.03 36.58 12.27
C VAL B 454 -2.18 37.35 11.28
N ASN B 455 -1.66 36.68 10.25
CA ASN B 455 -0.84 37.39 9.25
C ASN B 455 -1.33 37.17 7.85
N GLY B 456 -1.17 38.22 7.04
CA GLY B 456 -1.27 38.08 5.61
C GLY B 456 0.13 37.89 5.06
N VAL B 457 0.21 37.80 3.73
CA VAL B 457 1.41 37.25 3.08
C VAL B 457 2.13 38.24 2.15
N ALA B 458 1.65 39.47 2.12
CA ALA B 458 2.35 40.58 1.47
C ALA B 458 1.77 41.86 2.04
N LYS B 459 2.52 42.97 2.00
CA LYS B 459 2.06 44.19 2.66
C LYS B 459 0.68 44.64 2.17
N ILE B 460 0.47 44.66 0.87
CA ILE B 460 -0.82 45.09 0.31
C ILE B 460 -1.98 44.23 0.83
N HIS B 461 -1.71 42.93 0.92
CA HIS B 461 -2.69 41.94 1.34
C HIS B 461 -3.00 42.04 2.84
N SER B 462 -1.95 42.06 3.65
CA SER B 462 -2.09 42.12 5.10
C SER B 462 -2.86 43.37 5.55
N ASP B 463 -2.65 44.47 4.82
CA ASP B 463 -3.42 45.72 5.07
C ASP B 463 -4.91 45.55 4.76
N ILE B 464 -5.23 44.96 3.62
CA ILE B 464 -6.62 44.68 3.26
C ILE B 464 -7.25 43.74 4.30
N VAL B 465 -6.49 42.72 4.72
CA VAL B 465 -6.97 41.76 5.71
C VAL B 465 -7.32 42.47 7.01
N LYS B 466 -6.42 43.34 7.46
CA LYS B 466 -6.53 44.00 8.75
C LYS B 466 -7.62 45.07 8.75
N THR B 467 -7.55 45.97 7.79
CA THR B 467 -8.32 47.20 7.81
C THR B 467 -9.65 47.13 7.07
N LYS B 468 -9.83 46.11 6.23
CA LYS B 468 -11.09 45.91 5.51
C LYS B 468 -11.78 44.62 5.91
N VAL B 469 -11.22 43.49 5.50
CA VAL B 469 -11.91 42.20 5.62
C VAL B 469 -12.23 41.84 7.07
N PHE B 470 -11.27 42.07 7.97
CA PHE B 470 -11.47 41.78 9.39
C PHE B 470 -11.30 43.03 10.25
N LYS B 471 -11.73 44.16 9.70
CA LYS B 471 -11.76 45.45 10.40
C LYS B 471 -12.33 45.37 11.80
N ASP B 472 -13.51 44.76 11.95
CA ASP B 472 -14.16 44.61 13.24
C ASP B 472 -13.27 43.91 14.27
N PHE B 473 -12.47 42.94 13.83
CA PHE B 473 -11.59 42.20 14.73
C PHE B 473 -10.30 42.96 15.06
N SER B 474 -9.67 43.56 14.06
CA SER B 474 -8.42 44.30 14.30
C SER B 474 -8.65 45.54 15.17
N GLU B 475 -9.81 46.19 15.02
CA GLU B 475 -10.14 47.31 15.88
C GLU B 475 -10.14 46.92 17.37
N LEU B 476 -10.64 45.72 17.67
CA LEU B 476 -10.68 45.24 19.05
C LEU B 476 -9.35 44.68 19.54
N GLU B 477 -8.54 44.16 18.62
CA GLU B 477 -7.25 43.58 18.94
C GLU B 477 -6.22 44.00 17.90
N PRO B 478 -5.78 45.28 17.92
CA PRO B 478 -4.89 45.83 16.90
C PRO B 478 -3.59 45.04 16.73
N ASP B 479 -2.94 44.71 17.84
CA ASP B 479 -1.65 44.02 17.82
C ASP B 479 -1.69 42.57 17.30
N LYS B 480 -2.88 41.98 17.20
CA LYS B 480 -3.02 40.61 16.67
C LYS B 480 -2.63 40.47 15.18
N PHE B 481 -2.92 41.50 14.38
CA PHE B 481 -2.81 41.40 12.93
C PHE B 481 -1.43 41.85 12.49
N GLN B 482 -0.80 41.06 11.65
CA GLN B 482 0.56 41.32 11.20
C GLN B 482 0.67 41.04 9.70
N ASN B 483 1.82 41.46 9.16
CA ASN B 483 2.24 41.04 7.83
C ASN B 483 3.50 40.20 7.92
N LYS B 484 3.60 39.17 7.08
CA LYS B 484 4.83 38.44 6.88
C LYS B 484 4.94 38.18 5.39
N THR B 485 5.68 39.02 4.69
CA THR B 485 5.78 38.88 3.23
C THR B 485 6.40 37.53 2.90
N ASN B 486 5.77 36.84 1.96
CA ASN B 486 6.22 35.53 1.51
C ASN B 486 7.64 35.55 0.97
N GLY B 487 8.19 34.36 0.80
CA GLY B 487 9.53 34.20 0.29
C GLY B 487 9.68 32.82 -0.30
N ILE B 488 10.82 32.60 -0.92
CA ILE B 488 11.16 31.34 -1.58
C ILE B 488 12.54 30.89 -1.13
N THR B 489 12.79 29.59 -1.08
CA THR B 489 14.13 29.14 -0.69
C THR B 489 15.15 29.28 -1.84
N PRO B 490 16.30 29.94 -1.57
CA PRO B 490 17.35 30.07 -2.58
C PRO B 490 18.16 28.79 -2.80
N ARG B 491 17.89 27.75 -2.01
CA ARG B 491 18.48 26.46 -2.32
C ARG B 491 17.78 25.88 -3.56
N ARG B 492 16.54 25.44 -3.43
CA ARG B 492 15.83 24.88 -4.61
C ARG B 492 15.73 25.89 -5.76
N TRP B 493 15.49 27.16 -5.42
CA TRP B 493 15.12 28.16 -6.45
C TRP B 493 16.28 29.01 -6.95
N LEU B 494 17.51 28.59 -6.64
CA LEU B 494 18.70 29.17 -7.27
C LEU B 494 19.83 28.13 -7.39
N LEU B 495 20.34 27.63 -6.26
CA LEU B 495 21.43 26.65 -6.32
C LEU B 495 21.07 25.43 -7.13
N LEU B 496 19.87 24.91 -6.89
CA LEU B 496 19.40 23.71 -7.57
C LEU B 496 19.01 23.97 -9.02
N CYS B 497 18.05 24.87 -9.24
CA CYS B 497 17.51 25.07 -10.58
C CYS B 497 18.43 25.82 -11.51
N ASN B 498 19.36 26.61 -10.99
CA ASN B 498 20.20 27.49 -11.83
C ASN B 498 21.66 27.51 -11.35
N PRO B 499 22.34 26.36 -11.42
CA PRO B 499 23.71 26.29 -10.90
C PRO B 499 24.69 27.24 -11.62
N GLY B 500 24.46 27.49 -12.90
CA GLY B 500 25.25 28.48 -13.64
C GLY B 500 25.21 29.86 -13.04
N LEU B 501 24.00 30.32 -12.69
CA LEU B 501 23.86 31.63 -12.05
C LEU B 501 24.41 31.63 -10.63
N ALA B 502 24.12 30.57 -9.88
CA ALA B 502 24.63 30.44 -8.52
C ALA B 502 26.16 30.50 -8.50
N GLU B 503 26.79 29.80 -9.44
CA GLU B 503 28.25 29.77 -9.62
C GLU B 503 28.81 31.16 -9.93
N LEU B 504 28.20 31.82 -10.91
CA LEU B 504 28.61 33.16 -11.33
C LEU B 504 28.53 34.15 -10.19
N ILE B 505 27.42 34.14 -9.45
CA ILE B 505 27.28 35.01 -8.28
C ILE B 505 28.35 34.67 -7.24
N ALA B 506 28.56 33.40 -6.97
CA ALA B 506 29.51 32.95 -5.96
C ALA B 506 30.92 33.41 -6.32
N GLU B 507 31.25 33.30 -7.60
CA GLU B 507 32.57 33.71 -8.07
C GLU B 507 32.84 35.19 -7.80
N LYS B 508 31.81 36.02 -7.86
CA LYS B 508 31.96 37.46 -7.66
C LYS B 508 31.87 37.92 -6.21
N ILE B 509 30.96 37.32 -5.42
CA ILE B 509 30.73 37.78 -4.03
C ILE B 509 30.82 36.71 -2.94
N GLY B 510 31.27 35.51 -3.28
CA GLY B 510 31.36 34.42 -2.32
C GLY B 510 29.99 33.75 -2.12
N GLU B 511 29.93 32.76 -1.23
CA GLU B 511 28.71 31.97 -1.07
C GLU B 511 27.87 32.27 0.17
N ASP B 512 28.22 33.33 0.89
CA ASP B 512 27.42 33.77 2.05
C ASP B 512 25.99 34.10 1.68
N TYR B 513 25.74 34.52 0.44
CA TYR B 513 24.39 34.83 -0.01
C TYR B 513 23.41 33.66 0.14
N VAL B 514 23.90 32.43 0.07
CA VAL B 514 22.99 31.29 0.15
C VAL B 514 22.21 31.30 1.48
N LYS B 515 22.91 31.57 2.57
CA LYS B 515 22.30 31.64 3.90
C LYS B 515 21.81 33.04 4.28
N ASP B 516 22.25 34.07 3.55
CA ASP B 516 21.76 35.43 3.76
C ASP B 516 21.65 36.14 2.42
N LEU B 517 20.47 36.03 1.80
CA LEU B 517 20.29 36.43 0.41
C LEU B 517 20.38 37.94 0.21
N SER B 518 20.24 38.70 1.29
CA SER B 518 20.43 40.16 1.21
C SER B 518 21.85 40.51 0.78
N GLN B 519 22.76 39.56 0.90
CA GLN B 519 24.11 39.73 0.36
C GLN B 519 24.13 39.95 -1.16
N LEU B 520 23.05 39.63 -1.86
CA LEU B 520 22.98 39.87 -3.31
C LEU B 520 23.08 41.36 -3.65
N THR B 521 22.80 42.24 -2.70
CA THR B 521 22.98 43.67 -2.91
C THR B 521 24.43 44.03 -3.30
N LYS B 522 25.40 43.21 -2.90
CA LYS B 522 26.80 43.41 -3.31
C LYS B 522 26.99 43.40 -4.83
N LEU B 523 26.11 42.70 -5.54
CA LEU B 523 26.15 42.65 -7.02
C LEU B 523 25.94 44.02 -7.65
N HIS B 524 25.38 44.95 -6.90
CA HIS B 524 25.16 46.29 -7.40
C HIS B 524 26.48 46.97 -7.79
N SER B 525 27.58 46.53 -7.17
CA SER B 525 28.93 47.01 -7.49
C SER B 525 29.37 46.71 -8.92
N PHE B 526 28.71 45.73 -9.56
CA PHE B 526 29.08 45.29 -10.89
C PHE B 526 28.23 45.91 -11.99
N LEU B 527 27.41 46.91 -11.64
CA LEU B 527 26.73 47.70 -12.64
C LEU B 527 27.85 48.45 -13.37
N GLY B 528 27.85 48.41 -14.69
CA GLY B 528 28.94 49.02 -15.45
C GLY B 528 30.10 48.06 -15.76
N ASP B 529 30.06 46.85 -15.19
CA ASP B 529 31.04 45.82 -15.51
C ASP B 529 30.52 45.05 -16.71
N ASP B 530 30.93 45.48 -17.90
CA ASP B 530 30.42 44.91 -19.15
C ASP B 530 30.81 43.46 -19.37
N VAL B 531 31.96 43.04 -18.87
CA VAL B 531 32.37 41.64 -18.96
C VAL B 531 31.42 40.79 -18.10
N PHE B 532 31.15 41.23 -16.88
CA PHE B 532 30.20 40.55 -16.02
C PHE B 532 28.81 40.47 -16.68
N LEU B 533 28.33 41.56 -17.26
CA LEU B 533 27.03 41.56 -17.93
C LEU B 533 26.98 40.53 -19.07
N ARG B 534 28.08 40.38 -19.78
CA ARG B 534 28.17 39.35 -20.80
C ARG B 534 28.13 37.94 -20.18
N GLU B 535 28.81 37.77 -19.06
CA GLU B 535 28.81 36.48 -18.35
C GLU B 535 27.39 36.14 -17.88
N LEU B 536 26.70 37.15 -17.37
CA LEU B 536 25.33 37.01 -16.93
C LEU B 536 24.40 36.61 -18.09
N ALA B 537 24.56 37.28 -19.23
CA ALA B 537 23.79 36.96 -20.42
C ALA B 537 24.08 35.52 -20.92
N LYS B 538 25.33 35.11 -20.84
CA LYS B 538 25.69 33.78 -21.28
C LYS B 538 25.01 32.69 -20.44
N VAL B 539 24.93 32.91 -19.12
CA VAL B 539 24.23 31.97 -18.23
C VAL B 539 22.77 31.79 -18.68
N LYS B 540 22.07 32.90 -18.90
CA LYS B 540 20.70 32.86 -19.39
C LYS B 540 20.61 32.12 -20.71
N GLN B 541 21.54 32.40 -21.61
CA GLN B 541 21.53 31.78 -22.91
C GLN B 541 21.67 30.25 -22.81
N GLU B 542 22.59 29.81 -21.96
CA GLU B 542 22.79 28.36 -21.77
C GLU B 542 21.52 27.71 -21.21
N ASN B 543 20.91 28.37 -20.24
CA ASN B 543 19.63 27.90 -19.70
C ASN B 543 18.56 27.79 -20.78
N LYS B 544 18.50 28.82 -21.63
CA LYS B 544 17.51 28.83 -22.72
C LYS B 544 17.77 27.71 -23.73
N LEU B 545 19.04 27.46 -24.05
CA LEU B 545 19.38 26.39 -25.00
C LEU B 545 18.95 25.04 -24.44
N LYS B 546 19.25 24.81 -23.16
CA LYS B 546 18.85 23.55 -22.51
C LYS B 546 17.33 23.37 -22.47
N PHE B 547 16.61 24.42 -22.06
CA PHE B 547 15.15 24.34 -22.05
C PHE B 547 14.56 24.20 -23.46
N SER B 548 15.19 24.84 -24.45
CA SER B 548 14.76 24.72 -25.84
C SER B 548 14.85 23.26 -26.33
N GLN B 549 15.85 22.54 -25.88
CA GLN B 549 16.01 21.13 -26.23
C GLN B 549 14.85 20.31 -25.65
N PHE B 550 14.48 20.61 -24.40
CA PHE B 550 13.29 20.04 -23.76
C PHE B 550 12.04 20.34 -24.59
N LEU B 551 11.84 21.61 -24.95
CA LEU B 551 10.68 22.03 -25.73
C LEU B 551 10.58 21.32 -27.09
N GLU B 552 11.71 21.25 -27.79
CA GLU B 552 11.75 20.58 -29.11
C GLU B 552 11.51 19.08 -28.99
N THR B 553 12.01 18.48 -27.92
CA THR B 553 11.77 17.06 -27.63
C THR B 553 10.30 16.76 -27.31
N GLU B 554 9.70 17.61 -26.48
CA GLU B 554 8.34 17.38 -25.98
C GLU B 554 7.26 17.86 -26.93
N TYR B 555 7.52 18.95 -27.67
CA TYR B 555 6.49 19.60 -28.47
C TYR B 555 6.73 19.60 -29.97
N LYS B 556 7.94 19.29 -30.42
CA LYS B 556 8.23 19.28 -31.87
C LYS B 556 7.75 20.59 -32.53
N VAL B 557 8.09 21.69 -31.88
CA VAL B 557 7.97 23.04 -32.43
C VAL B 557 9.42 23.47 -32.55
N LYS B 558 9.75 24.27 -33.54
CA LYS B 558 11.14 24.72 -33.69
C LYS B 558 11.28 26.05 -32.97
N ILE B 559 12.17 26.08 -31.98
CA ILE B 559 12.33 27.26 -31.12
C ILE B 559 13.41 28.18 -31.69
N ASN B 560 13.08 29.46 -31.81
CA ASN B 560 14.02 30.49 -32.25
C ASN B 560 14.97 30.85 -31.08
N PRO B 561 16.27 30.54 -31.22
CA PRO B 561 17.22 30.75 -30.12
C PRO B 561 17.34 32.21 -29.70
N SER B 562 17.06 33.13 -30.60
CA SER B 562 17.21 34.54 -30.27
C SER B 562 15.90 35.18 -29.80
N SER B 563 14.85 34.37 -29.63
CA SER B 563 13.57 34.91 -29.19
C SER B 563 13.59 35.20 -27.70
N MET B 564 12.84 36.21 -27.29
CA MET B 564 12.54 36.46 -25.87
C MET B 564 11.64 35.34 -25.37
N PHE B 565 12.03 34.71 -24.27
CA PHE B 565 11.18 33.71 -23.62
C PHE B 565 10.26 34.41 -22.65
N ASP B 566 8.99 34.47 -23.05
CA ASP B 566 7.90 35.20 -22.38
C ASP B 566 7.02 34.15 -21.70
N VAL B 567 7.04 34.11 -20.38
CA VAL B 567 6.53 32.95 -19.63
C VAL B 567 5.49 33.31 -18.57
N GLN B 568 4.35 32.64 -18.63
CA GLN B 568 3.33 32.71 -17.57
C GLN B 568 2.98 31.31 -17.11
N VAL B 569 3.52 30.93 -15.97
CA VAL B 569 3.27 29.62 -15.38
C VAL B 569 2.78 29.78 -13.94
N LYS B 570 1.63 29.18 -13.69
CA LYS B 570 0.89 29.30 -12.44
C LYS B 570 -0.43 28.57 -12.67
N ARG B 571 -1.19 28.32 -11.62
CA ARG B 571 -2.50 27.68 -11.81
C ARG B 571 -3.41 28.53 -12.72
N ILE B 572 -4.20 27.86 -13.54
CA ILE B 572 -5.13 28.56 -14.46
C ILE B 572 -6.32 29.12 -13.68
N HIS B 573 -6.50 30.44 -13.78
CA HIS B 573 -7.50 31.17 -13.03
C HIS B 573 -7.96 32.37 -13.83
N GLU B 574 -9.24 32.73 -13.67
CA GLU B 574 -9.70 34.00 -14.19
C GLU B 574 -8.94 35.16 -13.57
N TYR B 575 -8.69 35.12 -12.26
CA TYR B 575 -8.04 36.26 -11.58
C TYR B 575 -6.59 36.48 -11.98
N LYS B 576 -5.91 35.39 -12.37
CA LYS B 576 -4.52 35.47 -12.80
C LYS B 576 -4.39 35.91 -14.26
N ARG B 577 -5.49 35.85 -15.00
CA ARG B 577 -5.61 36.47 -16.31
C ARG B 577 -4.64 35.94 -17.37
N GLN B 578 -4.43 34.62 -17.38
CA GLN B 578 -3.88 33.99 -18.58
C GLN B 578 -4.62 34.47 -19.84
N LEU B 579 -5.93 34.71 -19.72
CA LEU B 579 -6.75 35.18 -20.84
C LEU B 579 -6.22 36.52 -21.42
N LEU B 580 -5.82 37.42 -20.54
CA LEU B 580 -5.26 38.72 -20.97
C LEU B 580 -3.97 38.52 -21.78
N ASN B 581 -3.11 37.61 -21.32
CA ASN B 581 -1.91 37.23 -22.05
C ASN B 581 -2.30 36.68 -23.43
N CYS B 582 -3.30 35.80 -23.47
CA CYS B 582 -3.75 35.24 -24.74
C CYS B 582 -4.21 36.34 -25.73
N LEU B 583 -4.91 37.36 -25.23
CA LEU B 583 -5.32 38.48 -26.08
C LEU B 583 -4.09 39.17 -26.67
N HIS B 584 -3.04 39.34 -25.86
CA HIS B 584 -1.80 39.92 -26.35
C HIS B 584 -1.12 39.04 -27.40
N VAL B 585 -1.11 37.73 -27.20
CA VAL B 585 -0.56 36.82 -28.21
C VAL B 585 -1.27 37.02 -29.57
N ILE B 586 -2.60 37.10 -29.55
CA ILE B 586 -3.37 37.23 -30.79
C ILE B 586 -3.10 38.61 -31.41
N THR B 587 -2.96 39.62 -30.56
CA THR B 587 -2.60 40.97 -31.00
C THR B 587 -1.26 40.97 -31.74
N MET B 588 -0.25 40.31 -31.16
CA MET B 588 1.04 40.19 -31.83
C MET B 588 0.92 39.48 -33.17
N TYR B 589 0.15 38.39 -33.20
CA TYR B 589 -0.07 37.62 -34.42
C TYR B 589 -0.68 38.49 -35.54
N ASN B 590 -1.74 39.22 -35.21
CA ASN B 590 -2.41 40.10 -36.17
C ASN B 590 -1.49 41.22 -36.70
N ARG B 591 -0.64 41.76 -35.82
CA ARG B 591 0.35 42.77 -36.22
C ARG B 591 1.34 42.26 -37.24
N ILE B 592 1.86 41.05 -37.02
CA ILE B 592 2.75 40.38 -37.95
C ILE B 592 2.06 40.16 -39.29
N LYS B 593 0.84 39.62 -39.26
CA LYS B 593 0.10 39.33 -40.47
C LYS B 593 -0.24 40.59 -41.29
N LYS B 594 -0.53 41.69 -40.61
CA LYS B 594 -0.88 42.95 -41.27
C LYS B 594 0.34 43.66 -41.86
N ASP B 595 1.52 43.49 -41.25
CA ASP B 595 2.75 44.11 -41.78
C ASP B 595 3.96 43.17 -41.67
N PRO B 596 4.01 42.15 -42.56
CA PRO B 596 5.04 41.12 -42.52
C PRO B 596 6.49 41.61 -42.59
N LYS B 597 6.72 42.77 -43.18
CA LYS B 597 8.09 43.29 -43.30
C LYS B 597 8.51 44.14 -42.12
N LYS B 598 7.54 44.58 -41.32
CA LYS B 598 7.82 45.41 -40.14
C LYS B 598 8.73 44.68 -39.16
N LEU B 599 9.61 45.43 -38.51
CA LEU B 599 10.49 44.90 -37.47
C LEU B 599 9.63 44.28 -36.36
N PHE B 600 9.90 43.02 -36.04
CA PHE B 600 9.22 42.33 -34.93
C PHE B 600 10.27 41.63 -34.06
N VAL B 601 10.26 41.92 -32.77
CA VAL B 601 11.17 41.27 -31.81
C VAL B 601 10.61 39.87 -31.52
N PRO B 602 11.33 38.82 -31.94
CA PRO B 602 10.77 37.47 -31.83
C PRO B 602 10.56 37.03 -30.39
N ARG B 603 9.51 36.23 -30.20
CA ARG B 603 9.18 35.72 -28.87
C ARG B 603 8.83 34.24 -28.93
N THR B 604 9.16 33.53 -27.86
CA THR B 604 8.55 32.25 -27.56
C THR B 604 7.64 32.52 -26.38
N VAL B 605 6.33 32.41 -26.57
CA VAL B 605 5.39 32.65 -25.49
C VAL B 605 5.02 31.30 -24.90
N ILE B 606 5.27 31.15 -23.60
CA ILE B 606 4.99 29.93 -22.86
C ILE B 606 3.95 30.21 -21.78
N ILE B 607 2.85 29.47 -21.83
CA ILE B 607 1.81 29.58 -20.80
C ILE B 607 1.55 28.16 -20.33
N GLY B 608 1.60 27.96 -19.01
CA GLY B 608 1.31 26.66 -18.44
C GLY B 608 0.67 26.74 -17.08
N GLY B 609 0.00 25.67 -16.71
CA GLY B 609 -0.62 25.55 -15.40
C GLY B 609 -1.75 24.56 -15.46
N LYS B 610 -2.11 24.02 -14.30
CA LYS B 610 -3.27 23.15 -14.20
C LYS B 610 -4.55 23.93 -13.90
N ALA B 611 -5.65 23.46 -14.47
CA ALA B 611 -6.97 23.92 -14.12
C ALA B 611 -7.60 22.93 -13.15
N ALA B 612 -8.25 23.43 -12.11
CA ALA B 612 -9.03 22.56 -11.25
C ALA B 612 -10.04 21.81 -12.14
N PRO B 613 -10.20 20.48 -11.94
CA PRO B 613 -11.07 19.70 -12.84
C PRO B 613 -12.50 20.21 -13.02
N GLY B 614 -13.09 20.77 -11.97
CA GLY B 614 -14.48 21.27 -12.09
C GLY B 614 -14.59 22.70 -12.53
N TYR B 615 -13.45 23.31 -12.85
CA TYR B 615 -13.41 24.72 -13.16
C TYR B 615 -13.58 24.94 -14.65
N HIS B 616 -14.83 25.12 -15.08
CA HIS B 616 -15.15 25.15 -16.50
C HIS B 616 -14.40 26.25 -17.24
N MET B 617 -14.42 27.48 -16.72
CA MET B 617 -13.82 28.60 -17.46
C MET B 617 -12.32 28.40 -17.64
N ALA B 618 -11.66 27.80 -16.65
CA ALA B 618 -10.22 27.57 -16.74
C ALA B 618 -9.92 26.56 -17.83
N LYS B 619 -10.75 25.52 -17.91
CA LYS B 619 -10.61 24.53 -18.97
C LYS B 619 -10.83 25.13 -20.36
N MET B 620 -11.79 26.06 -20.48
CA MET B 620 -12.01 26.76 -21.74
C MET B 620 -10.81 27.64 -22.10
N ILE B 621 -10.18 28.26 -21.11
CA ILE B 621 -9.01 29.11 -21.34
C ILE B 621 -7.83 28.30 -21.85
N ILE B 622 -7.61 27.12 -21.27
CA ILE B 622 -6.58 26.20 -21.79
C ILE B 622 -6.83 25.86 -23.27
N LYS B 623 -8.08 25.51 -23.61
CA LYS B 623 -8.44 25.17 -24.99
C LYS B 623 -8.23 26.38 -25.92
N LEU B 624 -8.51 27.59 -25.43
CA LEU B 624 -8.26 28.80 -26.23
C LEU B 624 -6.77 28.93 -26.53
N ILE B 625 -5.94 28.77 -25.51
CA ILE B 625 -4.49 28.90 -25.66
C ILE B 625 -3.92 27.86 -26.63
N THR B 626 -4.31 26.61 -26.47
CA THR B 626 -3.86 25.58 -27.41
C THR B 626 -4.39 25.84 -28.83
N SER B 627 -5.60 26.42 -28.94
CA SER B 627 -6.18 26.71 -30.27
C SER B 627 -5.42 27.85 -30.97
N VAL B 628 -5.13 28.91 -30.21
CA VAL B 628 -4.29 29.98 -30.71
C VAL B 628 -2.90 29.49 -31.09
N ALA B 629 -2.29 28.66 -30.24
CA ALA B 629 -0.96 28.16 -30.50
C ALA B 629 -0.91 27.40 -31.83
N ASP B 630 -1.95 26.62 -32.09
CA ASP B 630 -2.00 25.81 -33.31
C ASP B 630 -1.98 26.71 -34.57
N VAL B 631 -2.73 27.80 -34.53
CA VAL B 631 -2.80 28.73 -35.66
C VAL B 631 -1.47 29.48 -35.80
N VAL B 632 -1.00 30.05 -34.70
CA VAL B 632 0.24 30.85 -34.72
C VAL B 632 1.46 30.05 -35.15
N ASN B 633 1.65 28.87 -34.57
CA ASN B 633 2.86 28.05 -34.84
C ASN B 633 2.92 27.49 -36.27
N ASN B 634 1.77 27.38 -36.92
CA ASN B 634 1.69 26.80 -38.26
C ASN B 634 1.42 27.81 -39.38
N ASP B 635 1.41 29.10 -39.04
CA ASP B 635 1.23 30.13 -40.07
C ASP B 635 2.61 30.43 -40.66
N PRO B 636 2.79 30.15 -41.97
CA PRO B 636 4.12 30.32 -42.55
C PRO B 636 4.52 31.79 -42.66
N MET B 637 3.56 32.70 -42.66
CA MET B 637 3.83 34.14 -42.62
C MET B 637 4.39 34.61 -41.27
N VAL B 638 4.14 33.84 -40.22
CA VAL B 638 4.68 34.15 -38.89
C VAL B 638 6.05 33.51 -38.72
N GLY B 639 6.10 32.19 -38.85
CA GLY B 639 7.36 31.44 -38.76
C GLY B 639 8.07 31.70 -37.45
N SER B 640 9.38 31.96 -37.54
CA SER B 640 10.23 32.08 -36.35
C SER B 640 10.06 33.39 -35.57
N LYS B 641 9.23 34.32 -36.05
CA LYS B 641 8.91 35.51 -35.28
C LYS B 641 8.17 35.20 -33.96
N LEU B 642 7.32 34.17 -33.96
CA LEU B 642 6.43 33.94 -32.81
C LEU B 642 6.02 32.47 -32.74
N LYS B 643 6.34 31.84 -31.61
CA LYS B 643 5.89 30.48 -31.29
C LYS B 643 5.20 30.49 -29.92
N VAL B 644 4.15 29.66 -29.76
CA VAL B 644 3.36 29.64 -28.52
C VAL B 644 3.30 28.20 -28.02
N ILE B 645 3.62 27.99 -26.75
CA ILE B 645 3.63 26.64 -26.17
C ILE B 645 2.70 26.67 -24.98
N PHE B 646 1.71 25.76 -24.95
CA PHE B 646 1.06 25.46 -23.68
C PHE B 646 1.90 24.41 -22.97
N LEU B 647 2.53 24.81 -21.88
CA LEU B 647 3.48 23.96 -21.18
C LEU B 647 2.73 23.01 -20.27
N GLU B 648 2.77 21.73 -20.62
CA GLU B 648 1.92 20.72 -20.00
C GLU B 648 2.48 20.22 -18.66
N ASN B 649 1.57 19.89 -17.75
CA ASN B 649 1.91 19.26 -16.47
C ASN B 649 2.82 20.11 -15.60
N TYR B 650 2.55 21.41 -15.57
CA TYR B 650 3.33 22.33 -14.75
C TYR B 650 3.29 21.89 -13.29
N ARG B 651 4.48 21.80 -12.71
CA ARG B 651 4.70 21.24 -11.38
C ARG B 651 6.08 21.67 -10.91
N VAL B 652 6.42 21.37 -9.65
CA VAL B 652 7.65 21.94 -9.08
C VAL B 652 8.88 21.59 -9.93
N SER B 653 9.04 20.32 -10.33
CA SER B 653 10.25 19.93 -11.07
C SER B 653 10.33 20.60 -12.44
N LEU B 654 9.18 20.87 -13.06
CA LEU B 654 9.16 21.55 -14.35
C LEU B 654 9.39 23.07 -14.18
N ALA B 655 8.86 23.64 -13.08
CA ALA B 655 9.16 25.03 -12.72
C ALA B 655 10.68 25.26 -12.66
N GLU B 656 11.40 24.31 -12.06
CA GLU B 656 12.85 24.40 -11.95
C GLU B 656 13.57 24.46 -13.32
N LYS B 657 12.95 23.88 -14.34
CA LYS B 657 13.52 23.89 -15.70
C LYS B 657 13.19 25.19 -16.44
N VAL B 658 11.93 25.63 -16.38
CA VAL B 658 11.52 26.79 -17.19
C VAL B 658 11.95 28.14 -16.61
N ILE B 659 11.84 28.29 -15.29
CA ILE B 659 12.15 29.55 -14.64
C ILE B 659 13.55 30.09 -14.98
N PRO B 660 14.61 29.27 -14.83
CA PRO B 660 15.96 29.74 -15.22
C PRO B 660 16.14 30.14 -16.70
N ALA B 661 15.26 29.67 -17.59
CA ALA B 661 15.31 29.95 -19.03
C ALA B 661 14.48 31.17 -19.44
N THR B 662 13.87 31.84 -18.48
CA THR B 662 12.88 32.88 -18.78
C THR B 662 13.50 34.26 -18.88
N ASP B 663 13.06 35.03 -19.88
CA ASP B 663 13.44 36.44 -19.99
C ASP B 663 12.40 37.38 -19.40
N LEU B 664 11.13 37.12 -19.72
CA LEU B 664 10.03 37.95 -19.23
C LEU B 664 9.04 37.11 -18.44
N SER B 665 8.81 37.53 -17.20
CA SER B 665 7.91 36.87 -16.26
C SER B 665 6.58 37.62 -16.21
N GLU B 666 5.50 36.91 -16.48
CA GLU B 666 4.15 37.49 -16.52
C GLU B 666 3.46 37.36 -15.16
N GLN B 667 3.16 38.50 -14.54
CA GLN B 667 2.55 38.53 -13.22
C GLN B 667 1.42 39.57 -13.24
N ILE B 668 0.31 39.17 -13.86
CA ILE B 668 -0.68 40.12 -14.40
C ILE B 668 -2.08 39.99 -13.81
N SER B 669 -2.15 39.50 -12.59
CA SER B 669 -3.41 39.42 -11.85
C SER B 669 -4.02 40.82 -11.68
N THR B 670 -5.35 40.88 -11.64
CA THR B 670 -6.05 42.14 -11.40
C THR B 670 -5.63 42.70 -10.04
N ALA B 671 -5.35 44.00 -9.98
CA ALA B 671 -4.89 44.59 -8.71
C ALA B 671 -5.86 44.26 -7.59
N GLY B 672 -5.33 43.73 -6.48
CA GLY B 672 -6.13 43.34 -5.32
C GLY B 672 -6.50 41.88 -5.20
N THR B 673 -6.08 41.05 -6.17
CA THR B 673 -6.55 39.68 -6.24
C THR B 673 -5.51 38.64 -5.84
N GLU B 674 -4.24 38.88 -6.15
CA GLU B 674 -3.16 37.96 -5.79
C GLU B 674 -2.59 38.39 -4.45
N ALA B 675 -2.81 37.60 -3.41
CA ALA B 675 -2.38 37.93 -2.06
C ALA B 675 -0.90 38.30 -1.99
N SER B 676 -0.05 37.44 -2.55
CA SER B 676 1.38 37.73 -2.65
C SER B 676 1.92 37.34 -4.00
N GLY B 677 1.80 36.05 -4.31
CA GLY B 677 2.57 35.46 -5.39
C GLY B 677 3.89 35.01 -4.82
N THR B 678 4.41 33.90 -5.35
CA THR B 678 5.80 33.52 -5.12
C THR B 678 6.56 33.16 -6.40
N GLY B 679 5.85 32.73 -7.45
CA GLY B 679 6.45 32.54 -8.79
C GLY B 679 7.17 33.81 -9.23
N ASN B 680 6.52 34.96 -9.00
CA ASN B 680 7.14 36.26 -9.24
C ASN B 680 8.57 36.35 -8.66
N MET B 681 8.74 35.91 -7.42
CA MET B 681 10.05 35.96 -6.75
C MET B 681 11.07 35.02 -7.39
N LYS B 682 10.60 33.84 -7.79
CA LYS B 682 11.46 32.84 -8.40
C LYS B 682 12.05 33.38 -9.69
N PHE B 683 11.21 34.03 -10.51
CA PHE B 683 11.66 34.59 -11.78
C PHE B 683 12.67 35.73 -11.56
N MET B 684 12.39 36.61 -10.60
CA MET B 684 13.28 37.72 -10.24
C MET B 684 14.67 37.22 -9.87
N LEU B 685 14.71 36.18 -9.02
CA LEU B 685 15.98 35.61 -8.56
C LEU B 685 16.79 34.99 -9.70
N ASN B 686 16.11 34.55 -10.75
CA ASN B 686 16.74 33.78 -11.82
C ASN B 686 17.02 34.58 -13.10
N GLY B 687 16.91 35.89 -13.03
CA GLY B 687 17.37 36.74 -14.13
C GLY B 687 16.33 37.07 -15.19
N ALA B 688 15.05 36.97 -14.83
CA ALA B 688 13.97 37.46 -15.67
C ALA B 688 13.56 38.85 -15.23
N LEU B 689 13.11 39.64 -16.19
CA LEU B 689 12.38 40.87 -15.89
C LEU B 689 10.88 40.57 -15.77
N THR B 690 10.18 41.41 -15.02
CA THR B 690 8.79 41.17 -14.69
C THR B 690 7.88 42.20 -15.37
N ILE B 691 6.86 41.72 -16.08
CA ILE B 691 5.74 42.56 -16.50
C ILE B 691 4.58 42.22 -15.58
N GLY B 692 4.02 43.23 -14.93
CA GLY B 692 3.00 42.97 -13.95
C GLY B 692 2.22 44.17 -13.48
N THR B 693 1.15 43.87 -12.77
CA THR B 693 0.35 44.86 -12.05
C THR B 693 0.94 45.13 -10.68
N MET B 694 0.51 46.23 -10.07
CA MET B 694 0.82 46.53 -8.67
C MET B 694 -0.10 45.70 -7.78
N ASP B 695 0.23 44.42 -7.67
CA ASP B 695 -0.57 43.47 -6.91
C ASP B 695 0.37 42.56 -6.12
N GLY B 696 -0.11 42.11 -4.96
CA GLY B 696 0.64 41.22 -4.09
C GLY B 696 2.06 41.68 -3.85
N ALA B 697 2.98 40.73 -3.91
CA ALA B 697 4.38 41.04 -3.66
C ALA B 697 5.06 41.75 -4.85
N ASN B 698 4.40 41.84 -6.02
CA ASN B 698 4.92 42.64 -7.13
C ASN B 698 5.24 44.04 -6.61
N VAL B 699 4.39 44.57 -5.72
CA VAL B 699 4.59 45.92 -5.16
C VAL B 699 5.91 46.02 -4.41
N GLU B 700 6.22 45.01 -3.60
CA GLU B 700 7.45 44.99 -2.85
C GLU B 700 8.67 44.71 -3.74
N MET B 701 8.50 43.95 -4.83
CA MET B 701 9.58 43.75 -5.79
C MET B 701 9.95 45.10 -6.41
N ALA B 702 8.94 45.89 -6.76
CA ALA B 702 9.16 47.24 -7.27
C ALA B 702 9.86 48.13 -6.23
N GLU B 703 9.44 48.05 -4.97
CA GLU B 703 10.08 48.81 -3.89
C GLU B 703 11.56 48.45 -3.77
N GLU B 704 11.86 47.15 -3.77
CA GLU B 704 13.25 46.71 -3.63
C GLU B 704 14.11 47.08 -4.84
N ALA B 705 13.63 46.80 -6.05
CA ALA B 705 14.45 46.96 -7.25
C ALA B 705 14.36 48.37 -7.87
N GLY B 706 13.35 49.14 -7.47
CA GLY B 706 13.00 50.38 -8.16
C GLY B 706 11.93 50.14 -9.20
N GLU B 707 10.87 50.94 -9.15
CA GLU B 707 9.74 50.77 -10.05
C GLU B 707 10.16 50.84 -11.51
N GLU B 708 11.21 51.62 -11.80
CA GLU B 708 11.67 51.79 -13.18
C GLU B 708 12.37 50.55 -13.75
N ASN B 709 12.64 49.57 -12.88
CA ASN B 709 13.30 48.33 -13.27
C ASN B 709 12.35 47.13 -13.38
N LEU B 710 11.04 47.42 -13.27
CA LEU B 710 9.98 46.48 -13.59
C LEU B 710 9.06 47.10 -14.63
N PHE B 711 8.37 46.24 -15.39
CA PHE B 711 7.40 46.70 -16.36
C PHE B 711 6.01 46.68 -15.71
N ILE B 712 5.74 47.70 -14.90
CA ILE B 712 4.49 47.81 -14.18
C ILE B 712 3.48 48.48 -15.11
N PHE B 713 2.24 47.99 -15.09
CA PHE B 713 1.16 48.57 -15.89
C PHE B 713 -0.19 48.40 -15.20
N GLY B 714 -1.18 49.12 -15.73
CA GLY B 714 -2.58 48.86 -15.46
C GLY B 714 -3.15 49.51 -14.22
N MET B 715 -4.40 49.17 -13.95
CA MET B 715 -5.13 49.69 -12.80
C MET B 715 -4.43 49.31 -11.51
N ARG B 716 -4.39 50.27 -10.60
CA ARG B 716 -3.96 50.02 -9.23
C ARG B 716 -5.22 49.66 -8.46
N ILE B 717 -5.06 49.21 -7.22
CA ILE B 717 -6.19 48.76 -6.41
C ILE B 717 -7.29 49.83 -6.30
N ASP B 718 -6.91 51.10 -6.18
CA ASP B 718 -7.89 52.19 -6.09
C ASP B 718 -8.62 52.42 -7.41
N ASP B 719 -7.92 52.23 -8.52
CA ASP B 719 -8.52 52.34 -9.87
C ASP B 719 -9.56 51.28 -10.11
N VAL B 720 -9.29 50.06 -9.61
CA VAL B 720 -10.24 48.97 -9.68
C VAL B 720 -11.51 49.30 -8.88
N ALA B 721 -11.33 49.82 -7.67
CA ALA B 721 -12.47 50.17 -6.82
C ALA B 721 -13.32 51.26 -7.47
N ALA B 722 -12.68 52.24 -8.09
CA ALA B 722 -13.36 53.32 -8.80
C ALA B 722 -14.19 52.78 -9.97
N LEU B 723 -13.68 51.77 -10.66
CA LEU B 723 -14.39 51.16 -11.79
C LEU B 723 -15.58 50.34 -11.29
N ASP B 724 -15.41 49.67 -10.16
CA ASP B 724 -16.49 48.95 -9.49
C ASP B 724 -17.62 49.92 -9.10
N LYS B 725 -17.24 51.07 -8.54
CA LYS B 725 -18.20 52.10 -8.15
C LYS B 725 -18.98 52.55 -9.38
N LYS B 726 -18.24 52.96 -10.41
CA LYS B 726 -18.83 53.46 -11.65
C LYS B 726 -19.61 52.37 -12.40
N GLY B 727 -19.17 51.13 -12.27
CA GLY B 727 -19.74 50.01 -13.01
C GLY B 727 -18.89 49.69 -14.23
N TYR B 728 -18.53 48.42 -14.37
CA TYR B 728 -17.64 47.98 -15.44
C TYR B 728 -18.45 47.55 -16.66
N GLU B 729 -18.24 48.24 -17.78
CA GLU B 729 -18.90 47.91 -19.03
C GLU B 729 -17.88 47.54 -20.09
N ALA B 730 -17.62 46.23 -20.20
CA ALA B 730 -16.58 45.71 -21.09
C ALA B 730 -16.75 46.12 -22.54
N LYS B 731 -18.01 46.20 -22.99
CA LYS B 731 -18.32 46.61 -24.36
C LYS B 731 -17.63 47.92 -24.78
N GLU B 732 -17.51 48.86 -23.86
CA GLU B 732 -16.91 50.16 -24.18
C GLU B 732 -15.48 50.06 -24.68
N TYR B 733 -14.71 49.14 -24.08
CA TYR B 733 -13.32 48.94 -24.49
C TYR B 733 -13.26 48.26 -25.86
N TYR B 734 -14.10 47.26 -26.05
CA TYR B 734 -14.20 46.55 -27.32
C TYR B 734 -14.55 47.49 -28.49
N GLU B 735 -15.47 48.41 -28.24
CA GLU B 735 -15.85 49.43 -29.23
C GLU B 735 -14.74 50.44 -29.50
N ALA B 736 -14.00 50.81 -28.46
CA ALA B 736 -13.03 51.91 -28.54
C ALA B 736 -11.64 51.48 -29.03
N LEU B 737 -11.34 50.19 -28.95
CA LEU B 737 -10.01 49.67 -29.25
C LEU B 737 -10.08 48.69 -30.44
N PRO B 738 -9.76 49.19 -31.65
CA PRO B 738 -9.82 48.38 -32.88
C PRO B 738 -9.06 47.06 -32.81
N GLU B 739 -7.88 47.06 -32.21
CA GLU B 739 -7.08 45.83 -32.11
C GLU B 739 -7.73 44.79 -31.20
N LEU B 740 -8.34 45.24 -30.11
CA LEU B 740 -9.14 44.39 -29.24
C LEU B 740 -10.35 43.82 -29.98
N LYS B 741 -11.06 44.66 -30.72
CA LYS B 741 -12.23 44.20 -31.47
C LYS B 741 -11.89 43.05 -32.42
N LEU B 742 -10.78 43.16 -33.15
CA LEU B 742 -10.40 42.12 -34.10
C LEU B 742 -10.06 40.84 -33.36
N VAL B 743 -9.28 40.96 -32.28
CA VAL B 743 -8.95 39.80 -31.43
C VAL B 743 -10.22 39.10 -30.94
N ILE B 744 -11.14 39.86 -30.36
CA ILE B 744 -12.36 39.31 -29.81
C ILE B 744 -13.27 38.71 -30.92
N ASP B 745 -13.38 39.40 -32.04
CA ASP B 745 -14.18 38.88 -33.16
C ASP B 745 -13.63 37.57 -33.72
N GLN B 746 -12.30 37.47 -33.81
CA GLN B 746 -11.64 36.22 -34.22
C GLN B 746 -12.03 35.06 -33.30
N ILE B 747 -11.90 35.28 -31.98
CA ILE B 747 -12.25 34.26 -31.00
C ILE B 747 -13.73 33.90 -31.13
N ASP B 748 -14.56 34.92 -31.21
CA ASP B 748 -16.01 34.77 -31.21
C ASP B 748 -16.57 34.08 -32.46
N ASN B 749 -15.89 34.26 -33.59
CA ASN B 749 -16.45 33.83 -34.88
C ASN B 749 -15.79 32.63 -35.53
N GLY B 750 -14.88 31.97 -34.80
CA GLY B 750 -14.32 30.71 -35.25
C GLY B 750 -12.95 30.76 -35.90
N PHE B 751 -12.30 31.91 -35.91
CA PHE B 751 -10.97 32.01 -36.51
C PHE B 751 -10.00 31.00 -35.87
N PHE B 752 -10.14 30.76 -34.57
CA PHE B 752 -9.28 29.81 -33.86
C PHE B 752 -9.96 28.46 -33.62
N SER B 753 -11.18 28.29 -34.13
CA SER B 753 -11.90 27.03 -34.02
C SER B 753 -12.83 26.83 -35.23
N PRO B 754 -12.26 26.78 -36.44
CA PRO B 754 -13.08 26.78 -37.65
C PRO B 754 -14.09 25.63 -37.74
N LYS B 755 -13.78 24.46 -37.17
CA LYS B 755 -14.72 23.34 -37.17
C LYS B 755 -15.78 23.47 -36.08
N GLN B 756 -15.57 24.37 -35.12
CA GLN B 756 -16.54 24.62 -34.06
C GLN B 756 -16.54 26.13 -33.78
N PRO B 757 -17.14 26.90 -34.70
CA PRO B 757 -17.05 28.37 -34.66
C PRO B 757 -17.51 29.03 -33.36
N ASP B 758 -18.47 28.43 -32.65
CA ASP B 758 -19.00 29.00 -31.41
C ASP B 758 -18.37 28.40 -30.13
N LEU B 759 -17.31 27.62 -30.30
CA LEU B 759 -16.64 26.93 -29.19
C LEU B 759 -16.37 27.81 -27.99
N PHE B 760 -15.99 29.06 -28.23
CA PHE B 760 -15.54 29.95 -27.16
C PHE B 760 -16.64 30.90 -26.66
N LYS B 761 -17.89 30.54 -26.93
CA LYS B 761 -19.01 31.41 -26.56
C LYS B 761 -19.05 31.72 -25.07
N ASP B 762 -18.75 30.74 -24.21
CA ASP B 762 -18.73 30.98 -22.75
C ASP B 762 -17.68 32.02 -22.33
N ILE B 763 -16.53 32.02 -23.00
CA ILE B 763 -15.46 32.96 -22.67
C ILE B 763 -15.91 34.39 -23.07
N ILE B 764 -16.42 34.50 -24.28
CA ILE B 764 -16.95 35.77 -24.81
C ILE B 764 -18.05 36.31 -23.91
N ASN B 765 -19.04 35.47 -23.58
CA ASN B 765 -20.10 35.86 -22.65
C ASN B 765 -19.54 36.36 -21.31
N MET B 766 -18.60 35.61 -20.75
CA MET B 766 -17.94 36.01 -19.50
C MET B 766 -17.29 37.38 -19.66
N LEU B 767 -16.52 37.57 -20.74
CA LEU B 767 -15.75 38.80 -20.95
C LEU B 767 -16.65 40.03 -21.04
N PHE B 768 -17.79 39.88 -21.72
CA PHE B 768 -18.68 41.03 -21.92
C PHE B 768 -19.62 41.31 -20.75
N TYR B 769 -20.08 40.26 -20.04
CA TYR B 769 -21.16 40.43 -19.06
C TYR B 769 -20.88 39.97 -17.62
N HIS B 770 -19.83 39.18 -17.39
CA HIS B 770 -19.59 38.63 -16.06
C HIS B 770 -18.10 38.59 -15.70
N ASP B 771 -17.32 39.58 -16.16
CA ASP B 771 -15.87 39.57 -15.93
C ASP B 771 -15.51 40.33 -14.66
N ARG B 772 -15.42 39.59 -13.55
CA ARG B 772 -15.04 40.14 -12.27
C ARG B 772 -13.62 40.71 -12.23
N PHE B 773 -12.81 40.35 -13.23
CA PHE B 773 -11.37 40.67 -13.22
C PHE B 773 -10.93 41.65 -14.30
N LYS B 774 -11.89 42.18 -15.04
CA LYS B 774 -11.69 43.38 -15.85
C LYS B 774 -10.55 43.27 -16.88
N VAL B 775 -10.57 42.17 -17.63
CA VAL B 775 -9.54 41.90 -18.62
C VAL B 775 -9.43 43.06 -19.64
N PHE B 776 -10.56 43.49 -20.19
CA PHE B 776 -10.55 44.56 -21.22
C PHE B 776 -10.03 45.87 -20.64
N ALA B 777 -10.31 46.12 -19.36
CA ALA B 777 -9.92 47.38 -18.72
C ALA B 777 -8.41 47.56 -18.63
N ASP B 778 -7.64 46.46 -18.65
CA ASP B 778 -6.18 46.54 -18.60
C ASP B 778 -5.52 46.21 -19.93
N TYR B 779 -6.30 45.85 -20.93
CA TYR B 779 -5.73 45.44 -22.22
C TYR B 779 -4.84 46.53 -22.85
N GLU B 780 -5.36 47.75 -22.95
CA GLU B 780 -4.60 48.80 -23.63
C GLU B 780 -3.23 49.03 -22.97
N ALA B 781 -3.24 49.21 -21.65
CA ALA B 781 -2.04 49.47 -20.89
C ALA B 781 -1.09 48.28 -20.96
N TYR B 782 -1.65 47.08 -20.96
CA TYR B 782 -0.87 45.86 -21.05
C TYR B 782 -0.11 45.79 -22.36
N VAL B 783 -0.82 46.01 -23.48
CA VAL B 783 -0.17 45.96 -24.79
C VAL B 783 0.90 47.04 -24.95
N LYS B 784 0.62 48.25 -24.47
CA LYS B 784 1.60 49.34 -24.55
C LYS B 784 2.85 49.01 -23.73
N CYS B 785 2.64 48.39 -22.58
CA CYS B 785 3.74 47.97 -21.73
C CYS B 785 4.58 46.88 -22.41
N GLN B 786 3.91 45.91 -23.03
CA GLN B 786 4.58 44.85 -23.79
C GLN B 786 5.45 45.42 -24.93
N ASP B 787 4.96 46.48 -25.57
CA ASP B 787 5.71 47.17 -26.61
C ASP B 787 7.03 47.69 -26.04
N LYS B 788 7.01 48.19 -24.80
CA LYS B 788 8.23 48.70 -24.16
C LYS B 788 9.19 47.56 -23.85
N VAL B 789 8.65 46.39 -23.51
CA VAL B 789 9.52 45.24 -23.21
C VAL B 789 10.30 44.88 -24.45
N SER B 790 9.61 44.78 -25.58
CA SER B 790 10.24 44.42 -26.86
C SER B 790 11.34 45.42 -27.21
N GLN B 791 11.07 46.71 -26.99
CA GLN B 791 12.06 47.75 -27.23
C GLN B 791 13.31 47.55 -26.38
N LEU B 792 13.13 47.27 -25.09
CA LEU B 792 14.29 47.06 -24.21
C LEU B 792 15.05 45.80 -24.57
N TYR B 793 14.34 44.76 -25.01
CA TYR B 793 14.98 43.49 -25.40
C TYR B 793 15.95 43.65 -26.60
N MET B 794 15.71 44.65 -27.43
CA MET B 794 16.63 44.95 -28.55
C MET B 794 17.94 45.58 -28.08
N ASN B 795 18.02 45.98 -26.81
CA ASN B 795 19.23 46.59 -26.25
C ASN B 795 19.79 45.72 -25.13
N PRO B 796 20.58 44.68 -25.47
CA PRO B 796 21.12 43.74 -24.47
C PRO B 796 21.82 44.38 -23.26
N LYS B 797 22.60 45.44 -23.48
CA LYS B 797 23.23 46.12 -22.35
C LYS B 797 22.20 46.62 -21.37
N ALA B 798 21.18 47.29 -21.89
CA ALA B 798 20.16 47.92 -21.06
C ALA B 798 19.30 46.86 -20.38
N TRP B 799 18.96 45.84 -21.14
CA TRP B 799 18.18 44.71 -20.63
C TRP B 799 18.90 44.05 -19.47
N ASN B 800 20.14 43.65 -19.70
CA ASN B 800 20.93 42.95 -18.69
C ASN B 800 21.34 43.78 -17.51
N THR B 801 21.48 45.08 -17.74
CA THR B 801 21.65 46.03 -16.64
C THR B 801 20.42 46.00 -15.73
N MET B 802 19.23 46.08 -16.33
CA MET B 802 17.99 45.99 -15.57
C MET B 802 17.88 44.64 -14.86
N VAL B 803 18.22 43.55 -15.54
CA VAL B 803 18.25 42.23 -14.89
C VAL B 803 19.13 42.22 -13.65
N LEU B 804 20.34 42.77 -13.76
CA LEU B 804 21.24 42.76 -12.62
C LEU B 804 20.63 43.50 -11.44
N LYS B 805 19.98 44.63 -11.69
CA LYS B 805 19.30 45.37 -10.63
C LYS B 805 18.20 44.55 -9.96
N ASN B 806 17.50 43.74 -10.73
CA ASN B 806 16.49 42.83 -10.19
C ASN B 806 17.13 41.74 -9.31
N ILE B 807 18.13 41.04 -9.83
CA ILE B 807 18.79 39.98 -9.05
C ILE B 807 19.38 40.58 -7.77
N ALA B 808 20.08 41.71 -7.89
CA ALA B 808 20.70 42.35 -6.74
C ALA B 808 19.71 42.82 -5.68
N ALA B 809 18.45 43.03 -6.05
CA ALA B 809 17.40 43.49 -5.15
C ALA B 809 16.46 42.37 -4.68
N SER B 810 16.80 41.11 -4.98
CA SER B 810 15.88 40.00 -4.72
C SER B 810 16.06 39.40 -3.31
N GLY B 811 17.05 39.86 -2.57
CA GLY B 811 17.39 39.30 -1.27
C GLY B 811 16.27 39.26 -0.24
N LYS B 812 15.40 40.27 -0.26
CA LYS B 812 14.25 40.30 0.66
C LYS B 812 13.37 39.08 0.52
N PHE B 813 13.34 38.49 -0.67
CA PHE B 813 12.36 37.45 -0.96
C PHE B 813 12.83 36.03 -0.65
N SER B 814 13.95 35.91 0.05
CA SER B 814 14.34 34.63 0.64
C SER B 814 13.36 34.25 1.75
N SER B 815 12.88 33.01 1.72
CA SER B 815 12.07 32.51 2.82
C SER B 815 12.85 32.44 4.16
N ASP B 816 14.18 32.55 4.13
CA ASP B 816 14.95 32.64 5.38
C ASP B 816 14.61 33.96 6.09
N ARG B 817 14.45 35.03 5.32
CA ARG B 817 14.01 36.33 5.86
C ARG B 817 12.59 36.20 6.42
N THR B 818 11.70 35.61 5.65
CA THR B 818 10.33 35.36 6.12
C THR B 818 10.30 34.60 7.45
N ILE B 819 11.00 33.48 7.50
CA ILE B 819 11.00 32.63 8.69
C ILE B 819 11.58 33.33 9.92
N LYS B 820 12.66 34.09 9.73
CA LYS B 820 13.21 34.91 10.81
C LYS B 820 12.16 35.85 11.41
N GLU B 821 11.32 36.43 10.56
CA GLU B 821 10.24 37.31 11.02
C GLU B 821 9.15 36.54 11.78
N TYR B 822 8.71 35.41 11.24
CA TYR B 822 7.77 34.56 11.99
C TYR B 822 8.36 34.15 13.34
N ALA B 823 9.64 33.79 13.34
CA ALA B 823 10.31 33.29 14.55
C ALA B 823 10.36 34.37 15.63
N GLN B 824 10.71 35.59 15.23
CA GLN B 824 10.83 36.71 16.16
C GLN B 824 9.47 37.26 16.62
N ASN B 825 8.53 37.43 15.70
CA ASN B 825 7.29 38.15 16.01
C ASN B 825 6.03 37.30 16.22
N ILE B 826 6.10 36.00 15.95
CA ILE B 826 4.94 35.13 16.14
C ILE B 826 5.25 33.95 17.04
N TRP B 827 6.26 33.16 16.68
CA TRP B 827 6.57 31.93 17.41
C TRP B 827 7.42 32.12 18.67
N ASN B 828 8.16 33.23 18.75
CA ASN B 828 9.11 33.47 19.84
C ASN B 828 10.14 32.35 19.97
N VAL B 829 10.82 32.07 18.86
CA VAL B 829 11.92 31.13 18.80
C VAL B 829 13.13 31.78 18.10
N GLU B 830 14.33 31.27 18.40
CA GLU B 830 15.58 31.82 17.87
C GLU B 830 16.24 30.91 16.86
N PRO B 831 16.63 31.45 15.69
CA PRO B 831 17.50 30.67 14.81
C PRO B 831 18.74 30.18 15.55
N SER B 832 19.15 28.95 15.24
CA SER B 832 20.21 28.26 15.98
C SER B 832 21.17 27.55 15.02
#